data_6TJU
# 
_entry.id   6TJU 
# 
_audit_conform.dict_name       mmcif_pdbx.dic 
_audit_conform.dict_version    5.383 
_audit_conform.dict_location   http://mmcif.pdb.org/dictionaries/ascii/mmcif_pdbx.dic 
# 
loop_
_database_2.database_id 
_database_2.database_code 
_database_2.pdbx_database_accession 
_database_2.pdbx_DOI 
PDB   6TJU         pdb_00006tju 10.2210/pdb6tju/pdb 
WWPDB D_1292105596 ?            ?                   
# 
loop_
_pdbx_audit_revision_history.ordinal 
_pdbx_audit_revision_history.data_content_type 
_pdbx_audit_revision_history.major_revision 
_pdbx_audit_revision_history.minor_revision 
_pdbx_audit_revision_history.revision_date 
1 'Structure model' 1 0 2020-10-21 
2 'Structure model' 1 1 2024-01-24 
# 
_pdbx_audit_revision_details.ordinal             1 
_pdbx_audit_revision_details.revision_ordinal    1 
_pdbx_audit_revision_details.data_content_type   'Structure model' 
_pdbx_audit_revision_details.provider            repository 
_pdbx_audit_revision_details.type                'Initial release' 
_pdbx_audit_revision_details.description         ? 
_pdbx_audit_revision_details.details             ? 
# 
loop_
_pdbx_audit_revision_group.ordinal 
_pdbx_audit_revision_group.revision_ordinal 
_pdbx_audit_revision_group.data_content_type 
_pdbx_audit_revision_group.group 
1 2 'Structure model' 'Data collection'        
2 2 'Structure model' 'Database references'    
3 2 'Structure model' 'Refinement description' 
# 
loop_
_pdbx_audit_revision_category.ordinal 
_pdbx_audit_revision_category.revision_ordinal 
_pdbx_audit_revision_category.data_content_type 
_pdbx_audit_revision_category.category 
1 2 'Structure model' chem_comp_atom                
2 2 'Structure model' chem_comp_bond                
3 2 'Structure model' database_2                    
4 2 'Structure model' pdbx_initial_refinement_model 
# 
loop_
_pdbx_audit_revision_item.ordinal 
_pdbx_audit_revision_item.revision_ordinal 
_pdbx_audit_revision_item.data_content_type 
_pdbx_audit_revision_item.item 
1 2 'Structure model' '_database_2.pdbx_DOI'                
2 2 'Structure model' '_database_2.pdbx_database_accession' 
# 
_pdbx_database_status.status_code                     REL 
_pdbx_database_status.status_code_sf                  REL 
_pdbx_database_status.status_code_mr                  ? 
_pdbx_database_status.entry_id                        6TJU 
_pdbx_database_status.recvd_initial_deposition_date   2019-11-26 
_pdbx_database_status.SG_entry                        N 
_pdbx_database_status.deposit_site                    PDBE 
_pdbx_database_status.process_site                    PDBE 
_pdbx_database_status.status_code_cs                  ? 
_pdbx_database_status.methods_development_category    ? 
_pdbx_database_status.pdb_format_compatible           N 
_pdbx_database_status.status_code_nmr_data            ? 
# 
loop_
_audit_author.name 
_audit_author.pdbx_ordinal 
_audit_author.identifier_ORCID 
'Barski, M.'     1 0000-0002-4663-6915 
'Maertens, G.N.' 2 0000-0002-1963-8026 
# 
_citation.abstract                  ? 
_citation.abstract_id_CAS           ? 
_citation.book_id_ISBN              ? 
_citation.book_publisher            ? 
_citation.book_publisher_city       ? 
_citation.book_title                ? 
_citation.coordinate_linkage        ? 
_citation.country                   UK 
_citation.database_id_Medline       ? 
_citation.details                   ? 
_citation.id                        primary 
_citation.journal_abbrev            'Nat Commun' 
_citation.journal_id_ASTM           ? 
_citation.journal_id_CSD            ? 
_citation.journal_id_ISSN           2041-1723 
_citation.journal_full              ? 
_citation.journal_issue             ? 
_citation.journal_volume            11 
_citation.language                  ? 
_citation.page_first                5043 
_citation.page_last                 5043 
_citation.title                     
'Cryo-EM structure of the deltaretroviral intasome in complex with the PP2A regulatory subunit B56 gamma.' 
_citation.year                      2020 
_citation.database_id_CSD           ? 
_citation.pdbx_database_id_DOI      10.1038/s41467-020-18874-y 
_citation.pdbx_database_id_PubMed   33028863 
_citation.unpublished_flag          ? 
# 
loop_
_citation_author.citation_id 
_citation_author.name 
_citation_author.ordinal 
_citation_author.identifier_ORCID 
primary 'Barski, M.S.'   1 0000-0002-4663-6915 
primary 'Minnell, J.J.'  2 0000-0001-9108-7874 
primary 'Hodakova, Z.'   3 0000-0002-2599-0333 
primary 'Pye, V.E.'      4 0000-0001-9616-2992 
primary 'Nans, A.'       5 0000-0002-3791-2447 
primary 'Cherepanov, P.' 6 0000-0002-0634-538X 
primary 'Maertens, G.N.' 7 0000-0002-1963-8026 
# 
loop_
_entity.id 
_entity.type 
_entity.src_method 
_entity.pdbx_description 
_entity.formula_weight 
_entity.pdbx_number_of_molecules 
_entity.pdbx_ec 
_entity.pdbx_mutation 
_entity.pdbx_fragment 
_entity.details 
1 polymer man 'Pol protein' 7609.704 1  ? ? ? ? 
2 water   nat water         18.015   57 ? ? ? ? 
# 
_entity_poly.entity_id                      1 
_entity_poly.type                           'polypeptide(L)' 
_entity_poly.nstd_linkage                   no 
_entity_poly.nstd_monomer                   no 
_entity_poly.pdbx_seq_one_letter_code       GPEFLSNKQTHWYYFKLPGLNSRQWKGPQEALQEAAGAALIPVSASSAQWIPWRLLKRAACPRPVGGPA 
_entity_poly.pdbx_seq_one_letter_code_can   GPEFLSNKQTHWYYFKLPGLNSRQWKGPQEALQEAAGAALIPVSASSAQWIPWRLLKRAACPRPVGGPA 
_entity_poly.pdbx_strand_id                 AAA 
_entity_poly.pdbx_target_identifier         ? 
# 
_pdbx_entity_nonpoly.entity_id   2 
_pdbx_entity_nonpoly.name        water 
_pdbx_entity_nonpoly.comp_id     HOH 
# 
loop_
_entity_poly_seq.entity_id 
_entity_poly_seq.num 
_entity_poly_seq.mon_id 
_entity_poly_seq.hetero 
1 1  GLY n 
1 2  PRO n 
1 3  GLU n 
1 4  PHE n 
1 5  LEU n 
1 6  SER n 
1 7  ASN n 
1 8  LYS n 
1 9  GLN n 
1 10 THR n 
1 11 HIS n 
1 12 TRP n 
1 13 TYR n 
1 14 TYR n 
1 15 PHE n 
1 16 LYS n 
1 17 LEU n 
1 18 PRO n 
1 19 GLY n 
1 20 LEU n 
1 21 ASN n 
1 22 SER n 
1 23 ARG n 
1 24 GLN n 
1 25 TRP n 
1 26 LYS n 
1 27 GLY n 
1 28 PRO n 
1 29 GLN n 
1 30 GLU n 
1 31 ALA n 
1 32 LEU n 
1 33 GLN n 
1 34 GLU n 
1 35 ALA n 
1 36 ALA n 
1 37 GLY n 
1 38 ALA n 
1 39 ALA n 
1 40 LEU n 
1 41 ILE n 
1 42 PRO n 
1 43 VAL n 
1 44 SER n 
1 45 ALA n 
1 46 SER n 
1 47 SER n 
1 48 ALA n 
1 49 GLN n 
1 50 TRP n 
1 51 ILE n 
1 52 PRO n 
1 53 TRP n 
1 54 ARG n 
1 55 LEU n 
1 56 LEU n 
1 57 LYS n 
1 58 ARG n 
1 59 ALA n 
1 60 ALA n 
1 61 CYS n 
1 62 PRO n 
1 63 ARG n 
1 64 PRO n 
1 65 VAL n 
1 66 GLY n 
1 67 GLY n 
1 68 PRO n 
1 69 ALA n 
# 
_entity_src_gen.entity_id                          1 
_entity_src_gen.pdbx_src_id                        1 
_entity_src_gen.pdbx_alt_source_flag               sample 
_entity_src_gen.pdbx_seq_type                      'Biological sequence' 
_entity_src_gen.pdbx_beg_seq_num                   1 
_entity_src_gen.pdbx_end_seq_num                   69 
_entity_src_gen.gene_src_common_name               ? 
_entity_src_gen.gene_src_genus                     ? 
_entity_src_gen.pdbx_gene_src_gene                 pol 
_entity_src_gen.gene_src_species                   ? 
_entity_src_gen.gene_src_strain                    ? 
_entity_src_gen.gene_src_tissue                    ? 
_entity_src_gen.gene_src_tissue_fraction           ? 
_entity_src_gen.gene_src_details                   ? 
_entity_src_gen.pdbx_gene_src_fragment             ? 
_entity_src_gen.pdbx_gene_src_scientific_name      'Human T-cell leukemia virus type I' 
_entity_src_gen.pdbx_gene_src_ncbi_taxonomy_id     11908 
_entity_src_gen.pdbx_gene_src_variant              ? 
_entity_src_gen.pdbx_gene_src_cell_line            ? 
_entity_src_gen.pdbx_gene_src_atcc                 ? 
_entity_src_gen.pdbx_gene_src_organ                ? 
_entity_src_gen.pdbx_gene_src_organelle            ? 
_entity_src_gen.pdbx_gene_src_cell                 ? 
_entity_src_gen.pdbx_gene_src_cellular_location    ? 
_entity_src_gen.host_org_common_name               ? 
_entity_src_gen.pdbx_host_org_scientific_name      'Escherichia coli BL21(DE3)' 
_entity_src_gen.pdbx_host_org_ncbi_taxonomy_id     469008 
_entity_src_gen.host_org_genus                     ? 
_entity_src_gen.pdbx_host_org_gene                 ? 
_entity_src_gen.pdbx_host_org_organ                ? 
_entity_src_gen.host_org_species                   ? 
_entity_src_gen.pdbx_host_org_tissue               ? 
_entity_src_gen.pdbx_host_org_tissue_fraction      ? 
_entity_src_gen.pdbx_host_org_strain               ? 
_entity_src_gen.pdbx_host_org_variant              'Rosetta 2' 
_entity_src_gen.pdbx_host_org_cell_line            ? 
_entity_src_gen.pdbx_host_org_atcc                 ? 
_entity_src_gen.pdbx_host_org_culture_collection   ? 
_entity_src_gen.pdbx_host_org_cell                 ? 
_entity_src_gen.pdbx_host_org_organelle            ? 
_entity_src_gen.pdbx_host_org_cellular_location    ? 
_entity_src_gen.pdbx_host_org_vector_type          ? 
_entity_src_gen.pdbx_host_org_vector               ? 
_entity_src_gen.host_org_details                   ? 
_entity_src_gen.expression_system_id               ? 
_entity_src_gen.plasmid_name                       ? 
_entity_src_gen.plasmid_details                    ? 
_entity_src_gen.pdbx_description                   ? 
# 
loop_
_chem_comp.id 
_chem_comp.type 
_chem_comp.mon_nstd_flag 
_chem_comp.name 
_chem_comp.pdbx_synonyms 
_chem_comp.formula 
_chem_comp.formula_weight 
ALA 'L-peptide linking' y ALANINE         ? 'C3 H7 N O2'     89.093  
ARG 'L-peptide linking' y ARGININE        ? 'C6 H15 N4 O2 1' 175.209 
ASN 'L-peptide linking' y ASPARAGINE      ? 'C4 H8 N2 O3'    132.118 
CYS 'L-peptide linking' y CYSTEINE        ? 'C3 H7 N O2 S'   121.158 
GLN 'L-peptide linking' y GLUTAMINE       ? 'C5 H10 N2 O3'   146.144 
GLU 'L-peptide linking' y 'GLUTAMIC ACID' ? 'C5 H9 N O4'     147.129 
GLY 'peptide linking'   y GLYCINE         ? 'C2 H5 N O2'     75.067  
HIS 'L-peptide linking' y HISTIDINE       ? 'C6 H10 N3 O2 1' 156.162 
HOH non-polymer         . WATER           ? 'H2 O'           18.015  
ILE 'L-peptide linking' y ISOLEUCINE      ? 'C6 H13 N O2'    131.173 
LEU 'L-peptide linking' y LEUCINE         ? 'C6 H13 N O2'    131.173 
LYS 'L-peptide linking' y LYSINE          ? 'C6 H15 N2 O2 1' 147.195 
PHE 'L-peptide linking' y PHENYLALANINE   ? 'C9 H11 N O2'    165.189 
PRO 'L-peptide linking' y PROLINE         ? 'C5 H9 N O2'     115.130 
SER 'L-peptide linking' y SERINE          ? 'C3 H7 N O3'     105.093 
THR 'L-peptide linking' y THREONINE       ? 'C4 H9 N O3'     119.119 
TRP 'L-peptide linking' y TRYPTOPHAN      ? 'C11 H12 N2 O2'  204.225 
TYR 'L-peptide linking' y TYROSINE        ? 'C9 H11 N O3'    181.189 
VAL 'L-peptide linking' y VALINE          ? 'C5 H11 N O2'    117.146 
# 
loop_
_pdbx_poly_seq_scheme.asym_id 
_pdbx_poly_seq_scheme.entity_id 
_pdbx_poly_seq_scheme.seq_id 
_pdbx_poly_seq_scheme.mon_id 
_pdbx_poly_seq_scheme.ndb_seq_num 
_pdbx_poly_seq_scheme.pdb_seq_num 
_pdbx_poly_seq_scheme.auth_seq_num 
_pdbx_poly_seq_scheme.pdb_mon_id 
_pdbx_poly_seq_scheme.auth_mon_id 
_pdbx_poly_seq_scheme.pdb_strand_id 
_pdbx_poly_seq_scheme.pdb_ins_code 
_pdbx_poly_seq_scheme.hetero 
A 1 1  GLY 1  1  ?  ?   ?   AAA . n 
A 1 2  PRO 2  2  ?  ?   ?   AAA . n 
A 1 3  GLU 3  3  ?  ?   ?   AAA . n 
A 1 4  PHE 4  4  ?  ?   ?   AAA . n 
A 1 5  LEU 5  5  ?  ?   ?   AAA . n 
A 1 6  SER 6  6  ?  ?   ?   AAA . n 
A 1 7  ASN 7  7  ?  ?   ?   AAA . n 
A 1 8  LYS 8  8  ?  ?   ?   AAA . n 
A 1 9  GLN 9  9  ?  ?   ?   AAA . n 
A 1 10 THR 10 10 10 THR THR AAA . n 
A 1 11 HIS 11 11 11 HIS HIS AAA . n 
A 1 12 TRP 12 12 12 TRP TRP AAA . n 
A 1 13 TYR 13 13 13 TYR TYR AAA . n 
A 1 14 TYR 14 14 14 TYR TYR AAA . n 
A 1 15 PHE 15 15 15 PHE PHE AAA . n 
A 1 16 LYS 16 16 16 LYS LYS AAA . n 
A 1 17 LEU 17 17 17 LEU LEU AAA . n 
A 1 18 PRO 18 18 18 PRO PRO AAA . n 
A 1 19 GLY 19 19 19 GLY GLY AAA . n 
A 1 20 LEU 20 20 20 LEU LEU AAA . n 
A 1 21 ASN 21 21 ?  ?   ?   AAA . n 
A 1 22 SER 22 22 22 SER SER AAA . n 
A 1 23 ARG 23 23 23 ARG ARG AAA . n 
A 1 24 GLN 24 24 24 GLN GLN AAA . n 
A 1 25 TRP 25 25 25 TRP TRP AAA . n 
A 1 26 LYS 26 26 26 LYS LYS AAA . n 
A 1 27 GLY 27 27 27 GLY GLY AAA . n 
A 1 28 PRO 28 28 28 PRO PRO AAA . n 
A 1 29 GLN 29 29 29 GLN GLN AAA . n 
A 1 30 GLU 30 30 30 GLU GLU AAA . n 
A 1 31 ALA 31 31 31 ALA ALA AAA . n 
A 1 32 LEU 32 32 32 LEU LEU AAA . n 
A 1 33 GLN 33 33 33 GLN GLN AAA . n 
A 1 34 GLU 34 34 34 GLU GLU AAA . n 
A 1 35 ALA 35 35 35 ALA ALA AAA . n 
A 1 36 ALA 36 36 36 ALA ALA AAA . n 
A 1 37 GLY 37 37 37 GLY GLY AAA . n 
A 1 38 ALA 38 38 38 ALA ALA AAA . n 
A 1 39 ALA 39 39 39 ALA ALA AAA . n 
A 1 40 LEU 40 40 40 LEU LEU AAA . n 
A 1 41 ILE 41 41 41 ILE ILE AAA . n 
A 1 42 PRO 42 42 42 PRO PRO AAA . n 
A 1 43 VAL 43 43 43 VAL VAL AAA . n 
A 1 44 SER 44 44 44 SER SER AAA . n 
A 1 45 ALA 45 45 45 ALA ALA AAA . n 
A 1 46 SER 46 46 46 SER SER AAA . n 
A 1 47 SER 47 47 47 SER SER AAA . n 
A 1 48 ALA 48 48 48 ALA ALA AAA . n 
A 1 49 GLN 49 49 49 GLN GLN AAA . n 
A 1 50 TRP 50 50 50 TRP TRP AAA . n 
A 1 51 ILE 51 51 51 ILE ILE AAA . n 
A 1 52 PRO 52 52 52 PRO PRO AAA . n 
A 1 53 TRP 53 53 53 TRP TRP AAA . n 
A 1 54 ARG 54 54 54 ARG ARG AAA . n 
A 1 55 LEU 55 55 55 LEU LEU AAA . n 
A 1 56 LEU 56 56 56 LEU LEU AAA . n 
A 1 57 LYS 57 57 57 LYS LYS AAA . n 
A 1 58 ARG 58 58 58 ARG ARG AAA . n 
A 1 59 ALA 59 59 59 ALA ALA AAA . n 
A 1 60 ALA 60 60 60 ALA ALA AAA . n 
A 1 61 CYS 61 61 61 CYS CYS AAA . n 
A 1 62 PRO 62 62 62 PRO PRO AAA . n 
A 1 63 ARG 63 63 63 ARG ARG AAA . n 
A 1 64 PRO 64 64 64 PRO PRO AAA . n 
A 1 65 VAL 65 65 65 VAL VAL AAA . n 
A 1 66 GLY 66 66 ?  ?   ?   AAA . n 
A 1 67 GLY 67 67 ?  ?   ?   AAA . n 
A 1 68 PRO 68 68 ?  ?   ?   AAA . n 
A 1 69 ALA 69 69 ?  ?   ?   AAA . n 
# 
loop_
_pdbx_nonpoly_scheme.asym_id 
_pdbx_nonpoly_scheme.entity_id 
_pdbx_nonpoly_scheme.mon_id 
_pdbx_nonpoly_scheme.ndb_seq_num 
_pdbx_nonpoly_scheme.pdb_seq_num 
_pdbx_nonpoly_scheme.auth_seq_num 
_pdbx_nonpoly_scheme.pdb_mon_id 
_pdbx_nonpoly_scheme.auth_mon_id 
_pdbx_nonpoly_scheme.pdb_strand_id 
_pdbx_nonpoly_scheme.pdb_ins_code 
B 2 HOH 1  101 109 HOH HOH AAA . 
B 2 HOH 2  102 87  HOH HOH AAA . 
B 2 HOH 3  103 116 HOH HOH AAA . 
B 2 HOH 4  104 111 HOH HOH AAA . 
B 2 HOH 5  105 62  HOH HOH AAA . 
B 2 HOH 6  106 86  HOH HOH AAA . 
B 2 HOH 7  107 113 HOH HOH AAA . 
B 2 HOH 8  108 11  HOH HOH AAA . 
B 2 HOH 9  109 4   HOH HOH AAA . 
B 2 HOH 10 110 1   HOH HOH AAA . 
B 2 HOH 11 111 3   HOH HOH AAA . 
B 2 HOH 12 112 27  HOH HOH AAA . 
B 2 HOH 13 113 115 HOH HOH AAA . 
B 2 HOH 14 114 10  HOH HOH AAA . 
B 2 HOH 15 115 2   HOH HOH AAA . 
B 2 HOH 16 116 83  HOH HOH AAA . 
B 2 HOH 17 117 55  HOH HOH AAA . 
B 2 HOH 18 118 12  HOH HOH AAA . 
B 2 HOH 19 119 7   HOH HOH AAA . 
B 2 HOH 20 120 5   HOH HOH AAA . 
B 2 HOH 21 121 37  HOH HOH AAA . 
B 2 HOH 22 122 13  HOH HOH AAA . 
B 2 HOH 23 123 33  HOH HOH AAA . 
B 2 HOH 24 124 75  HOH HOH AAA . 
B 2 HOH 25 125 9   HOH HOH AAA . 
B 2 HOH 26 126 69  HOH HOH AAA . 
B 2 HOH 27 127 6   HOH HOH AAA . 
B 2 HOH 28 128 61  HOH HOH AAA . 
B 2 HOH 29 129 59  HOH HOH AAA . 
B 2 HOH 30 130 68  HOH HOH AAA . 
B 2 HOH 31 131 80  HOH HOH AAA . 
B 2 HOH 32 132 105 HOH HOH AAA . 
B 2 HOH 33 133 56  HOH HOH AAA . 
B 2 HOH 34 134 110 HOH HOH AAA . 
B 2 HOH 35 135 22  HOH HOH AAA . 
B 2 HOH 36 136 114 HOH HOH AAA . 
B 2 HOH 37 137 117 HOH HOH AAA . 
B 2 HOH 38 138 17  HOH HOH AAA . 
B 2 HOH 39 139 103 HOH HOH AAA . 
B 2 HOH 40 140 8   HOH HOH AAA . 
B 2 HOH 41 141 49  HOH HOH AAA . 
B 2 HOH 42 142 26  HOH HOH AAA . 
B 2 HOH 43 143 118 HOH HOH AAA . 
B 2 HOH 44 144 32  HOH HOH AAA . 
B 2 HOH 45 145 38  HOH HOH AAA . 
B 2 HOH 46 146 42  HOH HOH AAA . 
B 2 HOH 47 147 14  HOH HOH AAA . 
B 2 HOH 48 148 18  HOH HOH AAA . 
B 2 HOH 49 149 104 HOH HOH AAA . 
B 2 HOH 50 150 21  HOH HOH AAA . 
B 2 HOH 51 151 41  HOH HOH AAA . 
B 2 HOH 52 152 102 HOH HOH AAA . 
B 2 HOH 53 153 51  HOH HOH AAA . 
B 2 HOH 54 154 99  HOH HOH AAA . 
B 2 HOH 55 155 101 HOH HOH AAA . 
B 2 HOH 56 156 43  HOH HOH AAA . 
B 2 HOH 57 157 29  HOH HOH AAA . 
# 
loop_
_pdbx_unobs_or_zero_occ_atoms.id 
_pdbx_unobs_or_zero_occ_atoms.PDB_model_num 
_pdbx_unobs_or_zero_occ_atoms.polymer_flag 
_pdbx_unobs_or_zero_occ_atoms.occupancy_flag 
_pdbx_unobs_or_zero_occ_atoms.auth_asym_id 
_pdbx_unobs_or_zero_occ_atoms.auth_comp_id 
_pdbx_unobs_or_zero_occ_atoms.auth_seq_id 
_pdbx_unobs_or_zero_occ_atoms.PDB_ins_code 
_pdbx_unobs_or_zero_occ_atoms.auth_atom_id 
_pdbx_unobs_or_zero_occ_atoms.label_alt_id 
_pdbx_unobs_or_zero_occ_atoms.label_asym_id 
_pdbx_unobs_or_zero_occ_atoms.label_comp_id 
_pdbx_unobs_or_zero_occ_atoms.label_seq_id 
_pdbx_unobs_or_zero_occ_atoms.label_atom_id 
1  1 Y 1 AAA THR 10 ? OG1 ? A THR 10 OG1 
2  1 Y 1 AAA THR 10 ? CG2 ? A THR 10 CG2 
3  1 Y 1 AAA LEU 20 ? CG  ? A LEU 20 CG  
4  1 Y 1 AAA LEU 20 ? CD1 ? A LEU 20 CD1 
5  1 Y 1 AAA LEU 20 ? CD2 ? A LEU 20 CD2 
6  1 Y 1 AAA LYS 26 ? CG  ? A LYS 26 CG  
7  1 Y 1 AAA LYS 26 ? CD  ? A LYS 26 CD  
8  1 Y 1 AAA LYS 26 ? CE  ? A LYS 26 CE  
9  1 Y 1 AAA LYS 26 ? NZ  ? A LYS 26 NZ  
10 1 Y 1 AAA ARG 63 ? CG  ? A ARG 63 CG  
11 1 Y 1 AAA ARG 63 ? CD  ? A ARG 63 CD  
12 1 Y 1 AAA ARG 63 ? NE  ? A ARG 63 NE  
13 1 Y 1 AAA ARG 63 ? CZ  ? A ARG 63 CZ  
14 1 Y 1 AAA ARG 63 ? NH1 ? A ARG 63 NH1 
15 1 Y 1 AAA ARG 63 ? NH2 ? A ARG 63 NH2 
# 
loop_
_software.citation_id 
_software.classification 
_software.compiler_name 
_software.compiler_version 
_software.contact_author 
_software.contact_author_email 
_software.date 
_software.description 
_software.dependencies 
_software.hardware 
_software.language 
_software.location 
_software.mods 
_software.name 
_software.os 
_software.os_version 
_software.type 
_software.version 
_software.pdbx_ordinal 
? refinement       ? ? ? ? ? ? ? ? ? ? ? REFMAC ? ? ? 5.8.0258 1 
? 'model building' ? ? ? ? ? ? ? ? ? ? ? Coot   ? ? ? .        2 
? phasing          ? ? ? ? ? ? ? ? ? ? ? PHASER ? ? ? .        3 
? 'data reduction' ? ? ? ? ? ? ? ? ? ? ? xia2   ? ? ? .        4 
# 
_cell.angle_alpha                  90.000 
_cell.angle_alpha_esd              ? 
_cell.angle_beta                   90.000 
_cell.angle_beta_esd               ? 
_cell.angle_gamma                  90.000 
_cell.angle_gamma_esd              ? 
_cell.entry_id                     6TJU 
_cell.details                      ? 
_cell.formula_units_Z              ? 
_cell.length_a                     97.408 
_cell.length_a_esd                 ? 
_cell.length_b                     97.408 
_cell.length_b_esd                 ? 
_cell.length_c                     97.408 
_cell.length_c_esd                 ? 
_cell.volume                       ? 
_cell.volume_esd                   ? 
_cell.Z_PDB                        48 
_cell.reciprocal_angle_alpha       ? 
_cell.reciprocal_angle_beta        ? 
_cell.reciprocal_angle_gamma       ? 
_cell.reciprocal_angle_alpha_esd   ? 
_cell.reciprocal_angle_beta_esd    ? 
_cell.reciprocal_angle_gamma_esd   ? 
_cell.reciprocal_length_a          ? 
_cell.reciprocal_length_b          ? 
_cell.reciprocal_length_c          ? 
_cell.reciprocal_length_a_esd      ? 
_cell.reciprocal_length_b_esd      ? 
_cell.reciprocal_length_c_esd      ? 
_cell.pdbx_unique_axis             ? 
# 
_symmetry.entry_id                         6TJU 
_symmetry.cell_setting                     ? 
_symmetry.Int_Tables_number                214 
_symmetry.space_group_name_Hall            ? 
_symmetry.space_group_name_H-M             'I 41 3 2' 
_symmetry.pdbx_full_space_group_name_H-M   ? 
# 
_exptl.absorpt_coefficient_mu     ? 
_exptl.absorpt_correction_T_max   ? 
_exptl.absorpt_correction_T_min   ? 
_exptl.absorpt_correction_type    ? 
_exptl.absorpt_process_details    ? 
_exptl.entry_id                   6TJU 
_exptl.crystals_number            1 
_exptl.details                    ? 
_exptl.method                     'X-RAY DIFFRACTION' 
_exptl.method_details             ? 
# 
_exptl_crystal.colour                      ? 
_exptl_crystal.density_diffrn              ? 
_exptl_crystal.density_Matthews            2.53 
_exptl_crystal.density_method              ? 
_exptl_crystal.density_percent_sol         51.45 
_exptl_crystal.description                 rhombohedral 
_exptl_crystal.F_000                       ? 
_exptl_crystal.id                          1 
_exptl_crystal.preparation                 ? 
_exptl_crystal.size_max                    ? 
_exptl_crystal.size_mid                    ? 
_exptl_crystal.size_min                    ? 
_exptl_crystal.size_rad                    ? 
_exptl_crystal.colour_lustre               ? 
_exptl_crystal.colour_modifier             ? 
_exptl_crystal.colour_primary              ? 
_exptl_crystal.density_meas                ? 
_exptl_crystal.density_meas_esd            ? 
_exptl_crystal.density_meas_gt             ? 
_exptl_crystal.density_meas_lt             ? 
_exptl_crystal.density_meas_temp           ? 
_exptl_crystal.density_meas_temp_esd       ? 
_exptl_crystal.density_meas_temp_gt        ? 
_exptl_crystal.density_meas_temp_lt        ? 
_exptl_crystal.pdbx_crystal_image_url      ? 
_exptl_crystal.pdbx_crystal_image_format   ? 
_exptl_crystal.pdbx_mosaicity              ? 
_exptl_crystal.pdbx_mosaicity_esd          ? 
# 
_exptl_crystal_grow.apparatus       ? 
_exptl_crystal_grow.atmosphere      ? 
_exptl_crystal_grow.crystal_id      1 
_exptl_crystal_grow.details         ? 
_exptl_crystal_grow.method          'VAPOR DIFFUSION, HANGING DROP' 
_exptl_crystal_grow.method_ref      ? 
_exptl_crystal_grow.pH              7.0 
_exptl_crystal_grow.pressure        ? 
_exptl_crystal_grow.pressure_esd    ? 
_exptl_crystal_grow.seeding         ? 
_exptl_crystal_grow.seeding_ref     ? 
_exptl_crystal_grow.temp            293 
_exptl_crystal_grow.temp_details    ? 
_exptl_crystal_grow.temp_esd        ? 
_exptl_crystal_grow.time            ? 
_exptl_crystal_grow.pdbx_details    '1.2 M ammonium tartrate dibasic, 150 mM NaCl' 
_exptl_crystal_grow.pdbx_pH_range   ? 
# 
_diffrn.ambient_environment              ? 
_diffrn.ambient_temp                     100 
_diffrn.ambient_temp_details             ? 
_diffrn.ambient_temp_esd                 ? 
_diffrn.crystal_id                       1 
_diffrn.crystal_support                  ? 
_diffrn.crystal_treatment                ? 
_diffrn.details                          ? 
_diffrn.id                               1 
_diffrn.ambient_pressure                 ? 
_diffrn.ambient_pressure_esd             ? 
_diffrn.ambient_pressure_gt              ? 
_diffrn.ambient_pressure_lt              ? 
_diffrn.ambient_temp_gt                  ? 
_diffrn.ambient_temp_lt                  ? 
_diffrn.pdbx_serial_crystal_experiment   N 
# 
_diffrn_detector.details                      ? 
_diffrn_detector.detector                     PIXEL 
_diffrn_detector.diffrn_id                    1 
_diffrn_detector.type                         'DECTRIS PILATUS3 S 6M' 
_diffrn_detector.area_resol_mean              ? 
_diffrn_detector.dtime                        ? 
_diffrn_detector.pdbx_frames_total            ? 
_diffrn_detector.pdbx_collection_time_total   ? 
_diffrn_detector.pdbx_collection_date         2018-05-10 
_diffrn_detector.pdbx_frequency               ? 
# 
_diffrn_radiation.collimation                      ? 
_diffrn_radiation.diffrn_id                        1 
_diffrn_radiation.filter_edge                      ? 
_diffrn_radiation.inhomogeneity                    ? 
_diffrn_radiation.monochromator                    ? 
_diffrn_radiation.polarisn_norm                    ? 
_diffrn_radiation.polarisn_ratio                   ? 
_diffrn_radiation.probe                            ? 
_diffrn_radiation.type                             ? 
_diffrn_radiation.xray_symbol                      ? 
_diffrn_radiation.wavelength_id                    1 
_diffrn_radiation.pdbx_monochromatic_or_laue_m_l   M 
_diffrn_radiation.pdbx_wavelength_list             ? 
_diffrn_radiation.pdbx_wavelength                  ? 
_diffrn_radiation.pdbx_diffrn_protocol             'SINGLE WAVELENGTH' 
_diffrn_radiation.pdbx_analyzer                    ? 
_diffrn_radiation.pdbx_scattering_type             x-ray 
# 
_diffrn_radiation_wavelength.id           1 
_diffrn_radiation_wavelength.wavelength   0.9795 
_diffrn_radiation_wavelength.wt           1.0 
# 
_diffrn_source.current                     ? 
_diffrn_source.details                     ? 
_diffrn_source.diffrn_id                   1 
_diffrn_source.power                       ? 
_diffrn_source.size                        ? 
_diffrn_source.source                      SYNCHROTRON 
_diffrn_source.target                      ? 
_diffrn_source.type                        'DIAMOND BEAMLINE I04' 
_diffrn_source.voltage                     ? 
_diffrn_source.take-off_angle              ? 
_diffrn_source.pdbx_wavelength_list        0.9795 
_diffrn_source.pdbx_wavelength             ? 
_diffrn_source.pdbx_synchrotron_beamline   I04 
_diffrn_source.pdbx_synchrotron_site       Diamond 
# 
_reflns.B_iso_Wilson_estimate            ? 
_reflns.entry_id                         6TJU 
_reflns.data_reduction_details           ? 
_reflns.data_reduction_method            ? 
_reflns.d_resolution_high                1.80 
_reflns.d_resolution_low                 39.77 
_reflns.details                          ? 
_reflns.limit_h_max                      ? 
_reflns.limit_h_min                      ? 
_reflns.limit_k_max                      ? 
_reflns.limit_k_min                      ? 
_reflns.limit_l_max                      ? 
_reflns.limit_l_min                      ? 
_reflns.number_all                       ? 
_reflns.number_obs                       41483 
_reflns.observed_criterion               ? 
_reflns.observed_criterion_F_max         ? 
_reflns.observed_criterion_F_min         ? 
_reflns.observed_criterion_I_max         ? 
_reflns.observed_criterion_I_min         ? 
_reflns.observed_criterion_sigma_F       ? 
_reflns.observed_criterion_sigma_I       ? 
_reflns.percent_possible_obs             100 
_reflns.R_free_details                   ? 
_reflns.Rmerge_F_all                     ? 
_reflns.Rmerge_F_obs                     ? 
_reflns.Friedel_coverage                 ? 
_reflns.number_gt                        ? 
_reflns.threshold_expression             ? 
_reflns.pdbx_redundancy                  5.4 
_reflns.pdbx_Rmerge_I_obs                0.077 
_reflns.pdbx_Rmerge_I_all                ? 
_reflns.pdbx_Rsym_value                  ? 
_reflns.pdbx_netI_over_av_sigmaI         ? 
_reflns.pdbx_netI_over_sigmaI            7.4 
_reflns.pdbx_res_netI_over_av_sigmaI_2   ? 
_reflns.pdbx_res_netI_over_sigmaI_2      ? 
_reflns.pdbx_chi_squared                 0.89 
_reflns.pdbx_scaling_rejects             ? 
_reflns.pdbx_d_res_high_opt              ? 
_reflns.pdbx_d_res_low_opt               ? 
_reflns.pdbx_d_res_opt_method            ? 
_reflns.phase_calculation_details        ? 
_reflns.pdbx_Rrim_I_all                  0.095 
_reflns.pdbx_Rpim_I_all                  0.055 
_reflns.pdbx_d_opt                       ? 
_reflns.pdbx_number_measured_all         ? 
_reflns.pdbx_diffrn_id                   1 
_reflns.pdbx_ordinal                     1 
_reflns.pdbx_CC_half                     0.993 
_reflns.pdbx_CC_star                     ? 
_reflns.pdbx_R_split                     ? 
# 
_reflns_shell.d_res_high                  1.80 
_reflns_shell.d_res_low                   1.84 
_reflns_shell.meanI_over_sigI_all         ? 
_reflns_shell.meanI_over_sigI_obs         1.8 
_reflns_shell.number_measured_all         ? 
_reflns_shell.number_measured_obs         ? 
_reflns_shell.number_possible             ? 
_reflns_shell.number_unique_all           ? 
_reflns_shell.number_unique_obs           2513 
_reflns_shell.percent_possible_all        ? 
_reflns_shell.percent_possible_obs        ? 
_reflns_shell.Rmerge_F_all                ? 
_reflns_shell.Rmerge_F_obs                ? 
_reflns_shell.Rmerge_I_all                ? 
_reflns_shell.Rmerge_I_obs                0.711 
_reflns_shell.meanI_over_sigI_gt          ? 
_reflns_shell.meanI_over_uI_all           ? 
_reflns_shell.meanI_over_uI_gt            ? 
_reflns_shell.number_measured_gt          ? 
_reflns_shell.number_unique_gt            ? 
_reflns_shell.percent_possible_gt         ? 
_reflns_shell.Rmerge_F_gt                 ? 
_reflns_shell.Rmerge_I_gt                 ? 
_reflns_shell.pdbx_redundancy             ? 
_reflns_shell.pdbx_Rsym_value             ? 
_reflns_shell.pdbx_chi_squared            ? 
_reflns_shell.pdbx_netI_over_sigmaI_all   ? 
_reflns_shell.pdbx_netI_over_sigmaI_obs   ? 
_reflns_shell.pdbx_Rrim_I_all             ? 
_reflns_shell.pdbx_Rpim_I_all             0.503 
_reflns_shell.pdbx_rejects                ? 
_reflns_shell.pdbx_ordinal                1 
_reflns_shell.pdbx_diffrn_id              1 
_reflns_shell.pdbx_CC_half                0.354 
_reflns_shell.pdbx_CC_star                ? 
_reflns_shell.pdbx_R_split                ? 
# 
_refine.aniso_B[1][1]                            0.000 
_refine.aniso_B[1][2]                            0.000 
_refine.aniso_B[1][3]                            0.000 
_refine.aniso_B[2][2]                            0.000 
_refine.aniso_B[2][3]                            0.000 
_refine.aniso_B[3][3]                            0.000 
_refine.B_iso_max                                ? 
_refine.B_iso_mean                               51.440 
_refine.B_iso_min                                ? 
_refine.correlation_coeff_Fo_to_Fc               0.976 
_refine.correlation_coeff_Fo_to_Fc_free          0.952 
_refine.details                                  'Hydrogens have been added in their riding positions' 
_refine.diff_density_max                         ? 
_refine.diff_density_max_esd                     ? 
_refine.diff_density_min                         ? 
_refine.diff_density_min_esd                     ? 
_refine.diff_density_rms                         ? 
_refine.diff_density_rms_esd                     ? 
_refine.entry_id                                 6TJU 
_refine.pdbx_refine_id                           'X-RAY DIFFRACTION' 
_refine.ls_abs_structure_details                 ? 
_refine.ls_abs_structure_Flack                   ? 
_refine.ls_abs_structure_Flack_esd               ? 
_refine.ls_abs_structure_Rogers                  ? 
_refine.ls_abs_structure_Rogers_esd              ? 
_refine.ls_d_res_high                            1.80 
_refine.ls_d_res_low                             39.77 
_refine.ls_extinction_coef                       ? 
_refine.ls_extinction_coef_esd                   ? 
_refine.ls_extinction_expression                 ? 
_refine.ls_extinction_method                     ? 
_refine.ls_goodness_of_fit_all                   ? 
_refine.ls_goodness_of_fit_all_esd               ? 
_refine.ls_goodness_of_fit_obs                   ? 
_refine.ls_goodness_of_fit_obs_esd               ? 
_refine.ls_hydrogen_treatment                    ? 
_refine.ls_matrix_type                           ? 
_refine.ls_number_constraints                    ? 
_refine.ls_number_parameters                     ? 
_refine.ls_number_reflns_all                     ? 
_refine.ls_number_reflns_obs                     7615 
_refine.ls_number_reflns_R_free                  418 
_refine.ls_number_reflns_R_work                  ? 
_refine.ls_number_restraints                     ? 
_refine.ls_percent_reflns_obs                    99.987 
_refine.ls_percent_reflns_R_free                 5.489 
_refine.ls_R_factor_all                          0.181 
_refine.ls_R_factor_obs                          ? 
_refine.ls_R_factor_R_free                       0.2464 
_refine.ls_R_factor_R_free_error                 ? 
_refine.ls_R_factor_R_free_error_details         ? 
_refine.ls_R_factor_R_work                       0.1771 
_refine.ls_R_Fsqd_factor_obs                     ? 
_refine.ls_R_I_factor_obs                        ? 
_refine.ls_redundancy_reflns_all                 ? 
_refine.ls_redundancy_reflns_obs                 ? 
_refine.ls_restrained_S_all                      ? 
_refine.ls_restrained_S_obs                      ? 
_refine.ls_shift_over_esd_max                    ? 
_refine.ls_shift_over_esd_mean                   ? 
_refine.ls_structure_factor_coef                 ? 
_refine.ls_weighting_details                     ? 
_refine.ls_weighting_scheme                      ? 
_refine.ls_wR_factor_all                         ? 
_refine.ls_wR_factor_obs                         ? 
_refine.ls_wR_factor_R_free                      ? 
_refine.ls_wR_factor_R_work                      ? 
_refine.occupancy_max                            ? 
_refine.occupancy_min                            ? 
_refine.solvent_model_details                    ? 
_refine.solvent_model_param_bsol                 ? 
_refine.solvent_model_param_ksol                 ? 
_refine.pdbx_R_complete                          ? 
_refine.ls_R_factor_gt                           ? 
_refine.ls_goodness_of_fit_gt                    ? 
_refine.ls_goodness_of_fit_ref                   ? 
_refine.ls_shift_over_su_max                     ? 
_refine.ls_shift_over_su_max_lt                  ? 
_refine.ls_shift_over_su_mean                    ? 
_refine.ls_shift_over_su_mean_lt                 ? 
_refine.pdbx_ls_sigma_I                          ? 
_refine.pdbx_ls_sigma_F                          ? 
_refine.pdbx_ls_sigma_Fsqd                       ? 
_refine.pdbx_data_cutoff_high_absF               ? 
_refine.pdbx_data_cutoff_high_rms_absF           ? 
_refine.pdbx_data_cutoff_low_absF                ? 
_refine.pdbx_isotropic_thermal_model             ? 
_refine.pdbx_ls_cross_valid_method               'FREE R-VALUE' 
_refine.pdbx_method_to_determine_struct          'MOLECULAR REPLACEMENT' 
_refine.pdbx_starting_model                      5LLJ 
_refine.pdbx_stereochemistry_target_values       ? 
_refine.pdbx_R_Free_selection_details            ? 
_refine.pdbx_stereochem_target_val_spec_case     ? 
_refine.pdbx_overall_ESU_R                       0.133 
_refine.pdbx_overall_ESU_R_Free                  0.117 
_refine.pdbx_solvent_vdw_probe_radii             1.200 
_refine.pdbx_solvent_ion_probe_radii             0.800 
_refine.pdbx_solvent_shrinkage_radii             0.800 
_refine.pdbx_real_space_R                        ? 
_refine.pdbx_density_correlation                 ? 
_refine.pdbx_pd_number_of_powder_patterns        ? 
_refine.pdbx_pd_number_of_points                 ? 
_refine.pdbx_pd_meas_number_of_points            ? 
_refine.pdbx_pd_proc_ls_prof_R_factor            ? 
_refine.pdbx_pd_proc_ls_prof_wR_factor           ? 
_refine.pdbx_pd_Marquardt_correlation_coeff      ? 
_refine.pdbx_pd_Fsqrd_R_factor                   ? 
_refine.pdbx_pd_ls_matrix_band_width             ? 
_refine.pdbx_overall_phase_error                 ? 
_refine.pdbx_overall_SU_R_free_Cruickshank_DPI   ? 
_refine.pdbx_overall_SU_R_free_Blow_DPI          ? 
_refine.pdbx_overall_SU_R_Blow_DPI               ? 
_refine.pdbx_TLS_residual_ADP_flag               ? 
_refine.pdbx_diffrn_id                           1 
_refine.overall_SU_B                             12.671 
_refine.overall_SU_ML                            0.144 
_refine.overall_SU_R_Cruickshank_DPI             ? 
_refine.overall_SU_R_free                        ? 
_refine.overall_FOM_free_R_set                   ? 
_refine.overall_FOM_work_R_set                   ? 
_refine.pdbx_average_fsc_overall                 ? 
_refine.pdbx_average_fsc_work                    ? 
_refine.pdbx_average_fsc_free                    ? 
# 
_refine_hist.pdbx_refine_id                   'X-RAY DIFFRACTION' 
_refine_hist.cycle_id                         LAST 
_refine_hist.pdbx_number_atoms_protein        425 
_refine_hist.pdbx_number_atoms_nucleic_acid   0 
_refine_hist.pdbx_number_atoms_ligand         0 
_refine_hist.number_atoms_solvent             57 
_refine_hist.number_atoms_total               482 
_refine_hist.d_res_high                       1.80 
_refine_hist.d_res_low                        39.77 
# 
loop_
_refine_ls_restr.pdbx_refine_id 
_refine_ls_restr.criterion 
_refine_ls_restr.dev_ideal 
_refine_ls_restr.dev_ideal_target 
_refine_ls_restr.number 
_refine_ls_restr.rejects 
_refine_ls_restr.type 
_refine_ls_restr.weight 
_refine_ls_restr.pdbx_restraint_function 
'X-RAY DIFFRACTION' ? 0.012  0.012  441 ? r_bond_refined_d               ? ? 
'X-RAY DIFFRACTION' ? 0.015  0.017  398 ? r_bond_other_d                 ? ? 
'X-RAY DIFFRACTION' ? 1.861  1.637  604 ? r_angle_refined_deg            ? ? 
'X-RAY DIFFRACTION' ? 1.470  1.569  918 ? r_angle_other_deg              ? ? 
'X-RAY DIFFRACTION' ? 8.055  5.000  53  ? r_dihedral_angle_1_deg         ? ? 
'X-RAY DIFFRACTION' ? 35.714 20.000 20  ? r_dihedral_angle_2_deg         ? ? 
'X-RAY DIFFRACTION' ? 16.105 15.000 58  ? r_dihedral_angle_3_deg         ? ? 
'X-RAY DIFFRACTION' ? 16.200 15.000 3   ? r_dihedral_angle_4_deg         ? ? 
'X-RAY DIFFRACTION' ? 0.083  0.200  54  ? r_chiral_restr                 ? ? 
'X-RAY DIFFRACTION' ? 0.009  0.020  488 ? r_gen_planes_refined           ? ? 
'X-RAY DIFFRACTION' ? 0.001  0.020  101 ? r_gen_planes_other             ? ? 
'X-RAY DIFFRACTION' ? 0.187  0.200  61  ? r_nbd_refined                  ? ? 
'X-RAY DIFFRACTION' ? 0.206  0.200  328 ? r_symmetry_nbd_other           ? ? 
'X-RAY DIFFRACTION' ? 0.185  0.200  189 ? r_nbtor_refined                ? ? 
'X-RAY DIFFRACTION' ? 0.097  0.200  208 ? r_symmetry_nbtor_other         ? ? 
'X-RAY DIFFRACTION' ? 0.285  0.200  32  ? r_xyhbond_nbd_refined          ? ? 
'X-RAY DIFFRACTION' ? 0.130  0.200  2   ? r_symmetry_xyhbond_nbd_other   ? ? 
'X-RAY DIFFRACTION' ? 0.330  0.200  8   ? r_symmetry_nbd_refined         ? ? 
'X-RAY DIFFRACTION' ? 0.243  0.200  29  ? r_nbd_other                    ? ? 
'X-RAY DIFFRACTION' ? 0.544  0.200  21  ? r_symmetry_xyhbond_nbd_refined ? ? 
'X-RAY DIFFRACTION' ? 0.057  0.200  1   ? r_xyhbond_nbd_other            ? ? 
'X-RAY DIFFRACTION' ? 8.039  5.282  218 ? r_mcbond_it                    ? ? 
'X-RAY DIFFRACTION' ? 7.961  5.275  217 ? r_mcbond_other                 ? ? 
'X-RAY DIFFRACTION' ? 9.270  7.853  268 ? r_mcangle_it                   ? ? 
'X-RAY DIFFRACTION' ? 9.292  7.858  269 ? r_mcangle_other                ? ? 
'X-RAY DIFFRACTION' ? 8.062  5.547  223 ? r_scbond_it                    ? ? 
'X-RAY DIFFRACTION' ? 8.046  5.553  224 ? r_scbond_other                 ? ? 
'X-RAY DIFFRACTION' ? 9.367  8.179  335 ? r_scangle_it                   ? ? 
'X-RAY DIFFRACTION' ? 9.354  8.186  336 ? r_scangle_other                ? ? 
'X-RAY DIFFRACTION' ? 10.227 58.308 478 ? r_lrange_it                    ? ? 
'X-RAY DIFFRACTION' ? 9.957  57.139 465 ? r_lrange_other                 ? ? 
'X-RAY DIFFRACTION' ? 4.704  3.000  837 ? r_rigid_bond_restr             ? ? 
# 
loop_
_refine_ls_shell.pdbx_refine_id 
_refine_ls_shell.d_res_high 
_refine_ls_shell.d_res_low 
_refine_ls_shell.number_reflns_all 
_refine_ls_shell.number_reflns_obs 
_refine_ls_shell.number_reflns_R_free 
_refine_ls_shell.number_reflns_R_work 
_refine_ls_shell.percent_reflns_obs 
_refine_ls_shell.percent_reflns_R_free 
_refine_ls_shell.R_factor_all 
_refine_ls_shell.R_factor_obs 
_refine_ls_shell.R_factor_R_free 
_refine_ls_shell.R_factor_R_free_error 
_refine_ls_shell.R_factor_R_work 
_refine_ls_shell.redundancy_reflns_all 
_refine_ls_shell.redundancy_reflns_obs 
_refine_ls_shell.wR_factor_all 
_refine_ls_shell.wR_factor_obs 
_refine_ls_shell.wR_factor_R_free 
_refine_ls_shell.wR_factor_R_work 
_refine_ls_shell.pdbx_R_complete 
_refine_ls_shell.pdbx_total_number_of_bins_used 
_refine_ls_shell.pdbx_phase_error 
_refine_ls_shell.pdbx_fsc_work 
_refine_ls_shell.pdbx_fsc_free 
'X-RAY DIFFRACTION' 1.801 1.847 . . 30 518 100.0000 . . . 0.370 . 0.389 . . . . . . . . . . . 
'X-RAY DIFFRACTION' 1.847 1.898 . . 32 505 100.0000 . . . 0.369 . 0.351 . . . . . . . . . . . 
'X-RAY DIFFRACTION' 1.898 1.953 . . 24 487 100.0000 . . . 0.400 . 0.352 . . . . . . . . . . . 
'X-RAY DIFFRACTION' 1.953 2.013 . . 22 491 100.0000 . . . 0.358 . 0.315 . . . . . . . . . . . 
'X-RAY DIFFRACTION' 2.013 2.079 . . 32 457 100.0000 . . . 0.312 . 0.285 . . . . . . . . . . . 
'X-RAY DIFFRACTION' 2.079 2.152 . . 34 450 100.0000 . . . 0.248 . 0.257 . . . . . . . . . . . 
'X-RAY DIFFRACTION' 2.152 2.233 . . 20 430 100.0000 . . . 0.386 . 0.286 . . . . . . . . . . . 
'X-RAY DIFFRACTION' 2.233 2.324 . . 31 415 100.0000 . . . 0.328 . 0.233 . . . . . . . . . . . 
'X-RAY DIFFRACTION' 2.324 2.427 . . 24 397 100.0000 . . . 0.223 . 0.197 . . . . . . . . . . . 
'X-RAY DIFFRACTION' 2.427 2.546 . . 17 401 100.0000 . . . 0.313 . 0.194 . . . . . . . . . . . 
'X-RAY DIFFRACTION' 2.546 2.683 . . 23 366 100.0000 . . . 0.396 . 0.200 . . . . . . . . . . . 
'X-RAY DIFFRACTION' 2.683 2.846 . . 18 358 100.0000 . . . 0.230 . 0.187 . . . . . . . . . . . 
'X-RAY DIFFRACTION' 2.846 3.042 . . 20 338 100.0000 . . . 0.333 . 0.163 . . . . . . . . . . . 
'X-RAY DIFFRACTION' 3.042 3.285 . . 17 308 100.0000 . . . 0.219 . 0.150 . . . . . . . . . . . 
'X-RAY DIFFRACTION' 3.285 3.598 . . 19 291 100.0000 . . . 0.169 . 0.135 . . . . . . . . . . . 
'X-RAY DIFFRACTION' 3.598 4.021 . . 15 261 100.0000 . . . 0.250 . 0.123 . . . . . . . . . . . 
'X-RAY DIFFRACTION' 4.021 4.640 . . 12 241 100.0000 . . . 0.185 . 0.110 . . . . . . . . . . . 
'X-RAY DIFFRACTION' 4.640 5.677 . . 14 203 100.0000 . . . 0.187 . 0.118 . . . . . . . . . . . 
'X-RAY DIFFRACTION' 5.677 8.001 . . 9  169 100.0000 . . . 0.159 . 0.161 . . . . . . . . . . . 
'X-RAY DIFFRACTION' 8.001 39.77 . . 5  111 100.0000 . . . 0.222 . 0.229 . . . . . . . . . . . 
# 
_struct.entry_id                     6TJU 
_struct.title                        'X-ray structure of C-terminal domain of human T-cell lymphotropic virus type 1 (HTLV-1)' 
_struct.pdbx_model_details           ? 
_struct.pdbx_formula_weight          ? 
_struct.pdbx_formula_weight_method   ? 
_struct.pdbx_model_type_details      ? 
_struct.pdbx_CASP_flag               N 
# 
_struct_keywords.entry_id        6TJU 
_struct_keywords.text            'HTLV-1, integrase, transferase, deltaretrovirus, DNA-binding' 
_struct_keywords.pdbx_keywords   TRANSFERASE 
# 
loop_
_struct_asym.id 
_struct_asym.pdbx_blank_PDB_chainid_flag 
_struct_asym.pdbx_modified 
_struct_asym.entity_id 
_struct_asym.details 
A N N 1 ? 
B N N 2 ? 
# 
_struct_ref.id                         1 
_struct_ref.db_name                    UNP 
_struct_ref.db_code                    A0A1Y1CAU9_9DELA 
_struct_ref.pdbx_db_accession          A0A1Y1CAU9 
_struct_ref.pdbx_db_isoform            ? 
_struct_ref.entity_id                  1 
_struct_ref.pdbx_seq_one_letter_code   LSNKQTHWYYFKLPGLNSRQWKGPQEALQEAAGAALIPVSASSAQWIPWRLLKRAACPRPVGGPA 
_struct_ref.pdbx_align_begin           788 
# 
_struct_ref_seq.align_id                      1 
_struct_ref_seq.ref_id                        1 
_struct_ref_seq.pdbx_PDB_id_code              6TJU 
_struct_ref_seq.pdbx_strand_id                AAA 
_struct_ref_seq.seq_align_beg                 5 
_struct_ref_seq.pdbx_seq_align_beg_ins_code   ? 
_struct_ref_seq.seq_align_end                 69 
_struct_ref_seq.pdbx_seq_align_end_ins_code   ? 
_struct_ref_seq.pdbx_db_accession             A0A1Y1CAU9 
_struct_ref_seq.db_align_beg                  788 
_struct_ref_seq.pdbx_db_align_beg_ins_code    ? 
_struct_ref_seq.db_align_end                  852 
_struct_ref_seq.pdbx_db_align_end_ins_code    ? 
_struct_ref_seq.pdbx_auth_seq_align_beg       5 
_struct_ref_seq.pdbx_auth_seq_align_end       69 
# 
loop_
_struct_ref_seq_dif.align_id 
_struct_ref_seq_dif.pdbx_pdb_id_code 
_struct_ref_seq_dif.mon_id 
_struct_ref_seq_dif.pdbx_pdb_strand_id 
_struct_ref_seq_dif.seq_num 
_struct_ref_seq_dif.pdbx_pdb_ins_code 
_struct_ref_seq_dif.pdbx_seq_db_name 
_struct_ref_seq_dif.pdbx_seq_db_accession_code 
_struct_ref_seq_dif.db_mon_id 
_struct_ref_seq_dif.pdbx_seq_db_seq_num 
_struct_ref_seq_dif.details 
_struct_ref_seq_dif.pdbx_auth_seq_num 
_struct_ref_seq_dif.pdbx_ordinal 
1 6TJU GLY AAA 1 ? UNP A0A1Y1CAU9 ? ? 'expression tag' 1 1 
1 6TJU PRO AAA 2 ? UNP A0A1Y1CAU9 ? ? 'expression tag' 2 2 
1 6TJU GLU AAA 3 ? UNP A0A1Y1CAU9 ? ? 'expression tag' 3 3 
1 6TJU PHE AAA 4 ? UNP A0A1Y1CAU9 ? ? 'expression tag' 4 4 
# 
_pdbx_struct_assembly.id                   1 
_pdbx_struct_assembly.details              author_and_software_defined_assembly 
_pdbx_struct_assembly.method_details       PISA 
_pdbx_struct_assembly.oligomeric_details   monomeric 
_pdbx_struct_assembly.oligomeric_count     1 
# 
loop_
_pdbx_struct_assembly_prop.biol_id 
_pdbx_struct_assembly_prop.type 
_pdbx_struct_assembly_prop.value 
_pdbx_struct_assembly_prop.details 
1 'ABSA (A^2)' 0    ? 
1 MORE         0    ? 
1 'SSA (A^2)'  4060 ? 
# 
_pdbx_struct_assembly_gen.assembly_id       1 
_pdbx_struct_assembly_gen.oper_expression   1 
_pdbx_struct_assembly_gen.asym_id_list      A,B 
# 
_pdbx_struct_assembly_auth_evidence.id                     1 
_pdbx_struct_assembly_auth_evidence.assembly_id            1 
_pdbx_struct_assembly_auth_evidence.experimental_support   'gel filtration' 
_pdbx_struct_assembly_auth_evidence.details                ? 
# 
_pdbx_struct_oper_list.id                   1 
_pdbx_struct_oper_list.type                 'identity operation' 
_pdbx_struct_oper_list.name                 1_555 
_pdbx_struct_oper_list.symmetry_operation   x,y,z 
_pdbx_struct_oper_list.matrix[1][1]         1.0000000000 
_pdbx_struct_oper_list.matrix[1][2]         0.0000000000 
_pdbx_struct_oper_list.matrix[1][3]         0.0000000000 
_pdbx_struct_oper_list.vector[1]            0.0000000000 
_pdbx_struct_oper_list.matrix[2][1]         0.0000000000 
_pdbx_struct_oper_list.matrix[2][2]         1.0000000000 
_pdbx_struct_oper_list.matrix[2][3]         0.0000000000 
_pdbx_struct_oper_list.vector[2]            0.0000000000 
_pdbx_struct_oper_list.matrix[3][1]         0.0000000000 
_pdbx_struct_oper_list.matrix[3][2]         0.0000000000 
_pdbx_struct_oper_list.matrix[3][3]         1.0000000000 
_pdbx_struct_oper_list.vector[3]            0.0000000000 
# 
_struct_mon_prot_cis.pdbx_id                1 
_struct_mon_prot_cis.label_comp_id          GLY 
_struct_mon_prot_cis.label_seq_id           27 
_struct_mon_prot_cis.label_asym_id          A 
_struct_mon_prot_cis.label_alt_id           . 
_struct_mon_prot_cis.pdbx_PDB_ins_code      ? 
_struct_mon_prot_cis.auth_comp_id           GLY 
_struct_mon_prot_cis.auth_seq_id            27 
_struct_mon_prot_cis.auth_asym_id           AAA 
_struct_mon_prot_cis.pdbx_label_comp_id_2   PRO 
_struct_mon_prot_cis.pdbx_label_seq_id_2    28 
_struct_mon_prot_cis.pdbx_label_asym_id_2   A 
_struct_mon_prot_cis.pdbx_PDB_ins_code_2    ? 
_struct_mon_prot_cis.pdbx_auth_comp_id_2    PRO 
_struct_mon_prot_cis.pdbx_auth_seq_id_2     28 
_struct_mon_prot_cis.pdbx_auth_asym_id_2    AAA 
_struct_mon_prot_cis.pdbx_PDB_model_num     1 
_struct_mon_prot_cis.pdbx_omega_angle       0.10 
# 
loop_
_struct_sheet.id 
_struct_sheet.type 
_struct_sheet.number_strands 
_struct_sheet.details 
AA1 ? 3 ? 
AA2 ? 3 ? 
# 
loop_
_struct_sheet_order.sheet_id 
_struct_sheet_order.range_id_1 
_struct_sheet_order.range_id_2 
_struct_sheet_order.offset 
_struct_sheet_order.sense 
AA1 1 2 ? anti-parallel 
AA1 2 3 ? anti-parallel 
AA2 1 2 ? anti-parallel 
AA2 2 3 ? anti-parallel 
# 
loop_
_struct_sheet_range.sheet_id 
_struct_sheet_range.id 
_struct_sheet_range.beg_label_comp_id 
_struct_sheet_range.beg_label_asym_id 
_struct_sheet_range.beg_label_seq_id 
_struct_sheet_range.pdbx_beg_PDB_ins_code 
_struct_sheet_range.end_label_comp_id 
_struct_sheet_range.end_label_asym_id 
_struct_sheet_range.end_label_seq_id 
_struct_sheet_range.pdbx_end_PDB_ins_code 
_struct_sheet_range.beg_auth_comp_id 
_struct_sheet_range.beg_auth_asym_id 
_struct_sheet_range.beg_auth_seq_id 
_struct_sheet_range.end_auth_comp_id 
_struct_sheet_range.end_auth_asym_id 
_struct_sheet_range.end_auth_seq_id 
AA1 1 LYS A 26 ? GLU A 30 ? LYS AAA 26 GLU AAA 30 
AA1 2 TRP A 12 ? PHE A 15 ? TRP AAA 12 PHE AAA 15 
AA1 3 LEU A 56 ? ALA A 59 ? LEU AAA 56 ALA AAA 59 
AA2 1 GLN A 33 ? ALA A 35 ? GLN AAA 33 ALA AAA 35 
AA2 2 ALA A 38 ? PRO A 42 ? ALA AAA 38 PRO AAA 42 
AA2 3 ALA A 48 ? PRO A 52 ? ALA AAA 48 PRO AAA 52 
# 
loop_
_pdbx_struct_sheet_hbond.sheet_id 
_pdbx_struct_sheet_hbond.range_id_1 
_pdbx_struct_sheet_hbond.range_id_2 
_pdbx_struct_sheet_hbond.range_1_label_atom_id 
_pdbx_struct_sheet_hbond.range_1_label_comp_id 
_pdbx_struct_sheet_hbond.range_1_label_asym_id 
_pdbx_struct_sheet_hbond.range_1_label_seq_id 
_pdbx_struct_sheet_hbond.range_1_PDB_ins_code 
_pdbx_struct_sheet_hbond.range_1_auth_atom_id 
_pdbx_struct_sheet_hbond.range_1_auth_comp_id 
_pdbx_struct_sheet_hbond.range_1_auth_asym_id 
_pdbx_struct_sheet_hbond.range_1_auth_seq_id 
_pdbx_struct_sheet_hbond.range_2_label_atom_id 
_pdbx_struct_sheet_hbond.range_2_label_comp_id 
_pdbx_struct_sheet_hbond.range_2_label_asym_id 
_pdbx_struct_sheet_hbond.range_2_label_seq_id 
_pdbx_struct_sheet_hbond.range_2_PDB_ins_code 
_pdbx_struct_sheet_hbond.range_2_auth_atom_id 
_pdbx_struct_sheet_hbond.range_2_auth_comp_id 
_pdbx_struct_sheet_hbond.range_2_auth_asym_id 
_pdbx_struct_sheet_hbond.range_2_auth_seq_id 
AA1 1 2 O GLN A 29 ? O GLN AAA 29 N TYR A 13 ? N TYR AAA 13 
AA1 2 3 N TYR A 14 ? N TYR AAA 14 O LYS A 57 ? O LYS AAA 57 
AA2 1 2 N GLN A 33 ? N GLN AAA 33 O LEU A 40 ? O LEU AAA 40 
AA2 2 3 N ALA A 39 ? N ALA AAA 39 O ILE A 51 ? O ILE AAA 51 
# 
loop_
_pdbx_validate_close_contact.id 
_pdbx_validate_close_contact.PDB_model_num 
_pdbx_validate_close_contact.auth_atom_id_1 
_pdbx_validate_close_contact.auth_asym_id_1 
_pdbx_validate_close_contact.auth_comp_id_1 
_pdbx_validate_close_contact.auth_seq_id_1 
_pdbx_validate_close_contact.PDB_ins_code_1 
_pdbx_validate_close_contact.label_alt_id_1 
_pdbx_validate_close_contact.auth_atom_id_2 
_pdbx_validate_close_contact.auth_asym_id_2 
_pdbx_validate_close_contact.auth_comp_id_2 
_pdbx_validate_close_contact.auth_seq_id_2 
_pdbx_validate_close_contact.PDB_ins_code_2 
_pdbx_validate_close_contact.label_alt_id_2 
_pdbx_validate_close_contact.dist 
1 1 HE22 AAA GLN 24 ? ? O AAA HOH 101 ? ? 1.43 
2 1 HH21 AAA ARG 23 ? ? O AAA HOH 102 ? ? 1.46 
3 1 O    AAA LEU 20 ? ? H AAA SER 22  ? ? 1.54 
4 1 O    AAA LEU 20 ? ? N AAA SER 22  ? ? 2.14 
# 
loop_
_pdbx_validate_symm_contact.id 
_pdbx_validate_symm_contact.PDB_model_num 
_pdbx_validate_symm_contact.auth_atom_id_1 
_pdbx_validate_symm_contact.auth_asym_id_1 
_pdbx_validate_symm_contact.auth_comp_id_1 
_pdbx_validate_symm_contact.auth_seq_id_1 
_pdbx_validate_symm_contact.PDB_ins_code_1 
_pdbx_validate_symm_contact.label_alt_id_1 
_pdbx_validate_symm_contact.site_symmetry_1 
_pdbx_validate_symm_contact.auth_atom_id_2 
_pdbx_validate_symm_contact.auth_asym_id_2 
_pdbx_validate_symm_contact.auth_comp_id_2 
_pdbx_validate_symm_contact.auth_seq_id_2 
_pdbx_validate_symm_contact.PDB_ins_code_2 
_pdbx_validate_symm_contact.label_alt_id_2 
_pdbx_validate_symm_contact.site_symmetry_2 
_pdbx_validate_symm_contact.dist 
1 1 O   AAA HOH 127 ? ? 1_555 O AAA HOH 134 ? ? 9_555  1.35 
2 1 O   AAA LEU 20  ? ? 1_555 O AAA HOH 153 ? ? 26_665 1.50 
3 1 HZ3 AAA LYS 57  ? ? 1_555 O AAA HOH 137 ? ? 9_555  1.56 
4 1 O   AAA HOH 104 ? ? 1_555 O AAA HOH 120 ? ? 5_555  1.63 
5 1 O   AAA HOH 128 ? ? 1_555 O AAA HOH 149 ? ? 5_555  2.06 
# 
loop_
_pdbx_struct_special_symmetry.id 
_pdbx_struct_special_symmetry.PDB_model_num 
_pdbx_struct_special_symmetry.auth_asym_id 
_pdbx_struct_special_symmetry.auth_comp_id 
_pdbx_struct_special_symmetry.auth_seq_id 
_pdbx_struct_special_symmetry.PDB_ins_code 
_pdbx_struct_special_symmetry.label_asym_id 
_pdbx_struct_special_symmetry.label_comp_id 
_pdbx_struct_special_symmetry.label_seq_id 
1 1 AAA HOH 109 ? B HOH . 
2 1 AAA HOH 129 ? B HOH . 
3 1 AAA HOH 141 ? B HOH . 
4 1 AAA HOH 143 ? B HOH . 
5 1 AAA HOH 147 ? B HOH . 
6 1 AAA HOH 154 ? B HOH . 
# 
loop_
_pdbx_distant_solvent_atoms.id 
_pdbx_distant_solvent_atoms.PDB_model_num 
_pdbx_distant_solvent_atoms.auth_atom_id 
_pdbx_distant_solvent_atoms.label_alt_id 
_pdbx_distant_solvent_atoms.auth_asym_id 
_pdbx_distant_solvent_atoms.auth_comp_id 
_pdbx_distant_solvent_atoms.auth_seq_id 
_pdbx_distant_solvent_atoms.PDB_ins_code 
_pdbx_distant_solvent_atoms.neighbor_macromolecule_distance 
_pdbx_distant_solvent_atoms.neighbor_ligand_distance 
1 1 O ? AAA HOH 153 ? 6.30  . 
2 1 O ? AAA HOH 154 ? 6.32  . 
3 1 O ? AAA HOH 155 ? 8.36  . 
4 1 O ? AAA HOH 156 ? 8.95  . 
5 1 O ? AAA HOH 157 ? 10.72 . 
# 
loop_
_pdbx_unobs_or_zero_occ_residues.id 
_pdbx_unobs_or_zero_occ_residues.PDB_model_num 
_pdbx_unobs_or_zero_occ_residues.polymer_flag 
_pdbx_unobs_or_zero_occ_residues.occupancy_flag 
_pdbx_unobs_or_zero_occ_residues.auth_asym_id 
_pdbx_unobs_or_zero_occ_residues.auth_comp_id 
_pdbx_unobs_or_zero_occ_residues.auth_seq_id 
_pdbx_unobs_or_zero_occ_residues.PDB_ins_code 
_pdbx_unobs_or_zero_occ_residues.label_asym_id 
_pdbx_unobs_or_zero_occ_residues.label_comp_id 
_pdbx_unobs_or_zero_occ_residues.label_seq_id 
1  1 Y 1 AAA GLY 1  ? A GLY 1  
2  1 Y 1 AAA PRO 2  ? A PRO 2  
3  1 Y 1 AAA GLU 3  ? A GLU 3  
4  1 Y 1 AAA PHE 4  ? A PHE 4  
5  1 Y 1 AAA LEU 5  ? A LEU 5  
6  1 Y 1 AAA SER 6  ? A SER 6  
7  1 Y 1 AAA ASN 7  ? A ASN 7  
8  1 Y 1 AAA LYS 8  ? A LYS 8  
9  1 Y 1 AAA GLN 9  ? A GLN 9  
10 1 Y 1 AAA ASN 21 ? A ASN 21 
11 1 Y 1 AAA GLY 66 ? A GLY 66 
12 1 Y 1 AAA GLY 67 ? A GLY 67 
13 1 Y 1 AAA PRO 68 ? A PRO 68 
14 1 Y 1 AAA ALA 69 ? A ALA 69 
# 
loop_
_chem_comp_atom.comp_id 
_chem_comp_atom.atom_id 
_chem_comp_atom.type_symbol 
_chem_comp_atom.pdbx_aromatic_flag 
_chem_comp_atom.pdbx_stereo_config 
_chem_comp_atom.pdbx_ordinal 
ALA N    N N N 1   
ALA CA   C N S 2   
ALA C    C N N 3   
ALA O    O N N 4   
ALA CB   C N N 5   
ALA OXT  O N N 6   
ALA H    H N N 7   
ALA H2   H N N 8   
ALA HA   H N N 9   
ALA HB1  H N N 10  
ALA HB2  H N N 11  
ALA HB3  H N N 12  
ALA HXT  H N N 13  
ARG N    N N N 14  
ARG CA   C N S 15  
ARG C    C N N 16  
ARG O    O N N 17  
ARG CB   C N N 18  
ARG CG   C N N 19  
ARG CD   C N N 20  
ARG NE   N N N 21  
ARG CZ   C N N 22  
ARG NH1  N N N 23  
ARG NH2  N N N 24  
ARG OXT  O N N 25  
ARG H    H N N 26  
ARG H2   H N N 27  
ARG HA   H N N 28  
ARG HB2  H N N 29  
ARG HB3  H N N 30  
ARG HG2  H N N 31  
ARG HG3  H N N 32  
ARG HD2  H N N 33  
ARG HD3  H N N 34  
ARG HE   H N N 35  
ARG HH11 H N N 36  
ARG HH12 H N N 37  
ARG HH21 H N N 38  
ARG HH22 H N N 39  
ARG HXT  H N N 40  
ASN N    N N N 41  
ASN CA   C N S 42  
ASN C    C N N 43  
ASN O    O N N 44  
ASN CB   C N N 45  
ASN CG   C N N 46  
ASN OD1  O N N 47  
ASN ND2  N N N 48  
ASN OXT  O N N 49  
ASN H    H N N 50  
ASN H2   H N N 51  
ASN HA   H N N 52  
ASN HB2  H N N 53  
ASN HB3  H N N 54  
ASN HD21 H N N 55  
ASN HD22 H N N 56  
ASN HXT  H N N 57  
CYS N    N N N 58  
CYS CA   C N R 59  
CYS C    C N N 60  
CYS O    O N N 61  
CYS CB   C N N 62  
CYS SG   S N N 63  
CYS OXT  O N N 64  
CYS H    H N N 65  
CYS H2   H N N 66  
CYS HA   H N N 67  
CYS HB2  H N N 68  
CYS HB3  H N N 69  
CYS HG   H N N 70  
CYS HXT  H N N 71  
GLN N    N N N 72  
GLN CA   C N S 73  
GLN C    C N N 74  
GLN O    O N N 75  
GLN CB   C N N 76  
GLN CG   C N N 77  
GLN CD   C N N 78  
GLN OE1  O N N 79  
GLN NE2  N N N 80  
GLN OXT  O N N 81  
GLN H    H N N 82  
GLN H2   H N N 83  
GLN HA   H N N 84  
GLN HB2  H N N 85  
GLN HB3  H N N 86  
GLN HG2  H N N 87  
GLN HG3  H N N 88  
GLN HE21 H N N 89  
GLN HE22 H N N 90  
GLN HXT  H N N 91  
GLU N    N N N 92  
GLU CA   C N S 93  
GLU C    C N N 94  
GLU O    O N N 95  
GLU CB   C N N 96  
GLU CG   C N N 97  
GLU CD   C N N 98  
GLU OE1  O N N 99  
GLU OE2  O N N 100 
GLU OXT  O N N 101 
GLU H    H N N 102 
GLU H2   H N N 103 
GLU HA   H N N 104 
GLU HB2  H N N 105 
GLU HB3  H N N 106 
GLU HG2  H N N 107 
GLU HG3  H N N 108 
GLU HE2  H N N 109 
GLU HXT  H N N 110 
GLY N    N N N 111 
GLY CA   C N N 112 
GLY C    C N N 113 
GLY O    O N N 114 
GLY OXT  O N N 115 
GLY H    H N N 116 
GLY H2   H N N 117 
GLY HA2  H N N 118 
GLY HA3  H N N 119 
GLY HXT  H N N 120 
HIS N    N N N 121 
HIS CA   C N S 122 
HIS C    C N N 123 
HIS O    O N N 124 
HIS CB   C N N 125 
HIS CG   C Y N 126 
HIS ND1  N Y N 127 
HIS CD2  C Y N 128 
HIS CE1  C Y N 129 
HIS NE2  N Y N 130 
HIS OXT  O N N 131 
HIS H    H N N 132 
HIS H2   H N N 133 
HIS HA   H N N 134 
HIS HB2  H N N 135 
HIS HB3  H N N 136 
HIS HD1  H N N 137 
HIS HD2  H N N 138 
HIS HE1  H N N 139 
HIS HE2  H N N 140 
HIS HXT  H N N 141 
HOH O    O N N 142 
HOH H1   H N N 143 
HOH H2   H N N 144 
ILE N    N N N 145 
ILE CA   C N S 146 
ILE C    C N N 147 
ILE O    O N N 148 
ILE CB   C N S 149 
ILE CG1  C N N 150 
ILE CG2  C N N 151 
ILE CD1  C N N 152 
ILE OXT  O N N 153 
ILE H    H N N 154 
ILE H2   H N N 155 
ILE HA   H N N 156 
ILE HB   H N N 157 
ILE HG12 H N N 158 
ILE HG13 H N N 159 
ILE HG21 H N N 160 
ILE HG22 H N N 161 
ILE HG23 H N N 162 
ILE HD11 H N N 163 
ILE HD12 H N N 164 
ILE HD13 H N N 165 
ILE HXT  H N N 166 
LEU N    N N N 167 
LEU CA   C N S 168 
LEU C    C N N 169 
LEU O    O N N 170 
LEU CB   C N N 171 
LEU CG   C N N 172 
LEU CD1  C N N 173 
LEU CD2  C N N 174 
LEU OXT  O N N 175 
LEU H    H N N 176 
LEU H2   H N N 177 
LEU HA   H N N 178 
LEU HB2  H N N 179 
LEU HB3  H N N 180 
LEU HG   H N N 181 
LEU HD11 H N N 182 
LEU HD12 H N N 183 
LEU HD13 H N N 184 
LEU HD21 H N N 185 
LEU HD22 H N N 186 
LEU HD23 H N N 187 
LEU HXT  H N N 188 
LYS N    N N N 189 
LYS CA   C N S 190 
LYS C    C N N 191 
LYS O    O N N 192 
LYS CB   C N N 193 
LYS CG   C N N 194 
LYS CD   C N N 195 
LYS CE   C N N 196 
LYS NZ   N N N 197 
LYS OXT  O N N 198 
LYS H    H N N 199 
LYS H2   H N N 200 
LYS HA   H N N 201 
LYS HB2  H N N 202 
LYS HB3  H N N 203 
LYS HG2  H N N 204 
LYS HG3  H N N 205 
LYS HD2  H N N 206 
LYS HD3  H N N 207 
LYS HE2  H N N 208 
LYS HE3  H N N 209 
LYS HZ1  H N N 210 
LYS HZ2  H N N 211 
LYS HZ3  H N N 212 
LYS HXT  H N N 213 
PHE N    N N N 214 
PHE CA   C N S 215 
PHE C    C N N 216 
PHE O    O N N 217 
PHE CB   C N N 218 
PHE CG   C Y N 219 
PHE CD1  C Y N 220 
PHE CD2  C Y N 221 
PHE CE1  C Y N 222 
PHE CE2  C Y N 223 
PHE CZ   C Y N 224 
PHE OXT  O N N 225 
PHE H    H N N 226 
PHE H2   H N N 227 
PHE HA   H N N 228 
PHE HB2  H N N 229 
PHE HB3  H N N 230 
PHE HD1  H N N 231 
PHE HD2  H N N 232 
PHE HE1  H N N 233 
PHE HE2  H N N 234 
PHE HZ   H N N 235 
PHE HXT  H N N 236 
PRO N    N N N 237 
PRO CA   C N S 238 
PRO C    C N N 239 
PRO O    O N N 240 
PRO CB   C N N 241 
PRO CG   C N N 242 
PRO CD   C N N 243 
PRO OXT  O N N 244 
PRO H    H N N 245 
PRO HA   H N N 246 
PRO HB2  H N N 247 
PRO HB3  H N N 248 
PRO HG2  H N N 249 
PRO HG3  H N N 250 
PRO HD2  H N N 251 
PRO HD3  H N N 252 
PRO HXT  H N N 253 
SER N    N N N 254 
SER CA   C N S 255 
SER C    C N N 256 
SER O    O N N 257 
SER CB   C N N 258 
SER OG   O N N 259 
SER OXT  O N N 260 
SER H    H N N 261 
SER H2   H N N 262 
SER HA   H N N 263 
SER HB2  H N N 264 
SER HB3  H N N 265 
SER HG   H N N 266 
SER HXT  H N N 267 
THR N    N N N 268 
THR CA   C N S 269 
THR C    C N N 270 
THR O    O N N 271 
THR CB   C N R 272 
THR OG1  O N N 273 
THR CG2  C N N 274 
THR OXT  O N N 275 
THR H    H N N 276 
THR H2   H N N 277 
THR HA   H N N 278 
THR HB   H N N 279 
THR HG1  H N N 280 
THR HG21 H N N 281 
THR HG22 H N N 282 
THR HG23 H N N 283 
THR HXT  H N N 284 
TRP N    N N N 285 
TRP CA   C N S 286 
TRP C    C N N 287 
TRP O    O N N 288 
TRP CB   C N N 289 
TRP CG   C Y N 290 
TRP CD1  C Y N 291 
TRP CD2  C Y N 292 
TRP NE1  N Y N 293 
TRP CE2  C Y N 294 
TRP CE3  C Y N 295 
TRP CZ2  C Y N 296 
TRP CZ3  C Y N 297 
TRP CH2  C Y N 298 
TRP OXT  O N N 299 
TRP H    H N N 300 
TRP H2   H N N 301 
TRP HA   H N N 302 
TRP HB2  H N N 303 
TRP HB3  H N N 304 
TRP HD1  H N N 305 
TRP HE1  H N N 306 
TRP HE3  H N N 307 
TRP HZ2  H N N 308 
TRP HZ3  H N N 309 
TRP HH2  H N N 310 
TRP HXT  H N N 311 
TYR N    N N N 312 
TYR CA   C N S 313 
TYR C    C N N 314 
TYR O    O N N 315 
TYR CB   C N N 316 
TYR CG   C Y N 317 
TYR CD1  C Y N 318 
TYR CD2  C Y N 319 
TYR CE1  C Y N 320 
TYR CE2  C Y N 321 
TYR CZ   C Y N 322 
TYR OH   O N N 323 
TYR OXT  O N N 324 
TYR H    H N N 325 
TYR H2   H N N 326 
TYR HA   H N N 327 
TYR HB2  H N N 328 
TYR HB3  H N N 329 
TYR HD1  H N N 330 
TYR HD2  H N N 331 
TYR HE1  H N N 332 
TYR HE2  H N N 333 
TYR HH   H N N 334 
TYR HXT  H N N 335 
VAL N    N N N 336 
VAL CA   C N S 337 
VAL C    C N N 338 
VAL O    O N N 339 
VAL CB   C N N 340 
VAL CG1  C N N 341 
VAL CG2  C N N 342 
VAL OXT  O N N 343 
VAL H    H N N 344 
VAL H2   H N N 345 
VAL HA   H N N 346 
VAL HB   H N N 347 
VAL HG11 H N N 348 
VAL HG12 H N N 349 
VAL HG13 H N N 350 
VAL HG21 H N N 351 
VAL HG22 H N N 352 
VAL HG23 H N N 353 
VAL HXT  H N N 354 
# 
loop_
_chem_comp_bond.comp_id 
_chem_comp_bond.atom_id_1 
_chem_comp_bond.atom_id_2 
_chem_comp_bond.value_order 
_chem_comp_bond.pdbx_aromatic_flag 
_chem_comp_bond.pdbx_stereo_config 
_chem_comp_bond.pdbx_ordinal 
ALA N   CA   sing N N 1   
ALA N   H    sing N N 2   
ALA N   H2   sing N N 3   
ALA CA  C    sing N N 4   
ALA CA  CB   sing N N 5   
ALA CA  HA   sing N N 6   
ALA C   O    doub N N 7   
ALA C   OXT  sing N N 8   
ALA CB  HB1  sing N N 9   
ALA CB  HB2  sing N N 10  
ALA CB  HB3  sing N N 11  
ALA OXT HXT  sing N N 12  
ARG N   CA   sing N N 13  
ARG N   H    sing N N 14  
ARG N   H2   sing N N 15  
ARG CA  C    sing N N 16  
ARG CA  CB   sing N N 17  
ARG CA  HA   sing N N 18  
ARG C   O    doub N N 19  
ARG C   OXT  sing N N 20  
ARG CB  CG   sing N N 21  
ARG CB  HB2  sing N N 22  
ARG CB  HB3  sing N N 23  
ARG CG  CD   sing N N 24  
ARG CG  HG2  sing N N 25  
ARG CG  HG3  sing N N 26  
ARG CD  NE   sing N N 27  
ARG CD  HD2  sing N N 28  
ARG CD  HD3  sing N N 29  
ARG NE  CZ   sing N N 30  
ARG NE  HE   sing N N 31  
ARG CZ  NH1  sing N N 32  
ARG CZ  NH2  doub N N 33  
ARG NH1 HH11 sing N N 34  
ARG NH1 HH12 sing N N 35  
ARG NH2 HH21 sing N N 36  
ARG NH2 HH22 sing N N 37  
ARG OXT HXT  sing N N 38  
ASN N   CA   sing N N 39  
ASN N   H    sing N N 40  
ASN N   H2   sing N N 41  
ASN CA  C    sing N N 42  
ASN CA  CB   sing N N 43  
ASN CA  HA   sing N N 44  
ASN C   O    doub N N 45  
ASN C   OXT  sing N N 46  
ASN CB  CG   sing N N 47  
ASN CB  HB2  sing N N 48  
ASN CB  HB3  sing N N 49  
ASN CG  OD1  doub N N 50  
ASN CG  ND2  sing N N 51  
ASN ND2 HD21 sing N N 52  
ASN ND2 HD22 sing N N 53  
ASN OXT HXT  sing N N 54  
CYS N   CA   sing N N 55  
CYS N   H    sing N N 56  
CYS N   H2   sing N N 57  
CYS CA  C    sing N N 58  
CYS CA  CB   sing N N 59  
CYS CA  HA   sing N N 60  
CYS C   O    doub N N 61  
CYS C   OXT  sing N N 62  
CYS CB  SG   sing N N 63  
CYS CB  HB2  sing N N 64  
CYS CB  HB3  sing N N 65  
CYS SG  HG   sing N N 66  
CYS OXT HXT  sing N N 67  
GLN N   CA   sing N N 68  
GLN N   H    sing N N 69  
GLN N   H2   sing N N 70  
GLN CA  C    sing N N 71  
GLN CA  CB   sing N N 72  
GLN CA  HA   sing N N 73  
GLN C   O    doub N N 74  
GLN C   OXT  sing N N 75  
GLN CB  CG   sing N N 76  
GLN CB  HB2  sing N N 77  
GLN CB  HB3  sing N N 78  
GLN CG  CD   sing N N 79  
GLN CG  HG2  sing N N 80  
GLN CG  HG3  sing N N 81  
GLN CD  OE1  doub N N 82  
GLN CD  NE2  sing N N 83  
GLN NE2 HE21 sing N N 84  
GLN NE2 HE22 sing N N 85  
GLN OXT HXT  sing N N 86  
GLU N   CA   sing N N 87  
GLU N   H    sing N N 88  
GLU N   H2   sing N N 89  
GLU CA  C    sing N N 90  
GLU CA  CB   sing N N 91  
GLU CA  HA   sing N N 92  
GLU C   O    doub N N 93  
GLU C   OXT  sing N N 94  
GLU CB  CG   sing N N 95  
GLU CB  HB2  sing N N 96  
GLU CB  HB3  sing N N 97  
GLU CG  CD   sing N N 98  
GLU CG  HG2  sing N N 99  
GLU CG  HG3  sing N N 100 
GLU CD  OE1  doub N N 101 
GLU CD  OE2  sing N N 102 
GLU OE2 HE2  sing N N 103 
GLU OXT HXT  sing N N 104 
GLY N   CA   sing N N 105 
GLY N   H    sing N N 106 
GLY N   H2   sing N N 107 
GLY CA  C    sing N N 108 
GLY CA  HA2  sing N N 109 
GLY CA  HA3  sing N N 110 
GLY C   O    doub N N 111 
GLY C   OXT  sing N N 112 
GLY OXT HXT  sing N N 113 
HIS N   CA   sing N N 114 
HIS N   H    sing N N 115 
HIS N   H2   sing N N 116 
HIS CA  C    sing N N 117 
HIS CA  CB   sing N N 118 
HIS CA  HA   sing N N 119 
HIS C   O    doub N N 120 
HIS C   OXT  sing N N 121 
HIS CB  CG   sing N N 122 
HIS CB  HB2  sing N N 123 
HIS CB  HB3  sing N N 124 
HIS CG  ND1  sing Y N 125 
HIS CG  CD2  doub Y N 126 
HIS ND1 CE1  doub Y N 127 
HIS ND1 HD1  sing N N 128 
HIS CD2 NE2  sing Y N 129 
HIS CD2 HD2  sing N N 130 
HIS CE1 NE2  sing Y N 131 
HIS CE1 HE1  sing N N 132 
HIS NE2 HE2  sing N N 133 
HIS OXT HXT  sing N N 134 
HOH O   H1   sing N N 135 
HOH O   H2   sing N N 136 
ILE N   CA   sing N N 137 
ILE N   H    sing N N 138 
ILE N   H2   sing N N 139 
ILE CA  C    sing N N 140 
ILE CA  CB   sing N N 141 
ILE CA  HA   sing N N 142 
ILE C   O    doub N N 143 
ILE C   OXT  sing N N 144 
ILE CB  CG1  sing N N 145 
ILE CB  CG2  sing N N 146 
ILE CB  HB   sing N N 147 
ILE CG1 CD1  sing N N 148 
ILE CG1 HG12 sing N N 149 
ILE CG1 HG13 sing N N 150 
ILE CG2 HG21 sing N N 151 
ILE CG2 HG22 sing N N 152 
ILE CG2 HG23 sing N N 153 
ILE CD1 HD11 sing N N 154 
ILE CD1 HD12 sing N N 155 
ILE CD1 HD13 sing N N 156 
ILE OXT HXT  sing N N 157 
LEU N   CA   sing N N 158 
LEU N   H    sing N N 159 
LEU N   H2   sing N N 160 
LEU CA  C    sing N N 161 
LEU CA  CB   sing N N 162 
LEU CA  HA   sing N N 163 
LEU C   O    doub N N 164 
LEU C   OXT  sing N N 165 
LEU CB  CG   sing N N 166 
LEU CB  HB2  sing N N 167 
LEU CB  HB3  sing N N 168 
LEU CG  CD1  sing N N 169 
LEU CG  CD2  sing N N 170 
LEU CG  HG   sing N N 171 
LEU CD1 HD11 sing N N 172 
LEU CD1 HD12 sing N N 173 
LEU CD1 HD13 sing N N 174 
LEU CD2 HD21 sing N N 175 
LEU CD2 HD22 sing N N 176 
LEU CD2 HD23 sing N N 177 
LEU OXT HXT  sing N N 178 
LYS N   CA   sing N N 179 
LYS N   H    sing N N 180 
LYS N   H2   sing N N 181 
LYS CA  C    sing N N 182 
LYS CA  CB   sing N N 183 
LYS CA  HA   sing N N 184 
LYS C   O    doub N N 185 
LYS C   OXT  sing N N 186 
LYS CB  CG   sing N N 187 
LYS CB  HB2  sing N N 188 
LYS CB  HB3  sing N N 189 
LYS CG  CD   sing N N 190 
LYS CG  HG2  sing N N 191 
LYS CG  HG3  sing N N 192 
LYS CD  CE   sing N N 193 
LYS CD  HD2  sing N N 194 
LYS CD  HD3  sing N N 195 
LYS CE  NZ   sing N N 196 
LYS CE  HE2  sing N N 197 
LYS CE  HE3  sing N N 198 
LYS NZ  HZ1  sing N N 199 
LYS NZ  HZ2  sing N N 200 
LYS NZ  HZ3  sing N N 201 
LYS OXT HXT  sing N N 202 
PHE N   CA   sing N N 203 
PHE N   H    sing N N 204 
PHE N   H2   sing N N 205 
PHE CA  C    sing N N 206 
PHE CA  CB   sing N N 207 
PHE CA  HA   sing N N 208 
PHE C   O    doub N N 209 
PHE C   OXT  sing N N 210 
PHE CB  CG   sing N N 211 
PHE CB  HB2  sing N N 212 
PHE CB  HB3  sing N N 213 
PHE CG  CD1  doub Y N 214 
PHE CG  CD2  sing Y N 215 
PHE CD1 CE1  sing Y N 216 
PHE CD1 HD1  sing N N 217 
PHE CD2 CE2  doub Y N 218 
PHE CD2 HD2  sing N N 219 
PHE CE1 CZ   doub Y N 220 
PHE CE1 HE1  sing N N 221 
PHE CE2 CZ   sing Y N 222 
PHE CE2 HE2  sing N N 223 
PHE CZ  HZ   sing N N 224 
PHE OXT HXT  sing N N 225 
PRO N   CA   sing N N 226 
PRO N   CD   sing N N 227 
PRO N   H    sing N N 228 
PRO CA  C    sing N N 229 
PRO CA  CB   sing N N 230 
PRO CA  HA   sing N N 231 
PRO C   O    doub N N 232 
PRO C   OXT  sing N N 233 
PRO CB  CG   sing N N 234 
PRO CB  HB2  sing N N 235 
PRO CB  HB3  sing N N 236 
PRO CG  CD   sing N N 237 
PRO CG  HG2  sing N N 238 
PRO CG  HG3  sing N N 239 
PRO CD  HD2  sing N N 240 
PRO CD  HD3  sing N N 241 
PRO OXT HXT  sing N N 242 
SER N   CA   sing N N 243 
SER N   H    sing N N 244 
SER N   H2   sing N N 245 
SER CA  C    sing N N 246 
SER CA  CB   sing N N 247 
SER CA  HA   sing N N 248 
SER C   O    doub N N 249 
SER C   OXT  sing N N 250 
SER CB  OG   sing N N 251 
SER CB  HB2  sing N N 252 
SER CB  HB3  sing N N 253 
SER OG  HG   sing N N 254 
SER OXT HXT  sing N N 255 
THR N   CA   sing N N 256 
THR N   H    sing N N 257 
THR N   H2   sing N N 258 
THR CA  C    sing N N 259 
THR CA  CB   sing N N 260 
THR CA  HA   sing N N 261 
THR C   O    doub N N 262 
THR C   OXT  sing N N 263 
THR CB  OG1  sing N N 264 
THR CB  CG2  sing N N 265 
THR CB  HB   sing N N 266 
THR OG1 HG1  sing N N 267 
THR CG2 HG21 sing N N 268 
THR CG2 HG22 sing N N 269 
THR CG2 HG23 sing N N 270 
THR OXT HXT  sing N N 271 
TRP N   CA   sing N N 272 
TRP N   H    sing N N 273 
TRP N   H2   sing N N 274 
TRP CA  C    sing N N 275 
TRP CA  CB   sing N N 276 
TRP CA  HA   sing N N 277 
TRP C   O    doub N N 278 
TRP C   OXT  sing N N 279 
TRP CB  CG   sing N N 280 
TRP CB  HB2  sing N N 281 
TRP CB  HB3  sing N N 282 
TRP CG  CD1  doub Y N 283 
TRP CG  CD2  sing Y N 284 
TRP CD1 NE1  sing Y N 285 
TRP CD1 HD1  sing N N 286 
TRP CD2 CE2  doub Y N 287 
TRP CD2 CE3  sing Y N 288 
TRP NE1 CE2  sing Y N 289 
TRP NE1 HE1  sing N N 290 
TRP CE2 CZ2  sing Y N 291 
TRP CE3 CZ3  doub Y N 292 
TRP CE3 HE3  sing N N 293 
TRP CZ2 CH2  doub Y N 294 
TRP CZ2 HZ2  sing N N 295 
TRP CZ3 CH2  sing Y N 296 
TRP CZ3 HZ3  sing N N 297 
TRP CH2 HH2  sing N N 298 
TRP OXT HXT  sing N N 299 
TYR N   CA   sing N N 300 
TYR N   H    sing N N 301 
TYR N   H2   sing N N 302 
TYR CA  C    sing N N 303 
TYR CA  CB   sing N N 304 
TYR CA  HA   sing N N 305 
TYR C   O    doub N N 306 
TYR C   OXT  sing N N 307 
TYR CB  CG   sing N N 308 
TYR CB  HB2  sing N N 309 
TYR CB  HB3  sing N N 310 
TYR CG  CD1  doub Y N 311 
TYR CG  CD2  sing Y N 312 
TYR CD1 CE1  sing Y N 313 
TYR CD1 HD1  sing N N 314 
TYR CD2 CE2  doub Y N 315 
TYR CD2 HD2  sing N N 316 
TYR CE1 CZ   doub Y N 317 
TYR CE1 HE1  sing N N 318 
TYR CE2 CZ   sing Y N 319 
TYR CE2 HE2  sing N N 320 
TYR CZ  OH   sing N N 321 
TYR OH  HH   sing N N 322 
TYR OXT HXT  sing N N 323 
VAL N   CA   sing N N 324 
VAL N   H    sing N N 325 
VAL N   H2   sing N N 326 
VAL CA  C    sing N N 327 
VAL CA  CB   sing N N 328 
VAL CA  HA   sing N N 329 
VAL C   O    doub N N 330 
VAL C   OXT  sing N N 331 
VAL CB  CG1  sing N N 332 
VAL CB  CG2  sing N N 333 
VAL CB  HB   sing N N 334 
VAL CG1 HG11 sing N N 335 
VAL CG1 HG12 sing N N 336 
VAL CG1 HG13 sing N N 337 
VAL CG2 HG21 sing N N 338 
VAL CG2 HG22 sing N N 339 
VAL CG2 HG23 sing N N 340 
VAL OXT HXT  sing N N 341 
# 
_pdbx_audit_support.funding_organization   'Wellcome Trust' 
_pdbx_audit_support.country                'United Kingdom' 
_pdbx_audit_support.grant_number           107005 
_pdbx_audit_support.ordinal                1 
# 
_pdbx_initial_refinement_model.id               1 
_pdbx_initial_refinement_model.entity_id_list   ? 
_pdbx_initial_refinement_model.type             'experimental model' 
_pdbx_initial_refinement_model.source_name      PDB 
_pdbx_initial_refinement_model.accession_code   5LLJ 
_pdbx_initial_refinement_model.details          ? 
# 
_atom_sites.entry_id                    6TJU 
_atom_sites.Cartn_transf_matrix[1][1]   ? 
_atom_sites.Cartn_transf_matrix[1][2]   ? 
_atom_sites.Cartn_transf_matrix[1][3]   ? 
_atom_sites.Cartn_transf_matrix[2][1]   ? 
_atom_sites.Cartn_transf_matrix[2][2]   ? 
_atom_sites.Cartn_transf_matrix[2][3]   ? 
_atom_sites.Cartn_transf_matrix[3][1]   ? 
_atom_sites.Cartn_transf_matrix[3][2]   ? 
_atom_sites.Cartn_transf_matrix[3][3]   ? 
_atom_sites.Cartn_transf_vector[1]      ? 
_atom_sites.Cartn_transf_vector[2]      ? 
_atom_sites.Cartn_transf_vector[3]      ? 
_atom_sites.fract_transf_matrix[1][1]   -0.00752203 
_atom_sites.fract_transf_matrix[1][2]   0.00627807 
_atom_sites.fract_transf_matrix[1][3]   0.00306522 
_atom_sites.fract_transf_matrix[2][1]   0.00376437 
_atom_sites.fract_transf_matrix[2][2]   0.00743644 
_atom_sites.fract_transf_matrix[2][3]   -0.00599330 
_atom_sites.fract_transf_matrix[3][1]   -0.00588552 
_atom_sites.fract_transf_matrix[3][2]   -0.00326741 
_atom_sites.fract_transf_matrix[3][3]   -0.00775084 
_atom_sites.fract_transf_vector[1]      0.436130 
_atom_sites.fract_transf_vector[2]      0.601380 
_atom_sites.fract_transf_vector[3]      0.530613 
_atom_sites.solution_primary            ? 
_atom_sites.solution_secondary          ? 
_atom_sites.solution_hydrogens          ? 
_atom_sites.special_details             ? 
# 
loop_
_atom_type.symbol 
_atom_type.scat_Cromer_Mann_a1 
_atom_type.scat_Cromer_Mann_b1 
_atom_type.scat_Cromer_Mann_a2 
_atom_type.scat_Cromer_Mann_b2 
_atom_type.scat_Cromer_Mann_a3 
_atom_type.scat_Cromer_Mann_b3 
_atom_type.scat_Cromer_Mann_a4 
_atom_type.scat_Cromer_Mann_b4 
_atom_type.scat_Cromer_Mann_c 
C 2.310  20.844 1.020 10.208 1.589 0.569  0.865 51.651 0.216   
H 0.493  10.511 0.323 26.126 0.140 3.142  0.041 57.800 0.003   
N 12.222 0.006  3.135 9.893  2.014 28.997 1.167 0.583  -11.538 
O 3.049  13.277 2.287 5.701  1.546 0.324  0.867 32.909 0.251   
S 6.905  1.468  5.203 22.215 1.438 0.254  1.586 56.172 1.050   
# 
loop_
_atom_site.group_PDB 
_atom_site.id 
_atom_site.type_symbol 
_atom_site.label_atom_id 
_atom_site.label_alt_id 
_atom_site.label_comp_id 
_atom_site.label_asym_id 
_atom_site.label_entity_id 
_atom_site.label_seq_id 
_atom_site.pdbx_PDB_ins_code 
_atom_site.Cartn_x 
_atom_site.Cartn_y 
_atom_site.Cartn_z 
_atom_site.occupancy 
_atom_site.B_iso_or_equiv 
_atom_site.pdbx_formal_charge 
_atom_site.auth_seq_id 
_atom_site.auth_comp_id 
_atom_site.auth_asym_id 
_atom_site.auth_atom_id 
_atom_site.pdbx_PDB_model_num 
ATOM   1   N N    . THR A 1 10 ? 1.948   -12.429 0.693   1.000 66.656  ? 10  THR AAA N    1 
ATOM   2   C CA   . THR A 1 10 ? 1.534   -11.018 0.430   1.000 59.454  ? 10  THR AAA CA   1 
ATOM   3   C C    . THR A 1 10 ? 1.811   -10.194 1.700   1.000 64.683  ? 10  THR AAA C    1 
ATOM   4   O O    . THR A 1 10 ? 1.574   -10.716 2.810   1.000 66.079  ? 10  THR AAA O    1 
ATOM   5   C CB   . THR A 1 10 ? 0.060   -10.937 -0.044  1.000 56.629  ? 10  THR AAA CB   1 
ATOM   6   H H    . THR A 1 10 ? 1.262   -12.993 0.489   1.000 65.412  ? 10  THR AAA H    1 
ATOM   7   H HA   . THR A 1 10 ? 2.109   -10.672 -0.292  1.000 61.313  ? 10  THR AAA HA   1 
ATOM   8   H HB   . THR A 1 10 ? 0.415   -10.477 -1.025  0.000 57.894  ? 10  THR AAA HB   1 
ATOM   9   N N    . HIS A 1 11 ? 2.304   -8.959  1.552   1.000 56.923  ? 11  HIS AAA N    1 
ATOM   10  C CA   . HIS A 1 11 ? 2.377   -7.953  2.639   1.000 54.265  ? 11  HIS AAA CA   1 
ATOM   11  C C    . HIS A 1 11 ? 1.249   -6.913  2.488   1.000 47.808  ? 11  HIS AAA C    1 
ATOM   12  O O    . HIS A 1 11 ? 0.828   -6.606  1.364   1.000 45.507  ? 11  HIS AAA O    1 
ATOM   13  C CB   . HIS A 1 11 ? 3.754   -7.321  2.692   1.000 61.706  ? 11  HIS AAA CB   1 
ATOM   14  C CG   . HIS A 1 11 ? 4.855   -8.321  2.841   1.000 76.194  ? 11  HIS AAA CG   1 
ATOM   15  N ND1  . HIS A 1 11 ? 6.152   -8.025  2.469   1.000 67.422  ? 11  HIS AAA ND1  1 
ATOM   16  C CD2  . HIS A 1 11 ? 4.854   -9.597  3.301   1.000 76.744  ? 11  HIS AAA CD2  1 
ATOM   17  C CE1  . HIS A 1 11 ? 6.913   -9.064  2.724   1.000 72.815  ? 11  HIS AAA CE1  1 
ATOM   18  N NE2  . HIS A 1 11 ? 6.139   -10.047 3.230   1.000 80.406  ? 11  HIS AAA NE2  1 
ATOM   19  H H    . HIS A 1 11 ? 2.630   -8.644  0.757   1.000 55.809  ? 11  HIS AAA H    1 
ATOM   20  H HA   . HIS A 1 11 ? 2.232   -8.427  3.490   1.000 55.518  ? 11  HIS AAA HA   1 
ATOM   21  H HB2  . HIS A 1 11 ? 3.898   -6.805  1.870   1.000 63.870  ? 11  HIS AAA HB2  1 
ATOM   22  H HB3  . HIS A 1 11 ? 3.787   -6.694  3.449   1.000 60.035  ? 11  HIS AAA HB3  1 
ATOM   23  H HD1  . HIS A 1 11 ? 6.439   -7.166  2.348   0.000 72.111  ? 11  HIS AAA HD1  1 
ATOM   24  H HD2  . HIS A 1 11 ? 4.116   -10.076 3.626   1.000 73.812  ? 11  HIS AAA HD2  1 
ATOM   25  H HE1  . HIS A 1 11 ? 7.839   -9.118  2.559   1.000 72.003  ? 11  HIS AAA HE1  1 
ATOM   26  H HE2  . HIS A 1 11 ? 6.448   -10.785 3.517   0.000 73.640  ? 11  HIS AAA HE2  1 
ATOM   27  N N    . TRP A 1 12 ? 0.754   -6.423  3.614   1.000 44.279  ? 12  TRP AAA N    1 
ATOM   28  C CA   . TRP A 1 12 ? -0.368  -5.462  3.726   1.000 40.803  ? 12  TRP AAA CA   1 
ATOM   29  C C    . TRP A 1 12 ? 0.157   -4.156  4.286   1.000 40.055  ? 12  TRP AAA C    1 
ATOM   30  O O    . TRP A 1 12 ? 0.914   -4.186  5.254   1.000 42.591  ? 12  TRP AAA O    1 
ATOM   31  C CB   . TRP A 1 12 ? -1.470  -6.001  4.640   1.000 39.480  ? 12  TRP AAA CB   1 
ATOM   32  C CG   . TRP A 1 12 ? -2.120  -7.214  4.086   1.000 40.819  ? 12  TRP AAA CG   1 
ATOM   33  C CD1  . TRP A 1 12 ? -1.529  -8.405  3.780   1.000 45.750  ? 12  TRP AAA CD1  1 
ATOM   34  C CD2  . TRP A 1 12 ? -3.479  -7.336  3.690   1.000 39.226  ? 12  TRP AAA CD2  1 
ATOM   35  N NE1  . TRP A 1 12 ? -2.445  -9.263  3.265   1.000 40.470  ? 12  TRP AAA NE1  1 
ATOM   36  C CE2  . TRP A 1 12 ? -3.650  -8.641  3.190   1.000 42.480  ? 12  TRP AAA CE2  1 
ATOM   37  C CE3  . TRP A 1 12 ? -4.561  -6.476  3.704   1.000 38.783  ? 12  TRP AAA CE3  1 
ATOM   38  C CZ2  . TRP A 1 12 ? -4.878  -9.109  2.738   1.000 38.596  ? 12  TRP AAA CZ2  1 
ATOM   39  C CZ3  . TRP A 1 12 ? -5.780  -6.944  3.306   1.000 34.517  ? 12  TRP AAA CZ3  1 
ATOM   40  C CH2  . TRP A 1 12 ? -5.930  -8.234  2.808   1.000 35.626  ? 12  TRP AAA CH2  1 
ATOM   41  H H    . TRP A 1 12 ? 1.093   -6.655  4.431   1.000 43.140  ? 12  TRP AAA H    1 
ATOM   42  H HA   . TRP A 1 12 ? -0.745  -5.310  2.830   1.000 41.052  ? 12  TRP AAA HA   1 
ATOM   43  H HB2  . TRP A 1 12 ? -1.079  -6.210  5.512   1.000 40.560  ? 12  TRP AAA HB2  1 
ATOM   44  H HB3  . TRP A 1 12 ? -2.142  -5.300  4.766   1.000 39.774  ? 12  TRP AAA HB3  1 
ATOM   45  H HD1  . TRP A 1 12 ? -0.621  -8.616  3.926   1.000 44.309  ? 12  TRP AAA HD1  1 
ATOM   46  H HE1  . TRP A 1 12 ? -2.280  -10.088 3.017   1.000 40.061  ? 12  TRP AAA HE1  1 
ATOM   47  H HE3  . TRP A 1 12 ? -4.475  -5.607  4.062   1.000 37.415  ? 12  TRP AAA HE3  1 
ATOM   48  H HZ2  . TRP A 1 12 ? -4.982  -9.987  2.411   1.000 37.855  ? 12  TRP AAA HZ2  1 
ATOM   49  H HZ3  . TRP A 1 12 ? -6.524  -6.364  3.312   1.000 36.216  ? 12  TRP AAA HZ3  1 
ATOM   50  H HH2  . TRP A 1 12 ? -6.776  -8.511  2.502   1.000 37.218  ? 12  TRP AAA HH2  1 
ATOM   51  N N    . TYR A 1 13 ? -0.316  -3.041  3.732   1.000 39.719  ? 13  TYR AAA N    1 
ATOM   52  C CA   . TYR A 1 13 ? 0.223   -1.732  4.090   1.000 38.404  ? 13  TYR AAA CA   1 
ATOM   53  C C    . TYR A 1 13 ? -0.858  -0.681  4.220   1.000 34.747  ? 13  TYR AAA C    1 
ATOM   54  O O    . TYR A 1 13 ? -1.722  -0.513  3.331   1.000 33.556  ? 13  TYR AAA O    1 
ATOM   55  C CB   . TYR A 1 13 ? 1.244   -1.204  3.080   1.000 37.780  ? 13  TYR AAA CB   1 
ATOM   56  C CG   . TYR A 1 13 ? 2.439   -2.062  2.811   1.000 42.964  ? 13  TYR AAA CG   1 
ATOM   57  C CD1  . TYR A 1 13 ? 3.616   -1.896  3.524   1.000 44.029  ? 13  TYR AAA CD1  1 
ATOM   58  C CD2  . TYR A 1 13 ? 2.442   -2.936  1.741   1.000 41.746  ? 13  TYR AAA CD2  1 
ATOM   59  C CE1  . TYR A 1 13 ? 4.734   -2.659  3.258   1.000 45.588  ? 13  TYR AAA CE1  1 
ATOM   60  C CE2  . TYR A 1 13 ? 3.544   -3.688  1.444   1.000 46.118  ? 13  TYR AAA CE2  1 
ATOM   61  C CZ   . TYR A 1 13 ? 4.701   -3.558  2.205   1.000 54.442  ? 13  TYR AAA CZ   1 
ATOM   62  O OH   . TYR A 1 13 ? 5.813   -4.310  1.873   1.000 54.700  ? 13  TYR AAA OH   1 
ATOM   63  H H    . TYR A 1 13 ? -0.987  -3.010  3.112   1.000 39.167  ? 13  TYR AAA H    1 
ATOM   64  H HA   . TYR A 1 13 ? 0.672   -1.816  4.967   1.000 38.612  ? 13  TYR AAA HA   1 
ATOM   65  H HB2  . TYR A 1 13 ? 0.778   -1.051  2.232   1.000 38.433  ? 13  TYR AAA HB2  1 
ATOM   66  H HB3  . TYR A 1 13 ? 1.560   -0.332  3.400   1.000 38.156  ? 13  TYR AAA HB3  1 
ATOM   67  H HD1  . TYR A 1 13 ? 3.635   -1.292  4.248   1.000 43.803  ? 13  TYR AAA HD1  1 
ATOM   68  H HD2  . TYR A 1 13 ? 1.660   -3.038  1.223   1.000 41.661  ? 13  TYR AAA HD2  1 
ATOM   69  H HE1  . TYR A 1 13 ? 5.519   -2.552  3.769   1.000 47.198  ? 13  TYR AAA HE1  1 
ATOM   70  H HE2  . TYR A 1 13 ? 3.520   -4.301  0.728   1.000 45.843  ? 13  TYR AAA HE2  1 
ATOM   71  H HH   . TYR A 1 13 ? 5.979   -4.844  2.638   0.000 50.798  ? 13  TYR AAA HH   1 
ATOM   72  N N    . TYR A 1 14 ? -0.732  0.105   5.271   1.000 35.704  ? 14  TYR AAA N    1 
ATOM   73  C CA   . TYR A 1 14 ? -1.240  1.498   5.280   1.000 35.228  ? 14  TYR AAA CA   1 
ATOM   74  C C    . TYR A 1 14 ? -0.415  2.296   4.261   1.000 35.215  ? 14  TYR AAA C    1 
ATOM   75  O O    . TYR A 1 14 ? 0.780   2.042   4.097   1.000 38.916  ? 14  TYR AAA O    1 
ATOM   76  C CB   . TYR A 1 14 ? -1.121  2.126   6.668   1.000 38.434  ? 14  TYR AAA CB   1 
ATOM   77  C CG   . TYR A 1 14 ? -1.929  1.488   7.777   1.000 38.099  ? 14  TYR AAA CG   1 
ATOM   78  C CD1  . TYR A 1 14 ? -3.269  1.822   7.980   1.000 40.365  ? 14  TYR AAA CD1  1 
ATOM   79  C CD2  . TYR A 1 14 ? -1.351  0.560   8.640   1.000 41.195  ? 14  TYR AAA CD2  1 
ATOM   80  C CE1  . TYR A 1 14 ? -3.987  1.289   9.033   1.000 41.063  ? 14  TYR AAA CE1  1 
ATOM   81  C CE2  . TYR A 1 14 ? -2.074  0.003   9.689   1.000 43.143  ? 14  TYR AAA CE2  1 
ATOM   82  C CZ   . TYR A 1 14 ? -3.401  0.365   9.885   1.000 43.278  ? 14  TYR AAA CZ   1 
ATOM   83  O OH   . TYR A 1 14 ? -4.164  -0.183  10.885  1.000 43.311  ? 14  TYR AAA OH   1 
ATOM   84  H H    . TYR A 1 14 ? -0.330  -0.143  6.055   1.000 35.082  ? 14  TYR AAA H    1 
ATOM   85  H HA   . TYR A 1 14 ? -2.189  1.498   5.001   1.000 35.940  ? 14  TYR AAA HA   1 
ATOM   86  H HB2  . TYR A 1 14 ? -0.177  2.109   6.926   1.000 38.630  ? 14  TYR AAA HB2  1 
ATOM   87  H HB3  . TYR A 1 14 ? -1.386  3.066   6.597   1.000 37.716  ? 14  TYR AAA HB3  1 
ATOM   88  H HD1  . TYR A 1 14 ? -3.674  2.467   7.423   1.000 40.007  ? 14  TYR AAA HD1  1 
ATOM   89  H HD2  . TYR A 1 14 ? -0.446  0.321   8.524   1.000 41.283  ? 14  TYR AAA HD2  1 
ATOM   90  H HE1  . TYR A 1 14 ? -4.891  1.524   9.151   1.000 39.978  ? 14  TYR AAA HE1  1 
ATOM   91  H HE2  . TYR A 1 14 ? -1.669  -0.629  10.261  1.000 42.213  ? 14  TYR AAA HE2  1 
ATOM   92  H HH   . TYR A 1 14 ? -4.851  -0.554  10.571  0.000 41.129  ? 14  TYR AAA HH   1 
ATOM   93  N N    . PHE A 1 15 ? -1.055  3.244   3.577   1.000 35.858  ? 15  PHE AAA N    1 
ATOM   94  C CA   . PHE A 1 15 ? -0.411  4.041   2.525   1.000 39.700  ? 15  PHE AAA CA   1 
ATOM   95  C C    . PHE A 1 15 ? -0.942  5.478   2.535   1.000 41.816  ? 15  PHE AAA C    1 
ATOM   96  O O    . PHE A 1 15 ? -2.112  5.731   2.929   1.000 37.409  ? 15  PHE AAA O    1 
ATOM   97  C CB   . PHE A 1 15 ? -0.511  3.335   1.151   1.000 37.501  ? 15  PHE AAA CB   1 
ATOM   98  C CG   . PHE A 1 15 ? -1.882  3.318   0.526   1.000 35.329  ? 15  PHE AAA CG   1 
ATOM   99  C CD1  . PHE A 1 15 ? -2.789  2.318   0.872   1.000 36.959  ? 15  PHE AAA CD1  1 
ATOM   100 C CD2  . PHE A 1 15 ? -2.284  4.294   -0.370  1.000 41.453  ? 15  PHE AAA CD2  1 
ATOM   101 C CE1  . PHE A 1 15 ? -4.065  2.295   0.337   1.000 39.057  ? 15  PHE AAA CE1  1 
ATOM   102 C CE2  . PHE A 1 15 ? -3.582  4.284   -0.879  1.000 39.955  ? 15  PHE AAA CE2  1 
ATOM   103 C CZ   . PHE A 1 15 ? -4.462  3.287   -0.532  1.000 38.260  ? 15  PHE AAA CZ   1 
ATOM   104 H H    . PHE A 1 15 ? -1.933  3.462   3.710   1.000 36.801  ? 15  PHE AAA H    1 
ATOM   105 H HA   . PHE A 1 15 ? 0.549   4.092   2.751   1.000 39.776  ? 15  PHE AAA HA   1 
ATOM   106 H HB2  . PHE A 1 15 ? 0.106   3.782   0.535   1.000 37.418  ? 15  PHE AAA HB2  1 
ATOM   107 H HB3  . PHE A 1 15 ? -0.204  2.411   1.258   1.000 37.972  ? 15  PHE AAA HB3  1 
ATOM   108 H HD1  . PHE A 1 15 ? -2.526  1.645   1.481   1.000 38.227  ? 15  PHE AAA HD1  1 
ATOM   109 H HD2  . PHE A 1 15 ? -1.694  4.996   -0.595  1.000 38.002  ? 15  PHE AAA HD2  1 
ATOM   110 H HE1  . PHE A 1 15 ? -4.666  1.610   0.582   1.000 38.235  ? 15  PHE AAA HE1  1 
ATOM   111 H HE2  . PHE A 1 15 ? -3.847  4.950   -1.493  1.000 37.831  ? 15  PHE AAA HE2  1 
ATOM   112 H HZ   . PHE A 1 15 ? -5.328  3.267   -0.909  1.000 38.258  ? 15  PHE AAA HZ   1 
ATOM   113 N N    . LYS A 1 16 ? -0.062  6.400   2.112   1.000 47.530  ? 16  LYS AAA N    1 
ATOM   114 C CA   . LYS A 1 16 ? -0.413  7.781   1.705   1.000 51.615  ? 16  LYS AAA CA   1 
ATOM   115 C C    . LYS A 1 16 ? -0.046  7.934   0.230   1.000 60.567  ? 16  LYS AAA C    1 
ATOM   116 O O    . LYS A 1 16 ? 0.888   7.275   -0.233  1.000 60.663  ? 16  LYS AAA O    1 
ATOM   117 C CB   . LYS A 1 16 ? 0.295   8.780   2.625   1.000 47.191  ? 16  LYS AAA CB   1 
ATOM   118 C CG   . LYS A 1 16 ? -0.338  8.880   3.988   1.000 50.005  ? 16  LYS AAA CG   1 
ATOM   119 C CD   . LYS A 1 16 ? 0.273   9.906   4.911   1.000 50.484  ? 16  LYS AAA CD   1 
ATOM   120 C CE   . LYS A 1 16 ? -0.523  9.947   6.204   1.000 48.824  ? 16  LYS AAA CE   1 
ATOM   121 N NZ   . LYS A 1 16 ? -0.012  10.954  7.163   1.000 58.508  ? 16  LYS AAA NZ   1 
ATOM   122 H H    . LYS A 1 16 ? 0.833   6.221   2.048   1.000 48.085  ? 16  LYS AAA H    1 
ATOM   123 H HA   . LYS A 1 16 ? -1.386  7.896   1.801   1.000 49.824  ? 16  LYS AAA HA   1 
ATOM   124 H HB2  . LYS A 1 16 ? 1.231   8.507   2.728   1.000 48.682  ? 16  LYS AAA HB2  1 
ATOM   125 H HB3  . LYS A 1 16 ? 0.280   9.664   2.203   1.000 48.464  ? 16  LYS AAA HB3  1 
ATOM   126 H HG2  . LYS A 1 16 ? -1.290  9.089   3.873   1.000 50.426  ? 16  LYS AAA HG2  1 
ATOM   127 H HG3  . LYS A 1 16 ? -0.281  8.001   4.418   1.000 50.053  ? 16  LYS AAA HG3  1 
ATOM   128 H HD2  . LYS A 1 16 ? 1.205   9.668   5.104   1.000 50.931  ? 16  LYS AAA HD2  1 
ATOM   129 H HD3  . LYS A 1 16 ? 0.254   10.789  4.486   1.000 49.802  ? 16  LYS AAA HD3  1 
ATOM   130 H HE2  . LYS A 1 16 ? -1.455  10.153  6.003   1.000 49.650  ? 16  LYS AAA HE2  1 
ATOM   131 H HE3  . LYS A 1 16 ? -0.496  9.072   6.627   1.000 50.813  ? 16  LYS AAA HE3  1 
ATOM   132 H HZ1  . LYS A 1 16 ? 0.855   10.777  7.362   1.000 56.286  ? 16  LYS AAA HZ1  1 
ATOM   133 H HZ2  . LYS A 1 16 ? -0.503  10.929  7.925   1.000 58.215  ? 16  LYS AAA HZ2  1 
ATOM   134 H HZ3  . LYS A 1 16 ? -0.071  11.783  6.798   1.000 55.619  ? 16  LYS AAA HZ3  1 
ATOM   135 N N    . LEU A 1 17 ? -0.780  8.748   -0.507  1.000 64.454  ? 17  LEU AAA N    1 
ATOM   136 C CA   . LEU A 1 17 ? -0.461  8.928   -1.941  1.000 74.066  ? 17  LEU AAA CA   1 
ATOM   137 C C    . LEU A 1 17 ? 0.678   9.911   -2.090  1.000 79.440  ? 17  LEU AAA C    1 
ATOM   138 O O    . LEU A 1 17 ? 0.602   11.009  -1.542  1.000 88.768  ? 17  LEU AAA O    1 
ATOM   139 C CB   . LEU A 1 17 ? -1.696  9.434   -2.658  1.000 78.772  ? 17  LEU AAA CB   1 
ATOM   140 C CG   . LEU A 1 17 ? -2.824  8.420   -2.636  1.000 77.493  ? 17  LEU AAA CG   1 
ATOM   141 C CD1  . LEU A 1 17 ? -4.163  9.114   -2.405  1.000 80.872  ? 17  LEU AAA CD1  1 
ATOM   142 C CD2  . LEU A 1 17 ? -2.798  7.585   -3.903  1.000 66.518  ? 17  LEU AAA CD2  1 
ATOM   143 H H    . LEU A 1 17 ? -1.490  9.230   -0.192  1.000 67.488  ? 17  LEU AAA H    1 
ATOM   144 H HA   . LEU A 1 17 ? -0.194  8.058   -2.314  1.000 75.659  ? 17  LEU AAA HA   1 
ATOM   145 H HB2  . LEU A 1 17 ? -1.993  10.263  -2.236  1.000 78.157  ? 17  LEU AAA HB2  1 
ATOM   146 H HB3  . LEU A 1 17 ? -1.461  9.633   -3.588  1.000 76.215  ? 17  LEU AAA HB3  1 
ATOM   147 H HG   . LEU A 1 17 ? -2.669  7.809   -1.873  1.000 74.483  ? 17  LEU AAA HG   1 
ATOM   148 H HD11 . LEU A 1 17 ? -4.141  9.588   -1.556  1.000 80.219  ? 17  LEU AAA HD11 1 
ATOM   149 H HD12 . LEU A 1 17 ? -4.874  8.450   -2.387  1.000 80.312  ? 17  LEU AAA HD12 1 
ATOM   150 H HD13 . LEU A 1 17 ? -4.330  9.747   -3.125  1.000 80.808  ? 17  LEU AAA HD13 1 
ATOM   151 H HD21 . LEU A 1 17 ? -2.933  8.161   -4.675  1.000 69.241  ? 17  LEU AAA HD21 1 
ATOM   152 H HD22 . LEU A 1 17 ? -3.506  6.919   -3.868  1.000 66.936  ? 17  LEU AAA HD22 1 
ATOM   153 H HD23 . LEU A 1 17 ? -1.937  7.138   -3.980  1.000 67.784  ? 17  LEU AAA HD23 1 
ATOM   154 N N    . PRO A 1 18 ? 1.695   9.562   -2.918  1.000 99.535  ? 18  PRO AAA N    1 
ATOM   155 C CA   . PRO A 1 18 ? 2.947   10.320  -2.996  1.000 96.828  ? 18  PRO AAA CA   1 
ATOM   156 C C    . PRO A 1 18 ? 2.790   11.810  -3.313  1.000 94.545  ? 18  PRO AAA C    1 
ATOM   157 O O    . PRO A 1 18 ? 3.735   12.540  -3.045  1.000 92.933  ? 18  PRO AAA O    1 
ATOM   158 C CB   . PRO A 1 18 ? 3.743   9.637   -4.121  1.000 91.326  ? 18  PRO AAA CB   1 
ATOM   159 C CG   . PRO A 1 18 ? 2.707   8.850   -4.881  1.000 97.046  ? 18  PRO AAA CG   1 
ATOM   160 C CD   . PRO A 1 18 ? 1.684   8.421   -3.852  1.000 94.966  ? 18  PRO AAA CD   1 
ATOM   161 H HA   . PRO A 1 18 ? 3.438   10.220  -2.146  1.000 98.011  ? 18  PRO AAA HA   1 
ATOM   162 H HB2  . PRO A 1 18 ? 4.175   10.299  -4.702  1.000 93.032  ? 18  PRO AAA HB2  1 
ATOM   163 H HB3  . PRO A 1 18 ? 4.430   9.041   -3.754  1.000 93.760  ? 18  PRO AAA HB3  1 
ATOM   164 H HG2  . PRO A 1 18 ? 2.289   9.407   -5.572  1.000 94.526  ? 18  PRO AAA HG2  1 
ATOM   165 H HG3  . PRO A 1 18 ? 3.111   8.070   -5.313  1.000 97.036  ? 18  PRO AAA HG3  1 
ATOM   166 H HD2  . PRO A 1 18 ? 0.805   8.302   -4.260  1.000 99.456  ? 18  PRO AAA HD2  1 
ATOM   167 H HD3  . PRO A 1 18 ? 1.950   7.594   -3.410  1.000 93.900  ? 18  PRO AAA HD3  1 
ATOM   168 N N    . GLY A 1 19 ? 1.628   12.225  -3.829  1.000 91.509  ? 19  GLY AAA N    1 
ATOM   169 C CA   . GLY A 1 19 ? 1.433   13.607  -4.304  1.000 95.388  ? 19  GLY AAA CA   1 
ATOM   170 C C    . GLY A 1 19 ? 0.242   14.343  -3.694  1.000 100.247 ? 19  GLY AAA C    1 
ATOM   171 O O    . GLY A 1 19 ? -0.256  15.240  -4.392  1.000 108.098 ? 19  GLY AAA O    1 
ATOM   172 H H    . GLY A 1 19 ? 0.904   11.678  -3.937  1.000 94.383  ? 19  GLY AAA H    1 
ATOM   173 H HA2  . GLY A 1 19 ? 2.255   14.125  -4.118  1.000 97.786  ? 19  GLY AAA HA2  1 
ATOM   174 H HA3  . GLY A 1 19 ? 1.318   13.582  -5.287  1.000 97.255  ? 19  GLY AAA HA3  1 
ATOM   175 N N    . LEU A 1 20 ? -0.202  14.074  -2.456  1.000 93.194  ? 20  LEU AAA N    1 
ATOM   176 C CA   . LEU A 1 20 ? -1.407  14.785  -1.929  1.000 99.960  ? 20  LEU AAA CA   1 
ATOM   177 C C    . LEU A 1 20 ? -1.044  15.701  -0.753  1.000 91.117  ? 20  LEU AAA C    1 
ATOM   178 O O    . LEU A 1 20 ? -0.418  15.161  0.202   1.000 86.669  ? 20  LEU AAA O    1 
ATOM   179 C CB   . LEU A 1 20 ? -2.481  13.761  -1.547  1.000 111.335 ? 20  LEU AAA CB   1 
ATOM   180 H H    . LEU A 1 20 ? 0.194   13.479  -1.885  1.000 101.539 ? 20  LEU AAA H    1 
ATOM   181 H HA   . LEU A 1 20 ? -1.761  15.355  -2.652  1.000 102.808 ? 20  LEU AAA HA   1 
ATOM   182 H HB2  . LEU A 1 20 ? -2.652  13.193  -2.326  1.000 112.938 ? 20  LEU AAA HB2  1 
ATOM   183 H HB3  . LEU A 1 20 ? -1.916  13.268  -0.959  0.000 99.325  ? 20  LEU AAA HB3  1 
ATOM   184 N N    . SER A 1 22 ? -1.360  14.590  2.036   1.000 89.311  ? 22  SER AAA N    1 
ATOM   185 C CA   . SER A 1 22 ? -2.339  13.498  2.274   1.000 80.625  ? 22  SER AAA CA   1 
ATOM   186 C C    . SER A 1 22 ? -2.440  13.371  3.793   1.000 68.456  ? 22  SER AAA C    1 
ATOM   187 O O    . SER A 1 22 ? -1.454  12.952  4.415   1.000 68.186  ? 22  SER AAA O    1 
ATOM   188 C CB   . SER A 1 22 ? -1.933  12.189  1.603   1.000 82.937  ? 22  SER AAA CB   1 
ATOM   189 O OG   . SER A 1 22 ? -3.064  11.451  1.143   1.000 89.163  ? 22  SER AAA OG   1 
ATOM   190 H H    . SER A 1 22 ? -0.719  14.311  1.450   1.000 88.742  ? 22  SER AAA H    1 
ATOM   191 H HA   . SER A 1 22 ? -3.223  13.784  1.918   1.000 80.916  ? 22  SER AAA HA   1 
ATOM   192 H HB2  . SER A 1 22 ? -1.346  12.387  0.838   1.000 84.424  ? 22  SER AAA HB2  1 
ATOM   193 H HB3  . SER A 1 22 ? -1.423  11.640  2.240   1.000 82.397  ? 22  SER AAA HB3  1 
ATOM   194 H HG   . SER A 1 22 ? -2.686  10.740  1.016   0.000 73.809  ? 22  SER AAA HG   1 
ATOM   195 N N    . ARG A 1 23 ? -3.530  13.822  4.393   1.000 49.822  ? 23  ARG AAA N    1 
ATOM   196 C CA   . ARG A 1 23 ? -3.540  14.021  5.867   1.000 55.899  ? 23  ARG AAA CA   1 
ATOM   197 C C    . ARG A 1 23 ? -3.988  12.750  6.574   1.000 51.067  ? 23  ARG AAA C    1 
ATOM   198 O O    . ARG A 1 23 ? -3.806  12.635  7.769   1.000 55.992  ? 23  ARG AAA O    1 
ATOM   199 C CB   . ARG A 1 23 ? -4.389  15.229  6.240   1.000 60.616  ? 23  ARG AAA CB   1 
ATOM   200 C CG   . ARG A 1 23 ? -3.568  16.496  6.096   1.000 63.302  ? 23  ARG AAA CG   1 
ATOM   201 C CD   . ARG A 1 23 ? -4.272  17.434  5.195   1.000 69.838  ? 23  ARG AAA CD   1 
ATOM   202 N NE   . ARG A 1 23 ? -3.465  18.603  4.931   1.000 79.086  ? 23  ARG AAA NE   1 
ATOM   203 C CZ   . ARG A 1 23 ? -3.962  19.778  4.558   1.000 78.643  ? 23  ARG AAA CZ   1 
ATOM   204 N NH1  . ARG A 1 23 ? -5.275  19.934  4.436   1.000 72.149  ? 23  ARG AAA NH1  1 
ATOM   205 N NH2  . ARG A 1 23 ? -3.149  20.797  4.329   1.000 90.745  ? 23  ARG AAA NH2  1 
ATOM   206 H H    . ARG A 1 23 ? -4.307  14.028  3.959   1.000 56.342  ? 23  ARG AAA H    1 
ATOM   207 H HA   . ARG A 1 23 ? -2.614  14.205  6.149   1.000 54.194  ? 23  ARG AAA HA   1 
ATOM   208 H HB2  . ARG A 1 23 ? -5.175  15.271  5.658   1.000 61.592  ? 23  ARG AAA HB2  1 
ATOM   209 H HB3  . ARG A 1 23 ? -4.690  15.139  7.169   1.000 58.655  ? 23  ARG AAA HB3  1 
ATOM   210 H HG2  . ARG A 1 23 ? -3.443  16.916  6.976   1.000 62.451  ? 23  ARG AAA HG2  1 
ATOM   211 H HG3  . ARG A 1 23 ? -2.685  16.282  5.724   1.000 65.484  ? 23  ARG AAA HG3  1 
ATOM   212 H HD2  . ARG A 1 23 ? -4.484  16.983  4.347   1.000 71.019  ? 23  ARG AAA HD2  1 
ATOM   213 H HD3  . ARG A 1 23 ? -5.113  17.707  5.619   1.000 70.270  ? 23  ARG AAA HD3  1 
ATOM   214 H HE   . ARG A 1 23 ? -2.596  18.529  4.999   1.000 77.578  ? 23  ARG AAA HE   1 
ATOM   215 H HH11 . ARG A 1 23 ? -5.820  19.264  4.585   1.000 76.004  ? 23  ARG AAA HH11 1 
ATOM   216 H HH12 . ARG A 1 23 ? -5.600  20.716  4.194   1.000 75.438  ? 23  ARG AAA HH12 1 
ATOM   217 H HH21 . ARG A 1 23 ? -2.278  20.695  4.414   1.000 88.104  ? 23  ARG AAA HH21 1 
ATOM   218 H HH22 . ARG A 1 23 ? -3.481  21.578  4.088   1.000 91.502  ? 23  ARG AAA HH22 1 
ATOM   219 N N    . GLN A 1 24 ? -4.495  11.789  5.829   1.000 47.159  ? 24  GLN AAA N    1 
ATOM   220 C CA   . GLN A 1 24 ? -5.028  10.556  6.411   1.000 42.907  ? 24  GLN AAA CA   1 
ATOM   221 C C    . GLN A 1 24 ? -4.259  9.396   5.806   1.000 36.389  ? 24  GLN AAA C    1 
ATOM   222 O O    . GLN A 1 24 ? -3.977  9.397   4.622   1.000 38.409  ? 24  GLN AAA O    1 
ATOM   223 C CB   . GLN A 1 24 ? -6.516  10.402  6.108   1.000 45.264  ? 24  GLN AAA CB   1 
ATOM   224 C CG   . GLN A 1 24 ? -7.349  11.578  6.519   1.000 46.596  ? 24  GLN AAA CG   1 
ATOM   225 C CD   . GLN A 1 24 ? -8.687  11.453  5.861   1.000 48.499  ? 24  GLN AAA CD   1 
ATOM   226 O OE1  . GLN A 1 24 ? -8.880  11.922  4.749   1.000 70.518  ? 24  GLN AAA OE1  1 
ATOM   227 N NE2  . GLN A 1 24 ? -9.603  10.789  6.511   1.000 44.178  ? 24  GLN AAA NE2  1 
ATOM   228 H H    . GLN A 1 24 ? -4.554  11.834  4.920   1.000 47.169  ? 24  GLN AAA H    1 
ATOM   229 H HA   . GLN A 1 24 ? -4.890  10.568  7.386   1.000 43.845  ? 24  GLN AAA HA   1 
ATOM   230 H HB2  . GLN A 1 24 ? -6.622  10.254  5.145   1.000 45.184  ? 24  GLN AAA HB2  1 
ATOM   231 H HB3  . GLN A 1 24 ? -6.844  9.603   6.570   1.000 45.467  ? 24  GLN AAA HB3  1 
ATOM   232 H HG2  . GLN A 1 24 ? -7.456  11.590  7.493   1.000 45.847  ? 24  GLN AAA HG2  1 
ATOM   233 H HG3  . GLN A 1 24 ? -6.917  12.413  6.240   1.000 47.627  ? 24  GLN AAA HG3  1 
ATOM   234 H HE21 . GLN A 1 24 ? -10.405 10.571  6.130   0.000 46.161  ? 24  GLN AAA HE21 1 
ATOM   235 H HE22 . GLN A 1 24 ? -9.393  10.256  7.235   0.000 46.161  ? 24  GLN AAA HE22 1 
ATOM   236 N N    . TRP A 1 25 ? -4.021  8.384   6.611   1.000 37.423  ? 25  TRP AAA N    1 
ATOM   237 C CA   . TRP A 1 25 ? -3.591  7.085   6.086   1.000 35.092  ? 25  TRP AAA CA   1 
ATOM   238 C C    . TRP A 1 25 ? -4.799  6.405   5.413   1.000 37.310  ? 25  TRP AAA C    1 
ATOM   239 O O    . TRP A 1 25 ? -5.973  6.697   5.778   1.000 36.531  ? 25  TRP AAA O    1 
ATOM   240 C CB   . TRP A 1 25 ? -2.981  6.268   7.194   1.000 34.224  ? 25  TRP AAA CB   1 
ATOM   241 C CG   . TRP A 1 25 ? -1.653  6.728   7.679   1.000 36.611  ? 25  TRP AAA CG   1 
ATOM   242 C CD1  . TRP A 1 25 ? -1.393  7.436   8.821   1.000 37.380  ? 25  TRP AAA CD1  1 
ATOM   243 C CD2  . TRP A 1 25 ? -0.376  6.438   7.094   1.000 41.168  ? 25  TRP AAA CD2  1 
ATOM   244 N NE1  . TRP A 1 25 ? -0.052  7.640   8.964   1.000 37.086  ? 25  TRP AAA NE1  1 
ATOM   245 C CE2  . TRP A 1 25 ? 0.600   7.066   7.904   1.000 41.313  ? 25  TRP AAA CE2  1 
ATOM   246 C CE3  . TRP A 1 25 ? 0.033   5.753   5.951   1.000 40.828  ? 25  TRP AAA CE3  1 
ATOM   247 C CZ2  . TRP A 1 25 ? 1.959   6.993   7.620   1.000 43.336  ? 25  TRP AAA CZ2  1 
ATOM   248 C CZ3  . TRP A 1 25 ? 1.378   5.736   5.625   1.000 41.782  ? 25  TRP AAA CZ3  1 
ATOM   249 C CH2  . TRP A 1 25 ? 2.323   6.309   6.466   1.000 42.169  ? 25  TRP AAA CH2  1 
ATOM   250 H H    . TRP A 1 25 ? -4.104  8.424   7.521   1.000 37.434  ? 25  TRP AAA H    1 
ATOM   251 H HA   . TRP A 1 25 ? -2.895  7.245   5.406   1.000 34.971  ? 25  TRP AAA HA   1 
ATOM   252 H HB2  . TRP A 1 25 ? -3.606  6.261   7.947   1.000 35.349  ? 25  TRP AAA HB2  1 
ATOM   253 H HB3  . TRP A 1 25 ? -2.895  5.345   6.876   1.000 34.972  ? 25  TRP AAA HB3  1 
ATOM   254 H HD1  . TRP A 1 25 ? -2.048  7.750   9.425   1.000 36.749  ? 25  TRP AAA HD1  1 
ATOM   255 H HE1  . TRP A 1 25 ? 0.325   8.091   9.609   1.000 36.825  ? 25  TRP AAA HE1  1 
ATOM   256 H HE3  . TRP A 1 25 ? -0.605  5.361   5.377   1.000 40.080  ? 25  TRP AAA HE3  1 
ATOM   257 H HZ2  . TRP A 1 25 ? 2.599   7.407   8.172   1.000 42.077  ? 25  TRP AAA HZ2  1 
ATOM   258 H HZ3  . TRP A 1 25 ? 1.665   5.256   4.865   1.000 40.769  ? 25  TRP AAA HZ3  1 
ATOM   259 H HH2  . TRP A 1 25 ? 3.233   6.257   6.235   1.000 40.848  ? 25  TRP AAA HH2  1 
ATOM   260 N N    . LYS A 1 26 ? -4.511  5.627   4.376   1.000 34.309  ? 26  LYS AAA N    1 
ATOM   261 C CA   . LYS A 1 26 ? -5.498  4.836   3.623   1.000 38.005  ? 26  LYS AAA CA   1 
ATOM   262 C C    . LYS A 1 26 ? -5.115  3.356   3.900   1.000 36.877  ? 26  LYS AAA C    1 
ATOM   263 O O    . LYS A 1 26 ? -3.952  3.045   4.283   1.000 37.301  ? 26  LYS AAA O    1 
ATOM   264 C CB   . LYS A 1 26 ? -5.554  5.326   2.150   1.000 38.021  ? 26  LYS AAA CB   1 
ATOM   265 H H    . LYS A 1 26 ? -3.656  5.533   4.064   1.000 35.555  ? 26  LYS AAA H    1 
ATOM   266 H HA   . LYS A 1 26 ? -6.382  4.995   4.027   1.000 36.259  ? 26  LYS AAA HA   1 
ATOM   267 H HB2  . LYS A 1 26 ? -5.818  6.269   2.147   1.000 38.996  ? 26  LYS AAA HB2  1 
ATOM   268 H HB3  . LYS A 1 26 ? -4.689  5.027   1.870   0.000 35.560  ? 26  LYS AAA HB3  1 
ATOM   269 N N    . GLY A 1 27 ? -6.068  2.457   3.779   1.000 36.506  ? 27  GLY AAA N    1 
ATOM   270 C CA   . GLY A 1 27 ? -5.792  1.003   3.863   1.000 38.539  ? 27  GLY AAA CA   1 
ATOM   271 C C    . GLY A 1 27 ? -6.043  0.444   5.258   1.000 38.828  ? 27  GLY AAA C    1 
ATOM   272 O O    . GLY A 1 27 ? -6.862  0.993   6.016   1.000 40.094  ? 27  GLY AAA O    1 
ATOM   273 H H    . GLY A 1 27 ? -6.944  2.680   3.636   1.000 37.150  ? 27  GLY AAA H    1 
ATOM   274 H HA2  . GLY A 1 27 ? -6.371  0.530   3.214   1.000 38.390  ? 27  GLY AAA HA2  1 
ATOM   275 H HA3  . GLY A 1 27 ? -4.852  0.840   3.606   1.000 38.086  ? 27  GLY AAA HA3  1 
ATOM   276 N N    . PRO A 1 28 ? -5.331  -0.638  5.687   1.000 38.490  ? 28  PRO AAA N    1 
ATOM   277 C CA   . PRO A 1 28 ? -4.312  -1.335  4.907   1.000 37.325  ? 28  PRO AAA CA   1 
ATOM   278 C C    . PRO A 1 28 ? -4.859  -2.010  3.647   1.000 34.572  ? 28  PRO AAA C    1 
ATOM   279 O O    . PRO A 1 28 ? -6.069  -2.339  3.611   1.000 41.447  ? 28  PRO AAA O    1 
ATOM   280 C CB   . PRO A 1 28 ? -3.788  -2.419  5.866   1.000 37.954  ? 28  PRO AAA CB   1 
ATOM   281 C CG   . PRO A 1 28 ? -4.128  -1.907  7.238   1.000 37.455  ? 28  PRO AAA CG   1 
ATOM   282 C CD   . PRO A 1 28 ? -5.423  -1.161  7.053   1.000 37.040  ? 28  PRO AAA CD   1 
ATOM   283 H HA   . PRO A 1 28 ? -3.582  -0.707  4.680   1.000 37.240  ? 28  PRO AAA HA   1 
ATOM   284 H HB2  . PRO A 1 28 ? -4.230  -3.279  5.698   1.000 37.986  ? 28  PRO AAA HB2  1 
ATOM   285 H HB3  . PRO A 1 28 ? -2.819  -2.536  5.768   1.000 38.485  ? 28  PRO AAA HB3  1 
ATOM   286 H HG2  . PRO A 1 28 ? -4.236  -2.646  7.871   1.000 38.061  ? 28  PRO AAA HG2  1 
ATOM   287 H HG3  . PRO A 1 28 ? -3.427  -1.310  7.568   1.000 37.454  ? 28  PRO AAA HG3  1 
ATOM   288 H HD2  . PRO A 1 28 ? -6.188  -1.759  7.146   1.000 37.692  ? 28  PRO AAA HD2  1 
ATOM   289 H HD3  . PRO A 1 28 ? -5.507  -0.437  7.701   1.000 37.582  ? 28  PRO AAA HD3  1 
ATOM   290 N N    . GLN A 1 29 ? -4.007  -2.162  2.657   1.000 35.000  ? 29  GLN AAA N    1 
ATOM   291 C CA   . GLN A 1 29 ? -4.287  -2.852  1.385   1.000 33.722  ? 29  GLN AAA CA   1 
ATOM   292 C C    . GLN A 1 29 ? -3.211  -3.909  1.176   1.000 36.979  ? 29  GLN AAA C    1 
ATOM   293 O O    . GLN A 1 29 ? -2.007  -3.665  1.481   1.000 38.545  ? 29  GLN AAA O    1 
ATOM   294 C CB   . GLN A 1 29 ? -4.214  -1.926  0.162   1.000 36.954  ? 29  GLN AAA CB   1 
ATOM   295 C CG   . GLN A 1 29 ? -5.481  -1.192  -0.171  1.000 42.675  ? 29  GLN AAA CG   1 
ATOM   296 C CD   . GLN A 1 29 ? -6.681  -2.088  -0.353  1.000 46.689  ? 29  GLN AAA CD   1 
ATOM   297 O OE1  . GLN A 1 29 ? -6.612  -3.262  -0.755  1.000 48.147  ? 29  GLN AAA OE1  1 
ATOM   298 N NE2  . GLN A 1 29 ? -7.802  -1.494  -0.028  1.000 42.136  ? 29  GLN AAA NE2  1 
ATOM   299 H H    . GLN A 1 29 ? -3.156  -1.830  2.702   1.000 34.615  ? 29  GLN AAA H    1 
ATOM   300 H HA   . GLN A 1 29 ? -5.169  -3.282  1.433   1.000 34.539  ? 29  GLN AAA HA   1 
ATOM   301 H HB2  . GLN A 1 29 ? -3.503  -1.269  0.316   1.000 37.048  ? 29  GLN AAA HB2  1 
ATOM   302 H HB3  . GLN A 1 29 ? -3.953  -2.464  -0.616  1.000 37.306  ? 29  GLN AAA HB3  1 
ATOM   303 H HG2  . GLN A 1 29 ? -5.673  -0.551  0.549   1.000 42.380  ? 29  GLN AAA HG2  1 
ATOM   304 H HG3  . GLN A 1 29 ? -5.344  -0.678  -0.995  1.000 41.296  ? 29  GLN AAA HG3  1 
ATOM   305 H HE21 . GLN A 1 29 ? -8.641  -1.997  -0.165  0.000 41.223  ? 29  GLN AAA HE21 1 
ATOM   306 H HE22 . GLN A 1 29 ? -7.973  -0.688  0.261   0.000 41.223  ? 29  GLN AAA HE22 1 
ATOM   307 N N    . GLU A 1 30 ? -3.609  -5.020  0.588   1.000 37.913  ? 30  GLU AAA N    1 
ATOM   308 C CA   . GLU A 1 30 ? -2.667  -6.090  0.155   1.000 37.247  ? 30  GLU AAA CA   1 
ATOM   309 C C    . GLU A 1 30 ? -1.861  -5.616  -1.063  1.000 39.805  ? 30  GLU AAA C    1 
ATOM   310 O O    . GLU A 1 30 ? -2.454  -5.145  -2.055  1.000 42.410  ? 30  GLU AAA O    1 
ATOM   311 C CB   . GLU A 1 30 ? -3.420  -7.374  -0.144  1.000 41.440  ? 30  GLU AAA CB   1 
ATOM   312 C CG   . GLU A 1 30 ? -2.527  -8.549  -0.499  1.000 45.131  ? 30  GLU AAA CG   1 
ATOM   313 C CD   . GLU A 1 30 ? -3.355  -9.758  -0.853  1.000 50.996  ? 30  GLU AAA CD   1 
ATOM   314 O OE1  . GLU A 1 30 ? -4.573  -9.616  -1.029  1.000 50.657  ? 30  GLU AAA OE1  1 
ATOM   315 O OE2  . GLU A 1 30 ? -2.791  -10.809 -0.948  1.000 52.899  ? 30  GLU AAA OE2  1 
ATOM   316 H H    . GLU A 1 30 ? -4.488  -5.198  0.407   1.000 37.660  ? 30  GLU AAA H    1 
ATOM   317 H HA   . GLU A 1 30 ? -2.040  -6.261  0.897   1.000 39.072  ? 30  GLU AAA HA   1 
ATOM   318 H HB2  . GLU A 1 30 ? -3.959  -7.609  0.638   1.000 40.943  ? 30  GLU AAA HB2  1 
ATOM   319 H HB3  . GLU A 1 30 ? -4.032  -7.206  -0.890  1.000 41.759  ? 30  GLU AAA HB3  1 
ATOM   320 H HG2  . GLU A 1 30 ? -1.956  -8.316  -1.263  1.000 45.328  ? 30  GLU AAA HG2  1 
ATOM   321 H HG3  . GLU A 1 30 ? -1.948  -8.766  0.263   1.000 44.961  ? 30  GLU AAA HG3  1 
ATOM   322 N N    . ALA A 1 31 ? -0.535  -5.671  -0.964  1.000 44.464  ? 31  ALA AAA N    1 
ATOM   323 C CA   . ALA A 1 31 ? 0.377   -5.262  -2.056  1.000 44.152  ? 31  ALA AAA CA   1 
ATOM   324 C C    . ALA A 1 31 ? 0.254   -6.298  -3.172  1.000 47.826  ? 31  ALA AAA C    1 
ATOM   325 O O    . ALA A 1 31 ? 0.131   -7.519  -2.866  1.000 49.540  ? 31  ALA AAA O    1 
ATOM   326 C CB   . ALA A 1 31 ? 1.802   -5.094  -1.571  1.000 44.780  ? 31  ALA AAA CB   1 
ATOM   327 H H    . ALA A 1 31 ? -0.093  -5.966  -0.219  1.000 43.130  ? 31  ALA AAA H    1 
ATOM   328 H HA   . ALA A 1 31 ? 0.064   -4.395  -2.405  1.000 45.698  ? 31  ALA AAA HA   1 
ATOM   329 H HB1  . ALA A 1 31 ? 2.374   -4.853  -2.319  1.000 45.655  ? 31  ALA AAA HB1  1 
ATOM   330 H HB2  . ALA A 1 31 ? 1.836   -4.393  -0.899  1.000 44.960  ? 31  ALA AAA HB2  1 
ATOM   331 H HB3  . ALA A 1 31 ? 2.113   -5.930  -1.183  1.000 44.088  ? 31  ALA AAA HB3  1 
ATOM   332 N N    . LEU A 1 32 ? 0.191   -5.820  -4.417  1.000 49.676  ? 32  LEU AAA N    1 
ATOM   333 C CA   . LEU A 1 32 ? 0.052   -6.699  -5.598  1.000 45.901  ? 32  LEU AAA CA   1 
ATOM   334 C C    . LEU A 1 32 ? 1.442   -7.116  -6.031  1.000 56.348  ? 32  LEU AAA C    1 
ATOM   335 O O    . LEU A 1 32 ? 1.580   -8.208  -6.520  1.000 55.098  ? 32  LEU AAA O    1 
ATOM   336 C CB   . LEU A 1 32 ? -0.640  -5.959  -6.732  1.000 50.394  ? 32  LEU AAA CB   1 
ATOM   337 C CG   . LEU A 1 32 ? -2.077  -5.519  -6.468  1.000 52.276  ? 32  LEU AAA CG   1 
ATOM   338 C CD1  . LEU A 1 32 ? -2.637  -4.847  -7.690  1.000 52.033  ? 32  LEU AAA CD1  1 
ATOM   339 C CD2  . LEU A 1 32 ? -2.983  -6.680  -6.040  1.000 63.861  ? 32  LEU AAA CD2  1 
ATOM   340 H H    . LEU A 1 32 ? 0.227   -4.927  -4.610  1.000 48.789  ? 32  LEU AAA H    1 
ATOM   341 H HA   . LEU A 1 32 ? -0.464  -7.500  -5.348  1.000 48.227  ? 32  LEU AAA HA   1 
ATOM   342 H HB2  . LEU A 1 32 ? -0.110  -5.164  -6.947  1.000 49.239  ? 32  LEU AAA HB2  1 
ATOM   343 H HB3  . LEU A 1 32 ? -0.634  -6.536  -7.522  1.000 48.474  ? 32  LEU AAA HB3  1 
ATOM   344 H HG   . LEU A 1 32 ? -2.063  -4.857  -5.734  1.000 54.033  ? 32  LEU AAA HG   1 
ATOM   345 H HD11 . LEU A 1 32 ? -2.091  -4.075  -7.917  1.000 53.095  ? 32  LEU AAA HD11 1 
ATOM   346 H HD12 . LEU A 1 32 ? -3.549  -4.557  -7.514  1.000 51.686  ? 32  LEU AAA HD12 1 
ATOM   347 H HD13 . LEU A 1 32 ? -2.636  -5.474  -8.435  1.000 52.320  ? 32  LEU AAA HD13 1 
ATOM   348 H HD21 . LEU A 1 32 ? -2.914  -7.403  -6.687  1.000 61.597  ? 32  LEU AAA HD21 1 
ATOM   349 H HD22 . LEU A 1 32 ? -3.905  -6.373  -5.995  1.000 60.473  ? 32  LEU AAA HD22 1 
ATOM   350 H HD23 . LEU A 1 32 ? -2.707  -7.002  -5.164  1.000 62.430  ? 32  LEU AAA HD23 1 
ATOM   351 N N    . GLN A 1 33 ? 2.420   -6.231  -5.874  1.000 56.360  ? 33  GLN AAA N    1 
ATOM   352 C CA   . GLN A 1 33 ? 3.834   -6.588  -6.042  1.000 51.911  ? 33  GLN AAA CA   1 
ATOM   353 C C    . GLN A 1 33 ? 4.687   -5.631  -5.241  1.000 53.279  ? 33  GLN AAA C    1 
ATOM   354 O O    . GLN A 1 33 ? 4.205   -4.494  -4.970  1.000 51.737  ? 33  GLN AAA O    1 
ATOM   355 C CB   . GLN A 1 33 ? 4.230   -6.512  -7.509  1.000 62.528  ? 33  GLN AAA CB   1 
ATOM   356 C CG   . GLN A 1 33 ? 5.366   -7.460  -7.833  1.000 68.336  ? 33  GLN AAA CG   1 
ATOM   357 C CD   . GLN A 1 33 ? 5.304   -7.624  -9.314  1.000 71.955  ? 33  GLN AAA CD   1 
ATOM   358 O OE1  . GLN A 1 33 ? 6.121   -7.075  -10.037 1.000 80.408  ? 33  GLN AAA OE1  1 
ATOM   359 N NE2  . GLN A 1 33 ? 4.241   -8.275  -9.754  1.000 72.221  ? 33  GLN AAA NE2  1 
ATOM   360 H H    . GLN A 1 33 ? 2.272   -5.359  -5.651  1.000 55.618  ? 33  GLN AAA H    1 
ATOM   361 H HA   . GLN A 1 33 ? 3.974   -7.504  -5.711  1.000 54.086  ? 33  GLN AAA HA   1 
ATOM   362 H HB2  . GLN A 1 33 ? 3.448   -6.731  -8.057  1.000 61.020  ? 33  GLN AAA HB2  1 
ATOM   363 H HB3  . GLN A 1 33 ? 4.501   -5.593  -7.720  1.000 61.407  ? 33  GLN AAA HB3  1 
ATOM   364 H HG2  . GLN A 1 33 ? 6.228   -7.076  -7.563  1.000 68.841  ? 33  GLN AAA HG2  1 
ATOM   365 H HG3  . GLN A 1 33 ? 5.238   -8.324  -7.386  1.000 66.858  ? 33  GLN AAA HG3  1 
ATOM   366 H HE21 . GLN A 1 33 ? 4.540   -8.451  -10.843 0.000 74.125  ? 33  GLN AAA HE21 1 
ATOM   367 H HE22 . GLN A 1 33 ? 3.894   -8.646  -9.469  0.000 74.125  ? 33  GLN AAA HE22 1 
ATOM   368 N N    . GLU A 1 34 ? 5.900   -6.107  -4.927  1.000 61.825  ? 34  GLU AAA N    1 
ATOM   369 C CA   . GLU A 1 34 ? 6.993   -5.390  -4.212  1.000 70.318  ? 34  GLU AAA CA   1 
ATOM   370 C C    . GLU A 1 34 ? 8.241   -5.260  -5.113  1.000 63.835  ? 34  GLU AAA C    1 
ATOM   371 O O    . GLU A 1 34 ? 8.560   -6.188  -5.844  1.000 63.818  ? 34  GLU AAA O    1 
ATOM   372 C CB   . GLU A 1 34 ? 7.407   -6.186  -2.975  1.000 66.826  ? 34  GLU AAA CB   1 
ATOM   373 C CG   . GLU A 1 34 ? 6.261   -6.735  -2.177  1.000 68.668  ? 34  GLU AAA CG   1 
ATOM   374 C CD   . GLU A 1 34 ? 6.023   -5.904  -0.949  1.000 78.434  ? 34  GLU AAA CD   1 
ATOM   375 O OE1  . GLU A 1 34 ? 5.294   -6.355  -0.040  1.000 90.043  ? 34  GLU AAA OE1  1 
ATOM   376 O OE2  . GLU A 1 34 ? 6.589   -4.809  -0.933  1.000 77.688  ? 34  GLU AAA OE2  1 
ATOM   377 H H    . GLU A 1 34 ? 6.144   -6.960  -5.156  1.000 59.783  ? 34  GLU AAA H    1 
ATOM   378 H HA   . GLU A 1 34 ? 6.680   -4.495  -3.947  1.000 68.419  ? 34  GLU AAA HA   1 
ATOM   379 H HB2  . GLU A 1 34 ? 7.970   -6.934  -3.264  1.000 66.901  ? 34  GLU AAA HB2  1 
ATOM   380 H HB3  . GLU A 1 34 ? 7.953   -5.608  -2.404  1.000 67.934  ? 34  GLU AAA HB3  1 
ATOM   381 H HG2  . GLU A 1 34 ? 5.446   -6.737  -2.722  1.000 70.102  ? 34  GLU AAA HG2  1 
ATOM   382 H HG3  . GLU A 1 34 ? 6.455   -7.660  -1.912  1.000 69.841  ? 34  GLU AAA HG3  1 
ATOM   383 N N    . ALA A 1 35 ? 8.953   -4.144  -5.023  1.000 62.946  ? 35  ALA AAA N    1 
ATOM   384 C CA   . ALA A 1 35 ? 10.220  -3.878  -5.720  1.000 58.424  ? 35  ALA AAA CA   1 
ATOM   385 C C    . ALA A 1 35 ? 11.098  -3.102  -4.760  1.000 60.240  ? 35  ALA AAA C    1 
ATOM   386 O O    . ALA A 1 35 ? 10.600  -2.758  -3.671  1.000 60.055  ? 35  ALA AAA O    1 
ATOM   387 C CB   . ALA A 1 35 ? 9.944   -3.088  -6.969  1.000 69.345  ? 35  ALA AAA CB   1 
ATOM   388 H H    . ALA A 1 35 ? 8.690   -3.438  -4.502  1.000 63.115  ? 35  ALA AAA H    1 
ATOM   389 H HA   . ALA A 1 35 ? 10.657  -4.732  -5.950  1.000 60.871  ? 35  ALA AAA HA   1 
ATOM   390 H HB1  . ALA A 1 35 ? 10.778  -2.925  -7.440  1.000 65.027  ? 35  ALA AAA HB1  1 
ATOM   391 H HB2  . ALA A 1 35 ? 9.340   -3.588  -7.543  1.000 68.031  ? 35  ALA AAA HB2  1 
ATOM   392 H HB3  . ALA A 1 35 ? 9.534   -2.239  -6.731  1.000 67.827  ? 35  ALA AAA HB3  1 
ATOM   393 N N    . ALA A 1 36 ? 12.331  -2.805  -5.167  1.000 56.726  ? 36  ALA AAA N    1 
ATOM   394 C CA   . ALA A 1 36 ? 13.276  -2.030  -4.345  1.000 57.314  ? 36  ALA AAA CA   1 
ATOM   395 C C    . ALA A 1 36 ? 12.657  -0.652  -4.119  1.000 51.359  ? 36  ALA AAA C    1 
ATOM   396 O O    . ALA A 1 36 ? 12.314  0.027   -5.087  1.000 60.504  ? 36  ALA AAA O    1 
ATOM   397 C CB   . ALA A 1 36 ? 14.638  -1.937  -5.025  1.000 58.334  ? 36  ALA AAA CB   1 
ATOM   398 H H    . ALA A 1 36 ? 12.678  -3.065  -5.974  1.000 55.753  ? 36  ALA AAA H    1 
ATOM   399 H HA   . ALA A 1 36 ? 13.381  -2.480  -3.475  1.000 58.054  ? 36  ALA AAA HA   1 
ATOM   400 H HB1  . ALA A 1 36 ? 15.097  -0.996  -4.639  1.000 56.639  ? 36  ALA AAA HB1  1 
ATOM   401 H HB2  . ALA A 1 36 ? 15.117  -2.958  -4.825  1.000 58.270  ? 36  ALA AAA HB2  1 
ATOM   402 H HB3  . ALA A 1 36 ? 14.465  -1.847  -6.160  1.000 58.607  ? 36  ALA AAA HB3  1 
ATOM   403 N N    . GLY A 1 37 ? 12.445  -0.298  -2.872  1.000 49.163  ? 37  GLY AAA N    1 
ATOM   404 C CA   . GLY A 1 37 ? 11.949  1.039   -2.495  1.000 60.179  ? 37  GLY AAA CA   1 
ATOM   405 C C    . GLY A 1 37 ? 10.470  1.322   -2.756  1.000 58.198  ? 37  GLY AAA C    1 
ATOM   406 O O    . GLY A 1 37 ? 10.099  2.506   -2.551  1.000 58.093  ? 37  GLY AAA O    1 
ATOM   407 H H    . GLY A 1 37 ? 12.608  -0.858  -2.171  1.000 51.789  ? 37  GLY AAA H    1 
ATOM   408 H HA2  . GLY A 1 37 ? 12.129  1.174   -1.532  1.000 58.031  ? 37  GLY AAA HA2  1 
ATOM   409 H HA3  . GLY A 1 37 ? 12.486  1.715   -2.984  1.000 58.270  ? 37  GLY AAA HA3  1 
ATOM   410 N N    . ALA A 1 38 ? 9.630   0.359   -3.180  1.000 49.726  ? 38  ALA AAA N    1 
ATOM   411 C CA   . ALA A 1 38 ? 8.195   0.638   -3.452  1.000 49.141  ? 38  ALA AAA CA   1 
ATOM   412 C C    . ALA A 1 38 ? 7.337   -0.630  -3.440  1.000 43.964  ? 38  ALA AAA C    1 
ATOM   413 O O    . ALA A 1 38 ? 7.860   -1.717  -3.721  1.000 46.410  ? 38  ALA AAA O    1 
ATOM   414 C CB   . ALA A 1 38 ? 8.029   1.379   -4.762  1.000 46.101  ? 38  ALA AAA CB   1 
ATOM   415 H H    . ALA A 1 38 ? 9.870   -0.511  -3.332  1.000 50.837  ? 38  ALA AAA H    1 
ATOM   416 H HA   . ALA A 1 38 ? 7.869   1.221   -2.729  1.000 49.240  ? 38  ALA AAA HA   1 
ATOM   417 H HB1  . ALA A 1 38 ? 7.087   1.570   -4.910  1.000 47.124  ? 38  ALA AAA HB1  1 
ATOM   418 H HB2  . ALA A 1 38 ? 8.524   2.215   -4.729  1.000 46.452  ? 38  ALA AAA HB2  1 
ATOM   419 H HB3  . ALA A 1 38 ? 8.366   0.833   -5.491  1.000 45.710  ? 38  ALA AAA HB3  1 
ATOM   420 N N    . ALA A 1 39 ? 6.045   -0.476  -3.130  1.000 45.325  ? 39  ALA AAA N    1 
ATOM   421 C CA   . ALA A 1 39 ? 5.051   -1.562  -3.272  1.000 40.920  ? 39  ALA AAA CA   1 
ATOM   422 C C    . ALA A 1 39 ? 3.950   -1.108  -4.223  1.000 46.633  ? 39  ALA AAA C    1 
ATOM   423 O O    . ALA A 1 39 ? 3.617   0.122   -4.268  1.000 46.370  ? 39  ALA AAA O    1 
ATOM   424 C CB   . ALA A 1 39 ? 4.489   -1.949  -1.927  1.000 43.434  ? 39  ALA AAA CB   1 
ATOM   425 H H    . ALA A 1 39 ? 5.684   0.303   -2.817  1.000 45.064  ? 39  ALA AAA H    1 
ATOM   426 H HA   . ALA A 1 39 ? 5.498   -2.348  -3.666  1.000 41.443  ? 39  ALA AAA HA   1 
ATOM   427 H HB1  . ALA A 1 39 ? 3.828   -2.651  -2.040  1.000 41.564  ? 39  ALA AAA HB1  1 
ATOM   428 H HB2  . ALA A 1 39 ? 5.206   -2.269  -1.355  1.000 42.600  ? 39  ALA AAA HB2  1 
ATOM   429 H HB3  . ALA A 1 39 ? 4.069   -1.174  -1.515  1.000 42.869  ? 39  ALA AAA HB3  1 
ATOM   430 N N    . LEU A 1 40 ? 3.398   -2.057  -4.975  1.000 45.852  ? 40  LEU AAA N    1 
ATOM   431 C CA   . LEU A 1 40 ? 2.279   -1.760  -5.904  1.000 47.843  ? 40  LEU AAA CA   1 
ATOM   432 C C    . LEU A 1 40 ? 0.963   -1.942  -5.147  1.000 43.869  ? 40  LEU AAA C    1 
ATOM   433 O O    . LEU A 1 40 ? 0.599   -3.074  -4.795  1.000 46.414  ? 40  LEU AAA O    1 
ATOM   434 C CB   . LEU A 1 40 ? 2.361   -2.652  -7.138  1.000 45.957  ? 40  LEU AAA CB   1 
ATOM   435 C CG   . LEU A 1 40 ? 1.331   -2.351  -8.212  1.000 46.941  ? 40  LEU AAA CG   1 
ATOM   436 C CD1  . LEU A 1 40 ? 1.500   -0.956  -8.786  1.000 53.183  ? 40  LEU AAA CD1  1 
ATOM   437 C CD2  . LEU A 1 40 ? 1.451   -3.384  -9.300  1.000 50.469  ? 40  LEU AAA CD2  1 
ATOM   438 H H    . LEU A 1 40 ? 3.666   -2.931  -4.960  1.000 46.295  ? 40  LEU AAA H    1 
ATOM   439 H HA   . LEU A 1 40 ? 2.355   -0.822  -6.183  1.000 47.373  ? 40  LEU AAA HA   1 
ATOM   440 H HB2  . LEU A 1 40 ? 3.254   -2.563  -7.526  1.000 46.843  ? 40  LEU AAA HB2  1 
ATOM   441 H HB3  . LEU A 1 40 ? 2.252   -3.582  -6.855  1.000 45.708  ? 40  LEU AAA HB3  1 
ATOM   442 H HG   . LEU A 1 40 ? 0.428   -2.420  -7.813  1.000 45.732  ? 40  LEU AAA HG   1 
ATOM   443 H HD11 . LEU A 1 40 ? 1.317   -0.297  -8.096  1.000 51.930  ? 40  LEU AAA HD11 1 
ATOM   444 H HD12 . LEU A 1 40 ? 0.879   -0.831  -9.524  1.000 51.453  ? 40  LEU AAA HD12 1 
ATOM   445 H HD13 . LEU A 1 40 ? 2.412   -0.846  -9.107  1.000 52.991  ? 40  LEU AAA HD13 1 
ATOM   446 H HD21 . LEU A 1 40 ? 2.348   -3.360  -9.673  1.000 50.141  ? 40  LEU AAA HD21 1 
ATOM   447 H HD22 . LEU A 1 40 ? 0.803   -3.193  -10.001 1.000 49.454  ? 40  LEU AAA HD22 1 
ATOM   448 H HD23 . LEU A 1 40 ? 1.275   -4.267  -8.930  1.000 49.500  ? 40  LEU AAA HD23 1 
ATOM   449 N N    . ILE A 1 41 ? 0.297   -0.829  -4.901  1.000 44.817  ? 41  ILE AAA N    1 
ATOM   450 C CA   . ILE A 1 41 ? -0.900  -0.753  -4.030  1.000 46.176  ? 41  ILE AAA CA   1 
ATOM   451 C C    . ILE A 1 41 ? -2.108  -0.432  -4.888  1.000 45.660  ? 41  ILE AAA C    1 
ATOM   452 O O    . ILE A 1 41 ? -2.054  0.503   -5.660  1.000 46.645  ? 41  ILE AAA O    1 
ATOM   453 C CB   . ILE A 1 41 ? -0.728  0.313   -2.940  1.000 48.407  ? 41  ILE AAA CB   1 
ATOM   454 C CG1  . ILE A 1 41 ? 0.543   0.124   -2.093  1.000 47.847  ? 41  ILE AAA CG1  1 
ATOM   455 C CG2  . ILE A 1 41 ? -1.997  0.329   -2.114  1.000 43.996  ? 41  ILE AAA CG2  1 
ATOM   456 C CD1  . ILE A 1 41 ? 0.726   -1.274  -1.500  1.000 57.648  ? 41  ILE AAA CD1  1 
ATOM   457 H H    . ILE A 1 41 ? 0.537   -0.023  -5.260  1.000 43.488  ? 41  ILE AAA H    1 
ATOM   458 H HA   . ILE A 1 41 ? -1.034  -1.615  -3.603  1.000 46.954  ? 41  ILE AAA HA   1 
ATOM   459 H HB   . ILE A 1 41 ? -0.654  1.189   -3.391  1.000 47.497  ? 41  ILE AAA HB   1 
ATOM   460 H HG12 . ILE A 1 41 ? 1.322   0.330   -2.651  1.000 48.260  ? 41  ILE AAA HG12 1 
ATOM   461 H HG13 . ILE A 1 41 ? 0.525   0.774   -1.357  1.000 49.189  ? 41  ILE AAA HG13 1 
ATOM   462 H HG21 . ILE A 1 41 ? -2.733  0.674   -2.648  1.000 44.472  ? 41  ILE AAA HG21 1 
ATOM   463 H HG22 . ILE A 1 41 ? -1.870  0.898   -1.335  1.000 44.134  ? 41  ILE AAA HG22 1 
ATOM   464 H HG23 . ILE A 1 41 ? -2.208  -0.577  -1.822  1.000 44.837  ? 41  ILE AAA HG23 1 
ATOM   465 H HD11 . ILE A 1 41 ? -0.047  -1.500  -0.952  1.000 56.430  ? 41  ILE AAA HD11 1 
ATOM   466 H HD12 . ILE A 1 41 ? 1.527   -1.291  -0.948  1.000 55.608  ? 41  ILE AAA HD12 1 
ATOM   467 H HD13 . ILE A 1 41 ? 0.815   -1.924  -2.217  1.000 55.256  ? 41  ILE AAA HD13 1 
ATOM   468 N N    . PRO A 1 42 ? -3.232  -1.173  -4.763  1.000 46.588  ? 42  PRO AAA N    1 
ATOM   469 C CA   . PRO A 1 42 ? -4.492  -0.750  -5.361  1.000 44.015  ? 42  PRO AAA CA   1 
ATOM   470 C C    . PRO A 1 42 ? -4.961  0.561   -4.726  1.000 49.689  ? 42  PRO AAA C    1 
ATOM   471 O O    . PRO A 1 42 ? -5.088  0.587   -3.538  1.000 48.028  ? 42  PRO AAA O    1 
ATOM   472 C CB   . PRO A 1 42 ? -5.477  -1.876  -5.026  1.000 47.298  ? 42  PRO AAA CB   1 
ATOM   473 C CG   . PRO A 1 42 ? -4.614  -3.073  -4.681  1.000 46.551  ? 42  PRO AAA CG   1 
ATOM   474 C CD   . PRO A 1 42 ? -3.331  -2.498  -4.133  1.000 47.947  ? 42  PRO AAA CD   1 
ATOM   475 H HA   . PRO A 1 42 ? -4.392  -0.656  -6.341  1.000 45.218  ? 42  PRO AAA HA   1 
ATOM   476 H HB2  . PRO A 1 42 ? -6.045  -1.631  -4.266  1.000 47.049  ? 42  PRO AAA HB2  1 
ATOM   477 H HB3  . PRO A 1 42 ? -6.052  -2.074  -5.796  1.000 46.058  ? 42  PRO AAA HB3  1 
ATOM   478 H HG2  . PRO A 1 42 ? -5.055  -3.635  -4.013  1.000 47.051  ? 42  PRO AAA HG2  1 
ATOM   479 H HG3  . PRO A 1 42 ? -4.438  -3.613  -5.479  1.000 45.841  ? 42  PRO AAA HG3  1 
ATOM   480 H HD2  . PRO A 1 42 ? -3.370  -2.421  -3.161  1.000 46.963  ? 42  PRO AAA HD2  1 
ATOM   481 H HD3  . PRO A 1 42 ? -2.569  -3.056  -4.375  1.000 48.293  ? 42  PRO AAA HD3  1 
ATOM   482 N N    . VAL A 1 43 ? -5.166  1.606   -5.528  1.000 51.868  ? 43  VAL AAA N    1 
ATOM   483 C CA   . VAL A 1 43 ? -5.583  2.957   -5.053  1.000 52.785  ? 43  VAL AAA CA   1 
ATOM   484 C C    . VAL A 1 43 ? -6.976  3.313   -5.598  1.000 59.363  ? 43  VAL AAA C    1 
ATOM   485 O O    . VAL A 1 43 ? -7.527  4.321   -5.154  1.000 65.779  ? 43  VAL AAA O    1 
ATOM   486 C CB   . VAL A 1 43 ? -4.516  4.033   -5.387  1.000 58.526  ? 43  VAL AAA CB   1 
ATOM   487 C CG1  . VAL A 1 43 ? -3.116  3.688   -4.827  1.000 56.894  ? 43  VAL AAA CG1  1 
ATOM   488 C CG2  . VAL A 1 43 ? -4.449  4.366   -6.881  1.000 56.696  ? 43  VAL AAA CG2  1 
ATOM   489 H H    . VAL A 1 43 ? -5.035  1.560   -6.432  1.000 51.412  ? 43  VAL AAA H    1 
ATOM   490 H HA   . VAL A 1 43 ? -5.656  2.914   -4.083  1.000 53.851  ? 43  VAL AAA HA   1 
ATOM   491 H HB   . VAL A 1 43 ? -4.807  4.860   -4.928  1.000 56.831  ? 43  VAL AAA HB   1 
ATOM   492 H HG11 . VAL A 1 43 ? -3.178  3.525   -3.870  1.000 57.311  ? 43  VAL AAA HG11 1 
ATOM   493 H HG12 . VAL A 1 43 ? -2.509  4.431   -4.990  1.000 56.796  ? 43  VAL AAA HG12 1 
ATOM   494 H HG13 . VAL A 1 43 ? -2.776  2.892   -5.270  1.000 56.036  ? 43  VAL AAA HG13 1 
ATOM   495 H HG21 . VAL A 1 43 ? -4.246  3.558   -7.384  1.000 56.943  ? 43  VAL AAA HG21 1 
ATOM   496 H HG22 . VAL A 1 43 ? -3.752  5.027   -7.035  1.000 57.010  ? 43  VAL AAA HG22 1 
ATOM   497 H HG23 . VAL A 1 43 ? -5.305  4.723   -7.175  1.000 57.058  ? 43  VAL AAA HG23 1 
ATOM   498 N N    . SER A 1 44 ? -7.546  2.521   -6.504  1.000 58.548  ? 44  SER AAA N    1 
ATOM   499 C CA   . SER A 1 44 ? -8.926  2.686   -7.022  1.000 58.231  ? 44  SER AAA CA   1 
ATOM   500 C C    . SER A 1 44 ? -9.386  1.357   -7.614  1.000 58.552  ? 44  SER AAA C    1 
ATOM   501 O O    . SER A 1 44 ? -8.649  0.360   -7.606  1.000 58.348  ? 44  SER AAA O    1 
ATOM   502 C CB   . SER A 1 44 ? -8.999  3.810   -8.048  1.000 59.989  ? 44  SER AAA CB   1 
ATOM   503 O OG   . SER A 1 44 ? -8.193  3.501   -9.193  1.000 62.629  ? 44  SER AAA OG   1 
ATOM   504 H H    . SER A 1 44 ? -7.117  1.809   -6.884  1.000 58.119  ? 44  SER AAA H    1 
ATOM   505 H HA   . SER A 1 44 ? -9.520  2.914   -6.256  1.000 56.833  ? 44  SER AAA HA   1 
ATOM   506 H HB2  . SER A 1 44 ? -9.933  3.942   -8.328  1.000 60.764  ? 44  SER AAA HB2  1 
ATOM   507 H HB3  . SER A 1 44 ? -8.680  4.647   -7.639  1.000 61.202  ? 44  SER AAA HB3  1 
ATOM   508 H HG   . SER A 1 44 ? -8.150  4.152   -9.770  0.000 59.176  ? 44  SER AAA HG   1 
ATOM   509 N N    . ALA A 1 45 ? -10.589 1.341   -8.128  1.000 58.800  ? 45  ALA AAA N    1 
ATOM   510 C CA   . ALA A 1 45 ? -11.164 0.118   -8.672  1.000 58.889  ? 45  ALA AAA CA   1 
ATOM   511 C C    . ALA A 1 45 ? -10.448 -0.191  -9.969  1.000 64.046  ? 45  ALA AAA C    1 
ATOM   512 O O    . ALA A 1 45 ? -10.591 -1.305  -10.413 1.000 76.676  ? 45  ALA AAA O    1 
ATOM   513 C CB   . ALA A 1 45 ? -12.658 0.272   -8.872  1.000 69.634  ? 45  ALA AAA CB   1 
ATOM   514 H H    . ALA A 1 45 ? -11.151 2.063   -8.170  1.000 59.277  ? 45  ALA AAA H    1 
ATOM   515 H HA   . ALA A 1 45 ? -11.001 -0.618  -8.039  1.000 60.593  ? 45  ALA AAA HA   1 
ATOM   516 H HB1  . ALA A 1 45 ? -13.016 -0.535  -9.277  1.000 68.191  ? 45  ALA AAA HB1  1 
ATOM   517 H HB2  . ALA A 1 45 ? -13.087 0.420   -8.013  1.000 67.953  ? 45  ALA AAA HB2  1 
ATOM   518 H HB3  . ALA A 1 45 ? -12.833 1.030   -9.455  1.000 67.925  ? 45  ALA AAA HB3  1 
ATOM   519 N N    . SER A 1 46 ? -9.755  0.764   -10.581 1.000 62.713  ? 46  SER AAA N    1 
ATOM   520 C CA   . SER A 1 46 ? -9.139  0.536   -11.915 1.000 67.382  ? 46  SER AAA CA   1 
ATOM   521 C C    . SER A 1 46 ? -7.643  0.892   -11.948 1.000 62.139  ? 46  SER AAA C    1 
ATOM   522 O O    . SER A 1 46 ? -7.029  0.892   -13.033 1.000 60.869  ? 46  SER AAA O    1 
ATOM   523 C CB   . SER A 1 46 ? -9.885  1.317   -12.945 1.000 70.648  ? 46  SER AAA CB   1 
ATOM   524 O OG   . SER A 1 46 ? -9.240  2.573   -13.104 1.000 69.563  ? 46  SER AAA OG   1 
ATOM   525 H H    . SER A 1 46 ? -9.621  1.608   -10.257 1.000 65.077  ? 46  SER AAA H    1 
ATOM   526 H HA   . SER A 1 46 ? -9.226  -0.429  -12.135 1.000 66.748  ? 46  SER AAA HA   1 
ATOM   527 H HB2  . SER A 1 46 ? -9.888  0.825   -13.800 1.000 70.896  ? 46  SER AAA HB2  1 
ATOM   528 H HB3  . SER A 1 46 ? -10.820 1.454   -12.653 1.000 72.774  ? 46  SER AAA HB3  1 
ATOM   529 H HG   . SER A 1 46 ? -9.633  3.071   -13.778 0.000 63.315  ? 46  SER AAA HG   1 
ATOM   530 N N    . SER A 1 47 ? -7.026  1.200   -10.826 1.000 54.580  ? 47  SER AAA N    1 
ATOM   531 C CA   . SER A 1 47 ? -5.638  1.681   -10.879 1.000 54.547  ? 47  SER AAA CA   1 
ATOM   532 C C    . SER A 1 47 ? -4.836  1.204   -9.671  1.000 52.105  ? 47  SER AAA C    1 
ATOM   533 O O    . SER A 1 47 ? -5.399  1.001   -8.592  1.000 46.413  ? 47  SER AAA O    1 
ATOM   534 C CB   . SER A 1 47 ? -5.631  3.172   -11.059 1.000 63.521  ? 47  SER AAA CB   1 
ATOM   535 O OG   . SER A 1 47 ? -4.406  3.724   -10.619 1.000 70.569  ? 47  SER AAA OG   1 
ATOM   536 H H    . SER A 1 47 ? -7.372  1.135   -9.982  1.000 55.410  ? 47  SER AAA H    1 
ATOM   537 H HA   . SER A 1 47 ? -5.216  1.281   -11.686 1.000 54.496  ? 47  SER AAA HA   1 
ATOM   538 H HB2  . SER A 1 47 ? -5.761  3.385   -12.012 1.000 63.735  ? 47  SER AAA HB2  1 
ATOM   539 H HB3  . SER A 1 47 ? -6.370  3.569   -10.554 1.000 62.526  ? 47  SER AAA HB3  1 
ATOM   540 H HG   . SER A 1 47 ? -4.295  4.512   -10.750 0.000 68.248  ? 47  SER AAA HG   1 
ATOM   541 N N    . ALA A 1 48 ? -3.537  0.992   -9.895  1.000 50.455  ? 48  ALA AAA N    1 
ATOM   542 C CA   . ALA A 1 48 ? -2.549  0.752   -8.831  1.000 44.188  ? 48  ALA AAA CA   1 
ATOM   543 C C    . ALA A 1 48 ? -1.304  1.619   -9.058  1.000 47.640  ? 48  ALA AAA C    1 
ATOM   544 O O    . ALA A 1 48 ? -0.925  2.005   -10.210 1.000 47.089  ? 48  ALA AAA O    1 
ATOM   545 C CB   . ALA A 1 48 ? -2.234  -0.704  -8.757  1.000 44.969  ? 48  ALA AAA CB   1 
ATOM   546 H H    . ALA A 1 48 ? -3.166  0.981   -10.731 1.000 48.213  ? 48  ALA AAA H    1 
ATOM   547 H HA   . ALA A 1 48 ? -2.955  1.023   -7.975  1.000 46.425  ? 48  ALA AAA HA   1 
ATOM   548 H HB1  . ALA A 1 48 ? -1.622  -0.868  -8.021  1.000 45.102  ? 48  ALA AAA HB1  1 
ATOM   549 H HB2  . ALA A 1 48 ? -3.054  -1.208  -8.614  1.000 44.849  ? 48  ALA AAA HB2  1 
ATOM   550 H HB3  . ALA A 1 48 ? -1.822  -0.990  -9.590  1.000 44.212  ? 48  ALA AAA HB3  1 
ATOM   551 N N    . GLN A 1 49 ? -0.675  1.932   -7.950  1.000 54.463  ? 49  GLN AAA N    1 
ATOM   552 C CA   . GLN A 1 49 ? 0.411   2.913   -7.905  1.000 54.031  ? 49  GLN AAA CA   1 
ATOM   553 C C    . GLN A 1 49 ? 1.549   2.275   -7.119  1.000 55.047  ? 49  GLN AAA C    1 
ATOM   554 O O    . GLN A 1 49 ? 1.295   1.515   -6.139  1.000 52.794  ? 49  GLN AAA O    1 
ATOM   555 C CB   . GLN A 1 49 ? -0.098  4.216   -7.306  1.000 60.958  ? 49  GLN AAA CB   1 
ATOM   556 C CG   . GLN A 1 49 ? 0.870   5.365   -7.531  1.000 74.806  ? 49  GLN AAA CG   1 
ATOM   557 C CD   . GLN A 1 49 ? 0.178   6.687   -7.344  1.000 79.332  ? 49  GLN AAA CD   1 
ATOM   558 O OE1  . GLN A 1 49 ? -1.047  6.743   -7.196  1.000 75.942  ? 49  GLN AAA OE1  1 
ATOM   559 N NE2  . GLN A 1 49 ? 0.960   7.754   -7.339  1.000 92.184  ? 49  GLN AAA NE2  1 
ATOM   560 H H    . GLN A 1 49 ? -0.878  1.556   -7.141  1.000 53.521  ? 49  GLN AAA H    1 
ATOM   561 H HA   . GLN A 1 49 ? 0.718   3.085   -8.825  1.000 53.311  ? 49  GLN AAA HA   1 
ATOM   562 H HB2  . GLN A 1 49 ? -0.964  4.431   -7.712  1.000 60.914  ? 49  GLN AAA HB2  1 
ATOM   563 H HB3  . GLN A 1 49 ? -0.235  4.090   -6.344  1.000 62.314  ? 49  GLN AAA HB3  1 
ATOM   564 H HG2  . GLN A 1 49 ? 1.616   5.294   -6.898  1.000 74.395  ? 49  GLN AAA HG2  1 
ATOM   565 H HG3  . GLN A 1 49 ? 1.234   5.314   -8.440  1.000 71.744  ? 49  GLN AAA HG3  1 
ATOM   566 H HE21 . GLN A 1 49 ? 0.706   8.610   -7.687  0.000 78.215  ? 49  GLN AAA HE21 1 
ATOM   567 H HE22 . GLN A 1 49 ? 1.875   7.686   -8.036  0.000 78.215  ? 49  GLN AAA HE22 1 
ATOM   568 N N    . TRP A 1 50 ? 2.753   2.520   -7.612  1.000 53.815  ? 50  TRP AAA N    1 
ATOM   569 C CA   . TRP A 1 50 ? 4.023   2.199   -6.944  1.000 51.440  ? 50  TRP AAA CA   1 
ATOM   570 C C    . TRP A 1 50 ? 4.253   3.260   -5.865  1.000 55.500  ? 50  TRP AAA C    1 
ATOM   571 O O    . TRP A 1 50 ? 4.496   4.436   -6.204  1.000 50.471  ? 50  TRP AAA O    1 
ATOM   572 C CB   . TRP A 1 50 ? 5.147   2.139   -7.978  1.000 56.456  ? 50  TRP AAA CB   1 
ATOM   573 C CG   . TRP A 1 50 ? 5.086   0.934   -8.851  1.000 54.237  ? 50  TRP AAA CG   1 
ATOM   574 C CD1  . TRP A 1 50 ? 4.695   0.872   -10.159 1.000 62.296  ? 50  TRP AAA CD1  1 
ATOM   575 C CD2  . TRP A 1 50 ? 5.502   -0.380  -8.482  1.000 54.341  ? 50  TRP AAA CD2  1 
ATOM   576 N NE1  . TRP A 1 50 ? 4.819   -0.409  -10.628 1.000 63.516  ? 50  TRP AAA NE1  1 
ATOM   577 C CE2  . TRP A 1 50 ? 5.302   -1.201  -9.611  1.000 61.983  ? 50  TRP AAA CE2  1 
ATOM   578 C CE3  . TRP A 1 50 ? 6.020   -0.932  -7.304  1.000 52.724  ? 50  TRP AAA CE3  1 
ATOM   579 C CZ2  . TRP A 1 50 ? 5.617   -2.563  -9.598  1.000 60.785  ? 50  TRP AAA CZ2  1 
ATOM   580 C CZ3  . TRP A 1 50 ? 6.310   -2.281  -7.291  1.000 55.021  ? 50  TRP AAA CZ3  1 
ATOM   581 C CH2  . TRP A 1 50 ? 6.090   -3.086  -8.412  1.000 56.934  ? 50  TRP AAA CH2  1 
ATOM   582 H H    . TRP A 1 50 ? 2.872   2.924   -8.425  1.000 51.987  ? 50  TRP AAA H    1 
ATOM   583 H HA   . TRP A 1 50 ? 3.937   1.314   -6.523  1.000 53.540  ? 50  TRP AAA HA   1 
ATOM   584 H HB2  . TRP A 1 50 ? 5.104   2.945   -8.533  1.000 55.724  ? 50  TRP AAA HB2  1 
ATOM   585 H HB3  . TRP A 1 50 ? 6.003   2.148   -7.501  1.000 56.839  ? 50  TRP AAA HB3  1 
ATOM   586 H HD1  . TRP A 1 50 ? 4.370   1.598   -10.665 1.000 62.365  ? 50  TRP AAA HD1  1 
ATOM   587 H HE1  . TRP A 1 50 ? 4.603   -0.683  -11.433 1.000 64.450  ? 50  TRP AAA HE1  1 
ATOM   588 H HE3  . TRP A 1 50 ? 6.151   -0.400  -6.537  1.000 55.225  ? 50  TRP AAA HE3  1 
ATOM   589 H HZ2  . TRP A 1 50 ? 5.472   -3.105  -10.357 1.000 61.768  ? 50  TRP AAA HZ2  1 
ATOM   590 H HZ3  . TRP A 1 50 ? 6.646   -2.673  -6.500  1.000 54.691  ? 50  TRP AAA HZ3  1 
ATOM   591 H HH2  . TRP A 1 50 ? 6.313   -3.999  -8.371  1.000 59.604  ? 50  TRP AAA HH2  1 
ATOM   592 N N    . ILE A 1 51 ? 4.071   2.863   -4.610  1.000 50.440  ? 51  ILE AAA N    1 
ATOM   593 C CA   . ILE A 1 51 ? 4.192   3.766   -3.440  1.000 52.408  ? 51  ILE AAA CA   1 
ATOM   594 C C    . ILE A 1 51 ? 5.557   3.512   -2.843  1.000 49.772  ? 51  ILE AAA C    1 
ATOM   595 O O    . ILE A 1 51 ? 5.874   2.375   -2.494  1.000 48.629  ? 51  ILE AAA O    1 
ATOM   596 C CB   . ILE A 1 51 ? 3.111   3.554   -2.366  1.000 51.227  ? 51  ILE AAA CB   1 
ATOM   597 C CG1  . ILE A 1 51 ? 1.699   3.426   -2.935  1.000 56.814  ? 51  ILE AAA CG1  1 
ATOM   598 C CG2  . ILE A 1 51 ? 3.222   4.668   -1.335  1.000 48.473  ? 51  ILE AAA CG2  1 
ATOM   599 C CD1  . ILE A 1 51 ? 1.190   4.712   -3.528  1.000 57.235  ? 51  ILE AAA CD1  1 
ATOM   600 H H    . ILE A 1 51 ? 3.848   2.002   -4.390  1.000 53.097  ? 51  ILE AAA H    1 
ATOM   601 H HA   . ILE A 1 51 ? 4.143   4.684   -3.751  1.000 51.422  ? 51  ILE AAA HA   1 
ATOM   602 H HB   . ILE A 1 51 ? 3.318   2.703   -1.906  1.000 52.571  ? 51  ILE AAA HB   1 
ATOM   603 H HG12 . ILE A 1 51 ? 1.694   2.733   -3.629  1.000 55.460  ? 51  ILE AAA HG12 1 
ATOM   604 H HG13 . ILE A 1 51 ? 1.091   3.144   -2.220  1.000 58.588  ? 51  ILE AAA HG13 1 
ATOM   605 H HG21 . ILE A 1 51 ? 4.083   4.615   -0.886  1.000 49.184  ? 51  ILE AAA HG21 1 
ATOM   606 H HG22 . ILE A 1 51 ? 2.511   4.574   -0.677  1.000 48.578  ? 51  ILE AAA HG22 1 
ATOM   607 H HG23 . ILE A 1 51 ? 3.141   5.533   -1.774  1.000 49.087  ? 51  ILE AAA HG23 1 
ATOM   608 H HD11 . ILE A 1 51 ? 1.070   5.373   -2.824  1.000 56.528  ? 51  ILE AAA HD11 1 
ATOM   609 H HD12 . ILE A 1 51 ? 0.337   4.552   -3.968  1.000 57.604  ? 51  ILE AAA HD12 1 
ATOM   610 H HD13 . ILE A 1 51 ? 1.831   5.047   -4.179  1.000 56.178  ? 51  ILE AAA HD13 1 
ATOM   611 N N    . PRO A 1 52 ? 6.352   4.581   -2.665  1.000 49.032  ? 52  PRO AAA N    1 
ATOM   612 C CA   . PRO A 1 52 ? 7.653   4.440   -2.040  1.000 47.342  ? 52  PRO AAA CA   1 
ATOM   613 C C    . PRO A 1 52 ? 7.451   4.070   -0.565  1.000 46.442  ? 52  PRO AAA C    1 
ATOM   614 O O    . PRO A 1 52 ? 6.416   4.455   0.011   1.000 46.078  ? 52  PRO AAA O    1 
ATOM   615 C CB   . PRO A 1 52 ? 8.292   5.814   -2.210  1.000 47.441  ? 52  PRO AAA CB   1 
ATOM   616 C CG   . PRO A 1 52 ? 7.119   6.751   -2.255  1.000 48.408  ? 52  PRO AAA CG   1 
ATOM   617 C CD   . PRO A 1 52 ? 6.019   5.994   -2.964  1.000 54.589  ? 52  PRO AAA CD   1 
ATOM   618 H HA   . PRO A 1 52 ? 8.183   3.750   -2.512  1.000 46.146  ? 52  PRO AAA HA   1 
ATOM   619 H HB2  . PRO A 1 52 ? 8.879   6.025   -1.455  1.000 47.854  ? 52  PRO AAA HB2  1 
ATOM   620 H HB3  . PRO A 1 52 ? 8.812   5.861   -3.041  1.000 46.763  ? 52  PRO AAA HB3  1 
ATOM   621 H HG2  . PRO A 1 52 ? 6.841   6.999   -1.350  1.000 48.610  ? 52  PRO AAA HG2  1 
ATOM   622 H HG3  . PRO A 1 52 ? 7.349   7.568   -2.747  1.000 49.027  ? 52  PRO AAA HG3  1 
ATOM   623 H HD2  . PRO A 1 52 ? 5.144   6.236   -2.611  1.000 53.430  ? 52  PRO AAA HD2  1 
ATOM   624 H HD3  . PRO A 1 52 ? 6.036   6.164   -3.924  1.000 51.947  ? 52  PRO AAA HD3  1 
ATOM   625 N N    . TRP A 1 53 ? 8.457   3.376   -0.011  1.000 47.672  ? 53  TRP AAA N    1 
ATOM   626 C CA   . TRP A 1 53 ? 8.470   2.874   1.383   1.000 50.499  ? 53  TRP AAA CA   1 
ATOM   627 C C    . TRP A 1 53 ? 8.171   3.993   2.388   1.000 56.864  ? 53  TRP AAA C    1 
ATOM   628 O O    . TRP A 1 53 ? 7.531   3.692   3.403   1.000 54.558  ? 53  TRP AAA O    1 
ATOM   629 C CB   . TRP A 1 53 ? 9.792   2.179   1.711   1.000 53.652  ? 53  TRP AAA CB   1 
ATOM   630 C CG   . TRP A 1 53 ? 9.949   0.866   1.021   1.000 56.583  ? 53  TRP AAA CG   1 
ATOM   631 C CD1  . TRP A 1 53 ? 8.976   0.121   0.402   1.000 59.671  ? 53  TRP AAA CD1  1 
ATOM   632 C CD2  . TRP A 1 53 ? 11.171  0.121   0.936   1.000 63.759  ? 53  TRP AAA CD2  1 
ATOM   633 N NE1  . TRP A 1 53 ? 9.529   -1.018  -0.117  1.000 58.895  ? 53  TRP AAA NE1  1 
ATOM   634 C CE2  . TRP A 1 53 ? 10.866  -1.053  0.220   1.000 66.966  ? 53  TRP AAA CE2  1 
ATOM   635 C CE3  . TRP A 1 53 ? 12.483  0.327   1.402   1.000 70.949  ? 53  TRP AAA CE3  1 
ATOM   636 C CZ2  . TRP A 1 53 ? 11.849  -2.014  -0.037  1.000 71.856  ? 53  TRP AAA CZ2  1 
ATOM   637 C CZ3  . TRP A 1 53 ? 13.454  -0.621  1.138   1.000 72.179  ? 53  TRP AAA CZ3  1 
ATOM   638 C CH2  . TRP A 1 53 ? 13.131  -1.781  0.429   1.000 75.053  ? 53  TRP AAA CH2  1 
ATOM   639 H H    . TRP A 1 53 ? 9.222   3.171   -0.474  1.000 47.331  ? 53  TRP AAA H    1 
ATOM   640 H HA   . TRP A 1 53 ? 7.754   2.201   1.458   1.000 49.373  ? 53  TRP AAA HA   1 
ATOM   641 H HB2  . TRP A 1 53 ? 10.528  2.772   1.451   1.000 52.990  ? 53  TRP AAA HB2  1 
ATOM   642 H HB3  . TRP A 1 53 ? 9.841   2.043   2.680   1.000 54.414  ? 53  TRP AAA HB3  1 
ATOM   643 H HD1  . TRP A 1 53 ? 8.078   0.383   0.283   1.000 59.013  ? 53  TRP AAA HD1  1 
ATOM   644 H HE1  . TRP A 1 53 ? 9.094   -1.635  -0.551  1.000 60.672  ? 53  TRP AAA HE1  1 
ATOM   645 H HE3  . TRP A 1 53 ? 12.699  1.110   1.882   1.000 68.501  ? 53  TRP AAA HE3  1 
ATOM   646 H HZ2  . TRP A 1 53 ? 11.642  -2.796  -0.521  1.000 72.818  ? 53  TRP AAA HZ2  1 
ATOM   647 H HZ3  . TRP A 1 53 ? 14.338  -0.486  1.439   1.000 69.103  ? 53  TRP AAA HZ3  1 
ATOM   648 H HH2  . TRP A 1 53 ? 13.805  -2.413  0.250   1.000 73.461  ? 53  TRP AAA HH2  1 
ATOM   649 N N    . ARG A 1 54 ? 8.675   5.212   2.172   1.000 54.599  ? 54  ARG AAA N    1 
ATOM   650 C CA   . ARG A 1 54 ? 8.521   6.286   3.161   1.000 54.071  ? 54  ARG AAA CA   1 
ATOM   651 C C    . ARG A 1 54 ? 7.026   6.604   3.294   1.000 55.784  ? 54  ARG AAA C    1 
ATOM   652 O O    . ARG A 1 54 ? 6.673   7.104   4.327   1.000 54.686  ? 54  ARG AAA O    1 
ATOM   653 C CB   . ARG A 1 54 ? 9.389   7.501   2.812   1.000 64.737  ? 54  ARG AAA CB   1 
ATOM   654 C CG   . ARG A 1 54 ? 8.909   8.273   1.599   1.000 63.253  ? 54  ARG AAA CG   1 
ATOM   655 C CD   . ARG A 1 54 ? 9.667   9.571   1.444   1.000 71.682  ? 54  ARG AAA CD   1 
ATOM   656 N NE   . ARG A 1 54 ? 8.857   10.343  0.531   1.000 73.790  ? 54  ARG AAA NE   1 
ATOM   657 C CZ   . ARG A 1 54 ? 8.857   10.147  -0.780  1.000 81.641  ? 54  ARG AAA CZ   1 
ATOM   658 N NH1  . ARG A 1 54 ? 9.699   9.268   -1.335  1.000 83.182  ? 54  ARG AAA NH1  1 
ATOM   659 N NH2  . ARG A 1 54 ? 8.029   10.861  -1.533  1.000 92.285  ? 54  ARG AAA NH2  1 
ATOM   660 H H    . ARG A 1 54 ? 9.141   5.440   1.419   1.000 55.081  ? 54  ARG AAA H    1 
ATOM   661 H HA   . ARG A 1 54 ? 8.831   5.934   4.028   1.000 55.331  ? 54  ARG AAA HA   1 
ATOM   662 H HB2  . ARG A 1 54 ? 9.407   8.103   3.585   1.000 63.771  ? 54  ARG AAA HB2  1 
ATOM   663 H HB3  . ARG A 1 54 ? 10.305  7.194   2.649   1.000 64.412  ? 54  ARG AAA HB3  1 
ATOM   664 H HG2  . ARG A 1 54 ? 9.025   7.728   0.792   1.000 65.057  ? 54  ARG AAA HG2  1 
ATOM   665 H HG3  . ARG A 1 54 ? 7.954   8.473   1.696   1.000 63.217  ? 54  ARG AAA HG3  1 
ATOM   666 H HD2  . ARG A 1 54 ? 9.753   10.027  2.306   1.000 73.425  ? 54  ARG AAA HD2  1 
ATOM   667 H HD3  . ARG A 1 54 ? 10.560  9.408   1.074   1.000 71.366  ? 54  ARG AAA HD3  1 
ATOM   668 H HE   . ARG A 1 54 ? 8.273   10.906  0.864   1.000 82.709  ? 54  ARG AAA HE   1 
ATOM   669 H HH11 . ARG A 1 54 ? 10.240  8.787   -0.837  1.000 86.388  ? 54  ARG AAA HH11 1 
ATOM   670 H HH12 . ARG A 1 54 ? 9.700   9.162   -2.210  1.000 90.586  ? 54  ARG AAA HH12 1 
ATOM   671 H HH21 . ARG A 1 54 ? 7.486   11.450  -1.161  1.000 96.085  ? 54  ARG AAA HH21 1 
ATOM   672 H HH22 . ARG A 1 54 ? 8.044   10.763  -2.411  1.000 96.794  ? 54  ARG AAA HH22 1 
ATOM   673 N N    . LEU A 1 55 ? 6.180   6.288   2.313   1.000 50.843  ? 55  LEU AAA N    1 
ATOM   674 C CA   . LEU A 1 55 ? 4.711   6.507   2.414   1.000 48.609  ? 55  LEU AAA CA   1 
ATOM   675 C C    . LEU A 1 55 ? 3.922   5.223   2.724   1.000 51.167  ? 55  LEU AAA C    1 
ATOM   676 O O    . LEU A 1 55 ? 2.691   5.178   2.449   1.000 48.386  ? 55  LEU AAA O    1 
ATOM   677 C CB   . LEU A 1 55 ? 4.262   7.191   1.128   1.000 47.883  ? 55  LEU AAA CB   1 
ATOM   678 C CG   . LEU A 1 55 ? 4.917   8.552   0.921   1.000 51.269  ? 55  LEU AAA CG   1 
ATOM   679 C CD1  . LEU A 1 55 ? 4.598   9.049   -0.468  1.000 57.597  ? 55  LEU AAA CD1  1 
ATOM   680 C CD2  . LEU A 1 55 ? 4.496   9.578   1.967   1.000 53.257  ? 55  LEU AAA CD2  1 
ATOM   681 H H    . LEU A 1 55 ? 6.451   5.931   1.516   1.000 52.221  ? 55  LEU AAA H    1 
ATOM   682 H HA   . LEU A 1 55 ? 4.558   7.128   3.160   1.000 45.441  ? 55  LEU AAA HA   1 
ATOM   683 H HB2  . LEU A 1 55 ? 4.482   6.612   0.371   1.000 50.432  ? 55  LEU AAA HB2  1 
ATOM   684 H HB3  . LEU A 1 55 ? 3.291   7.304   1.151   1.000 46.640  ? 55  LEU AAA HB3  1 
ATOM   685 H HG   . LEU A 1 55 ? 5.896   8.434   0.985   1.000 53.152  ? 55  LEU AAA HG   1 
ATOM   686 H HD11 . LEU A 1 55 ? 5.021   8.468   -1.124  1.000 58.361  ? 55  LEU AAA HD11 1 
ATOM   687 H HD12 . LEU A 1 55 ? 4.936   9.956   -0.572  1.000 55.865  ? 55  LEU AAA HD12 1 
ATOM   688 H HD13 . LEU A 1 55 ? 3.635   9.041   -0.598  1.000 56.658  ? 55  LEU AAA HD13 1 
ATOM   689 H HD21 . LEU A 1 55 ? 3.526   9.673   1.955   1.000 53.209  ? 55  LEU AAA HD21 1 
ATOM   690 H HD22 . LEU A 1 55 ? 4.908   10.436  1.763   1.000 53.510  ? 55  LEU AAA HD22 1 
ATOM   691 H HD23 . LEU A 1 55 ? 4.783   9.282   2.849   1.000 52.599  ? 55  LEU AAA HD23 1 
ATOM   692 N N    . LEU A 1 56 ? 4.589   4.236   3.323   1.000 45.610  ? 56  LEU AAA N    1 
ATOM   693 C CA   . LEU A 1 56 ? 3.985   2.943   3.706   1.000 45.007  ? 56  LEU AAA CA   1 
ATOM   694 C C    . LEU A 1 56 ? 4.231   2.645   5.176   1.000 43.803  ? 56  LEU AAA C    1 
ATOM   695 O O    . LEU A 1 56 ? 5.260   3.048   5.734   1.000 46.122  ? 56  LEU AAA O    1 
ATOM   696 C CB   . LEU A 1 56 ? 4.555   1.789   2.886   1.000 44.831  ? 56  LEU AAA CB   1 
ATOM   697 C CG   . LEU A 1 56 ? 4.276   1.860   1.395   1.000 41.514  ? 56  LEU AAA CG   1 
ATOM   698 C CD1  . LEU A 1 56 ? 4.944   0.678   0.715   1.000 42.050  ? 56  LEU AAA CD1  1 
ATOM   699 C CD2  . LEU A 1 56 ? 2.774   1.856   1.165   1.000 42.512  ? 56  LEU AAA CD2  1 
ATOM   700 H H    . LEU A 1 56 ? 5.474   4.302   3.539   1.000 46.708  ? 56  LEU AAA H    1 
ATOM   701 H HA   . LEU A 1 56 ? 3.017   3.000   3.560   1.000 45.344  ? 56  LEU AAA HA   1 
ATOM   702 H HB2  . LEU A 1 56 ? 5.524   1.763   3.019   1.000 43.974  ? 56  LEU AAA HB2  1 
ATOM   703 H HB3  . LEU A 1 56 ? 4.187   0.952   3.231   1.000 44.152  ? 56  LEU AAA HB3  1 
ATOM   704 H HG   . LEU A 1 56 ? 4.656   2.699   1.035   1.000 42.795  ? 56  LEU AAA HG   1 
ATOM   705 H HD11 . LEU A 1 56 ? 5.902   0.703   0.888   1.000 42.982  ? 56  LEU AAA HD11 1 
ATOM   706 H HD12 . LEU A 1 56 ? 4.785   0.721   -0.243  1.000 42.046  ? 56  LEU AAA HD12 1 
ATOM   707 H HD13 . LEU A 1 56 ? 4.574   -0.151  1.068   1.000 41.508  ? 56  LEU AAA HD13 1 
ATOM   708 H HD21 . LEU A 1 56 ? 2.374   1.107   1.643   1.000 42.101  ? 56  LEU AAA HD21 1 
ATOM   709 H HD22 . LEU A 1 56 ? 2.592   1.765   0.212   1.000 43.197  ? 56  LEU AAA HD22 1 
ATOM   710 H HD23 . LEU A 1 56 ? 2.391   2.689   1.487   1.000 42.271  ? 56  LEU AAA HD23 1 
ATOM   711 N N    . LYS A 1 57 ? 3.273   1.929   5.754   1.000 41.665  ? 57  LYS AAA N    1 
ATOM   712 C CA   . LYS A 1 57 ? 3.459   1.311   7.082   1.000 46.023  ? 57  LYS AAA CA   1 
ATOM   713 C C    . LYS A 1 57 ? 2.973   -0.131  6.970   1.000 44.651  ? 57  LYS AAA C    1 
ATOM   714 O O    . LYS A 1 57 ? 1.838   -0.344  6.519   1.000 46.416  ? 57  LYS AAA O    1 
ATOM   715 C CB   . LYS A 1 57 ? 2.743   2.085   8.205   1.000 43.526  ? 57  LYS AAA CB   1 
ATOM   716 C CG   . LYS A 1 57 ? 3.231   3.494   8.492   1.000 49.831  ? 57  LYS AAA CG   1 
ATOM   717 C CD   . LYS A 1 57 ? 4.532   3.577   9.244   1.000 50.009  ? 57  LYS AAA CD   1 
ATOM   718 C CE   . LYS A 1 57 ? 4.890   5.022   9.482   1.000 58.942  ? 57  LYS AAA CE   1 
ATOM   719 N NZ   . LYS A 1 57 ? 6.158   5.142   10.244  1.000 67.635  ? 57  LYS AAA NZ   1 
ATOM   720 H H    . LYS A 1 57 ? 2.455   1.779   5.372   1.000 44.604  ? 57  LYS AAA H    1 
ATOM   721 H HA   . LYS A 1 57 ? 4.423   1.297   7.282   1.000 45.447  ? 57  LYS AAA HA   1 
ATOM   722 H HB2  . LYS A 1 57 ? 1.790   2.128   7.985   1.000 44.216  ? 57  LYS AAA HB2  1 
ATOM   723 H HB3  . LYS A 1 57 ? 2.830   1.566   9.029   1.000 45.333  ? 57  LYS AAA HB3  1 
ATOM   724 H HG2  . LYS A 1 57 ? 3.332   3.965   7.637   1.000 47.945  ? 57  LYS AAA HG2  1 
ATOM   725 H HG3  . LYS A 1 57 ? 2.539   3.963   9.007   1.000 49.227  ? 57  LYS AAA HG3  1 
ATOM   726 H HD2  . LYS A 1 57 ? 4.447   3.111   10.103  1.000 51.460  ? 57  LYS AAA HD2  1 
ATOM   727 H HD3  . LYS A 1 57 ? 5.241   3.145   8.722   1.000 51.356  ? 57  LYS AAA HD3  1 
ATOM   728 H HE2  . LYS A 1 57 ? 4.987   5.483   8.627   1.000 58.630  ? 57  LYS AAA HE2  1 
ATOM   729 H HE3  . LYS A 1 57 ? 4.176   5.458   9.983   1.000 58.724  ? 57  LYS AAA HE3  1 
ATOM   730 H HZ1  . LYS A 1 57 ? 6.099   4.666   11.014  1.000 66.067  ? 57  LYS AAA HZ1  1 
ATOM   731 H HZ2  . LYS A 1 57 ? 6.315   6.013   10.444  1.000 65.706  ? 57  LYS AAA HZ2  1 
ATOM   732 H HZ3  . LYS A 1 57 ? 6.846   4.821   9.749   1.000 65.876  ? 57  LYS AAA HZ3  1 
ATOM   733 N N    . ARG A 1 58 ? 3.823   -1.071  7.363   1.000 49.221  ? 58  ARG AAA N    1 
ATOM   734 C CA   . ARG A 1 58 ? 3.556   -2.529  7.339   1.000 46.688  ? 58  ARG AAA CA   1 
ATOM   735 C C    . ARG A 1 58 ? 2.527   -2.918  8.424   1.000 48.424  ? 58  ARG AAA C    1 
ATOM   736 O O    . ARG A 1 58 ? 2.820   -2.854  9.653   1.000 52.065  ? 58  ARG AAA O    1 
ATOM   737 C CB   . ARG A 1 58 ? 4.911   -3.223  7.480   1.000 52.198  ? 58  ARG AAA CB   1 
ATOM   738 C CG   . ARG A 1 58 ? 4.826   -4.728  7.614   1.000 56.987  ? 58  ARG AAA CG   1 
ATOM   739 C CD   . ARG A 1 58 ? 4.312   -5.347  6.352   1.000 63.948  ? 58  ARG AAA CD   1 
ATOM   740 N NE   . ARG A 1 58 ? 4.638   -6.759  6.397   1.000 72.014  ? 58  ARG AAA NE   1 
ATOM   741 C CZ   . ARG A 1 58 ? 5.825   -7.267  6.110   1.000 72.574  ? 58  ARG AAA CZ   1 
ATOM   742 N NH1  . ARG A 1 58 ? 6.826   -6.477  5.765   1.000 74.042  ? 58  ARG AAA NH1  1 
ATOM   743 N NH2  . ARG A 1 58 ? 6.003   -8.574  6.172   1.000 84.865  ? 58  ARG AAA NH2  1 
ATOM   744 H H    . ARG A 1 58 ? 4.652   -0.862  7.691   1.000 48.065  ? 58  ARG AAA H    1 
ATOM   745 H HA   . ARG A 1 58 ? 3.179   -2.755  6.458   1.000 47.345  ? 58  ARG AAA HA   1 
ATOM   746 H HB2  . ARG A 1 58 ? 5.456   -3.008  6.695   1.000 52.843  ? 58  ARG AAA HB2  1 
ATOM   747 H HB3  . ARG A 1 58 ? 5.365   -2.865  8.270   1.000 52.691  ? 58  ARG AAA HB3  1 
ATOM   748 H HG2  . ARG A 1 58 ? 5.712   -5.090  7.821   1.000 59.505  ? 58  ARG AAA HG2  1 
ATOM   749 H HG3  . ARG A 1 58 ? 4.222   -4.959  8.354   1.000 56.375  ? 58  ARG AAA HG3  1 
ATOM   750 H HD2  . ARG A 1 58 ? 3.340   -5.230  6.292   1.000 65.497  ? 58  ARG AAA HD2  1 
ATOM   751 H HD3  . ARG A 1 58 ? 4.729   -4.925  5.572   1.000 64.514  ? 58  ARG AAA HD3  1 
ATOM   752 H HE   . ARG A 1 58 ? 4.002   -7.315  6.615   1.000 71.569  ? 58  ARG AAA HE   1 
ATOM   753 H HH11 . ARG A 1 58 ? 6.712   -5.608  5.720   1.000 74.493  ? 58  ARG AAA HH11 1 
ATOM   754 H HH12 . ARG A 1 58 ? 7.611   -6.825  5.579   1.000 75.039  ? 58  ARG AAA HH12 1 
ATOM   755 H HH21 . ARG A 1 58 ? 5.335   -9.100  6.404   1.000 83.362  ? 58  ARG AAA HH21 1 
ATOM   756 H HH22 . ARG A 1 58 ? 6.793   -8.919  5.987   1.000 80.261  ? 58  ARG AAA HH22 1 
ATOM   757 N N    . ALA A 1 59 ? 1.354   -3.377  7.993   1.000 41.041  ? 59  ALA AAA N    1 
ATOM   758 C CA   . ALA A 1 59 ? 0.308   -3.908  8.878   1.000 42.788  ? 59  ALA AAA CA   1 
ATOM   759 C C    . ALA A 1 59 ? 0.520   -5.400  9.052   1.000 46.349  ? 59  ALA AAA C    1 
ATOM   760 O O    . ALA A 1 59 ? 1.179   -5.975  8.222   1.000 48.660  ? 59  ALA AAA O    1 
ATOM   761 C CB   . ALA A 1 59 ? -1.059  -3.608  8.308   1.000 45.705  ? 59  ALA AAA CB   1 
ATOM   762 H H    . ALA A 1 59 ? 1.115   -3.397  7.110   1.000 42.476  ? 59  ALA AAA H    1 
ATOM   763 H HA   . ALA A 1 59 ? 0.388   -3.474  9.760   1.000 43.119  ? 59  ALA AAA HA   1 
ATOM   764 H HB1  . ALA A 1 59 ? -1.742  -3.960  8.903   1.000 44.941  ? 59  ALA AAA HB1  1 
ATOM   765 H HB2  . ALA A 1 59 ? -1.171  -2.646  8.221   1.000 44.973  ? 59  ALA AAA HB2  1 
ATOM   766 H HB3  . ALA A 1 59 ? -1.146  -4.023  7.434   1.000 45.350  ? 59  ALA AAA HB3  1 
ATOM   767 N N    . ALA A 1 60 ? -0.028  -5.977  10.120  1.000 50.742  ? 60  ALA AAA N    1 
ATOM   768 C CA   . ALA A 1 60 ? -0.018  -7.443  10.348  1.000 52.038  ? 60  ALA AAA CA   1 
ATOM   769 C C    . ALA A 1 60 ? -0.822  -8.100  9.231   1.000 50.231  ? 60  ALA AAA C    1 
ATOM   770 O O    . ALA A 1 60 ? -1.825  -7.537  8.808   1.000 54.424  ? 60  ALA AAA O    1 
ATOM   771 C CB   . ALA A 1 60 ? -0.597  -7.789  11.704  1.000 57.793  ? 60  ALA AAA CB   1 
ATOM   772 H H    . ALA A 1 60 ? -0.452  -5.513  10.785  1.000 51.576  ? 60  ALA AAA H    1 
ATOM   773 H HA   . ALA A 1 60 ? 0.913   -7.765  10.301  1.000 53.132  ? 60  ALA AAA HA   1 
ATOM   774 H HB1  . ALA A 1 60 ? -0.600  -8.753  11.821  1.000 56.818  ? 60  ALA AAA HB1  1 
ATOM   775 H HB2  . ALA A 1 60 ? -0.057  -7.380  12.401  1.000 57.711  ? 60  ALA AAA HB2  1 
ATOM   776 H HB3  . ALA A 1 60 ? -1.508  -7.454  11.763  1.000 55.776  ? 60  ALA AAA HB3  1 
ATOM   777 N N    . CYS A 1 61 ? -0.379  -9.237  8.744   1.000 49.618  ? 61  CYS AAA N    1 
ATOM   778 C CA   . CYS A 1 61 ? -1.079  -9.979  7.676   1.000 57.057  ? 61  CYS AAA CA   1 
ATOM   779 C C    . CYS A 1 61 ? -2.380  -10.545 8.255   1.000 54.089  ? 61  CYS AAA C    1 
ATOM   780 O O    . CYS A 1 61 ? -2.357  -11.129 9.332   1.000 55.523  ? 61  CYS AAA O    1 
ATOM   781 C CB   . CYS A 1 61 ? -0.160  -11.080 7.163   1.000 59.398  ? 61  CYS AAA CB   1 
ATOM   782 S SG   . CYS A 1 61 ? -0.779  -11.933 5.686   1.000 67.607  ? 61  CYS AAA SG   1 
ATOM   783 H H    . CYS A 1 61 ? 0.383   -9.653  9.032   1.000 51.037  ? 61  CYS AAA H    1 
ATOM   784 H HA   . CYS A 1 61 ? -1.285  -9.358  6.942   1.000 56.421  ? 61  CYS AAA HA   1 
ATOM   785 H HB2  . CYS A 1 61 ? 0.710   -10.693 6.955   1.000 59.222  ? 61  CYS AAA HB2  1 
ATOM   786 H HB3  . CYS A 1 61 ? -0.032  -11.744 7.871   1.000 60.247  ? 61  CYS AAA HB3  1 
ATOM   787 H HG   . CYS A 1 61 ? 0.177   -12.662 5.587   0.000 66.553  ? 61  CYS AAA HG   1 
ATOM   788 N N    . PRO A 1 62 ? -3.565  -10.377 7.619   1.000 52.170  ? 62  PRO AAA N    1 
ATOM   789 C CA   . PRO A 1 62 ? -4.770  -11.077 8.074   1.000 53.295  ? 62  PRO AAA CA   1 
ATOM   790 C C    . PRO A 1 62 ? -4.737  -12.581 7.755   1.000 53.489  ? 62  PRO AAA C    1 
ATOM   791 O O    . PRO A 1 62 ? -3.930  -13.022 6.910   1.000 58.181  ? 62  PRO AAA O    1 
ATOM   792 C CB   . PRO A 1 62 ? -5.906  -10.319 7.364   1.000 50.987  ? 62  PRO AAA CB   1 
ATOM   793 C CG   . PRO A 1 62 ? -5.252  -9.835  6.091   1.000 52.704  ? 62  PRO AAA CG   1 
ATOM   794 C CD   . PRO A 1 62 ? -3.838  -9.466  6.499   1.000 54.256  ? 62  PRO AAA CD   1 
ATOM   795 H HA   . PRO A 1 62 ? -4.865  -10.949 9.052   1.000 52.371  ? 62  PRO AAA HA   1 
ATOM   796 H HB2  . PRO A 1 62 ? -6.660  -10.912 7.173   1.000 51.319  ? 62  PRO AAA HB2  1 
ATOM   797 H HB3  . PRO A 1 62 ? -6.222  -9.565  7.906   1.000 51.203  ? 62  PRO AAA HB3  1 
ATOM   798 H HG2  . PRO A 1 62 ? -5.245  -10.541 5.412   1.000 53.054  ? 62  PRO AAA HG2  1 
ATOM   799 H HG3  . PRO A 1 62 ? -5.723  -9.056  5.732   1.000 52.554  ? 62  PRO AAA HG3  1 
ATOM   800 H HD2  . PRO A 1 62 ? -3.212  -9.617  5.767   1.000 53.744  ? 62  PRO AAA HD2  1 
ATOM   801 H HD3  . PRO A 1 62 ? -3.783  -8.534  6.781   1.000 54.650  ? 62  PRO AAA HD3  1 
ATOM   802 N N    . ARG A 1 63 ? -5.589  -13.345 8.445   1.000 53.603  ? 63  ARG AAA N    1 
ATOM   803 C CA   . ARG A 1 63 ? -5.559  -14.832 8.451   1.000 59.486  ? 63  ARG AAA CA   1 
ATOM   804 C C    . ARG A 1 63 ? -6.719  -15.291 7.554   1.000 55.113  ? 63  ARG AAA C    1 
ATOM   805 O O    . ARG A 1 63 ? -7.779  -14.669 7.529   1.000 57.429  ? 63  ARG AAA O    1 
ATOM   806 C CB   . ARG A 1 63 ? -5.518  -15.334 9.912   1.000 57.320  ? 63  ARG AAA CB   1 
ATOM   807 H H    . ARG A 1 63 ? -6.256  -12.989 8.961   1.000 55.429  ? 63  ARG AAA H    1 
ATOM   808 H HA   . ARG A 1 63 ? -4.720  -15.106 8.020   1.000 56.933  ? 63  ARG AAA HA   1 
ATOM   809 H HB2  . ARG A 1 63 ? -5.509  -16.315 9.901   1.000 57.035  ? 63  ARG AAA HB2  1 
ATOM   810 H HB3  . ARG A 1 63 ? -4.844  -15.130 10.166  0.000 54.480  ? 63  ARG AAA HB3  1 
ATOM   811 N N    . PRO A 1 64 ? -6.541  -16.332 6.704   1.000 58.131  ? 64  PRO AAA N    1 
ATOM   812 C CA   . PRO A 1 64 ? -7.633  -16.865 5.872   1.000 62.369  ? 64  PRO AAA CA   1 
ATOM   813 C C    . PRO A 1 64 ? -8.795  -17.374 6.742   1.000 53.829  ? 64  PRO AAA C    1 
ATOM   814 O O    . PRO A 1 64 ? -8.531  -17.706 7.864   1.000 54.354  ? 64  PRO AAA O    1 
ATOM   815 C CB   . PRO A 1 64 ? -7.020  -18.070 5.114   1.000 66.795  ? 64  PRO AAA CB   1 
ATOM   816 C CG   . PRO A 1 64 ? -5.525  -17.919 5.279   1.000 73.697  ? 64  PRO AAA CG   1 
ATOM   817 C CD   . PRO A 1 64 ? -5.313  -17.127 6.561   1.000 66.719  ? 64  PRO AAA CD   1 
ATOM   818 H HA   . PRO A 1 64 ? -7.945  -16.177 5.232   1.000 59.677  ? 64  PRO AAA HA   1 
ATOM   819 H HB2  . PRO A 1 64 ? -7.327  -18.920 5.499   1.000 65.563  ? 64  PRO AAA HB2  1 
ATOM   820 H HB3  . PRO A 1 64 ? -7.268  -18.048 4.165   1.000 66.544  ? 64  PRO AAA HB3  1 
ATOM   821 H HG2  . PRO A 1 64 ? -5.094  -18.797 5.342   1.000 70.858  ? 64  PRO AAA HG2  1 
ATOM   822 H HG3  . PRO A 1 64 ? -5.143  -17.439 4.514   1.000 72.795  ? 64  PRO AAA HG3  1 
ATOM   823 H HD2  . PRO A 1 64 ? -5.192  -17.722 7.323   1.000 65.321  ? 64  PRO AAA HD2  1 
ATOM   824 H HD3  . PRO A 1 64 ? -4.530  -16.551 6.485   1.000 65.179  ? 64  PRO AAA HD3  1 
ATOM   825 N N    . VAL A 1 65 ? -10.024 -17.452 6.218   1.000 55.541  ? 65  VAL AAA N    1 
ATOM   826 C CA   . VAL A 1 65 ? -11.226 -17.857 7.010   1.000 58.229  ? 65  VAL AAA CA   1 
ATOM   827 C C    . VAL A 1 65 ? -11.732 -19.213 6.509   1.000 64.770  ? 65  VAL AAA C    1 
ATOM   828 O O    . VAL A 1 65 ? -11.977 -19.264 5.308   1.000 64.395  ? 65  VAL AAA O    1 
ATOM   829 C CB   . VAL A 1 65 ? -12.291 -16.744 6.932   1.000 64.216  ? 65  VAL AAA CB   1 
ATOM   830 C CG1  . VAL A 1 65 ? -13.464 -16.966 7.882   1.000 60.902  ? 65  VAL AAA CG1  1 
ATOM   831 C CG2  . VAL A 1 65 ? -11.649 -15.374 7.179   1.000 69.493  ? 65  VAL AAA CG2  1 
ATOM   832 H H    . VAL A 1 65 ? -10.203 -17.254 5.343   1.000 55.628  ? 65  VAL AAA H    1 
ATOM   833 H HA   . VAL A 1 65 ? -10.958 -17.958 7.941   1.000 57.815  ? 65  VAL AAA HA   1 
ATOM   834 H HB   . VAL A 1 65 ? -12.648 -16.744 6.010   1.000 64.370  ? 65  VAL AAA HB   1 
ATOM   835 H HG11 . VAL A 1 65 ? -13.909 -17.801 7.660   1.000 60.371  ? 65  VAL AAA HG11 1 
ATOM   836 H HG12 . VAL A 1 65 ? -14.095 -16.230 7.799   1.000 62.931  ? 65  VAL AAA HG12 1 
ATOM   837 H HG13 . VAL A 1 65 ? -13.136 -17.009 8.798   1.000 61.186  ? 65  VAL AAA HG13 1 
ATOM   838 H HG21 . VAL A 1 65 ? -11.130 -15.402 8.004   1.000 68.440  ? 65  VAL AAA HG21 1 
ATOM   839 H HG22 . VAL A 1 65 ? -12.346 -14.699 7.258   1.000 67.623  ? 65  VAL AAA HG22 1 
ATOM   840 H HG23 . VAL A 1 65 ? -11.063 -15.147 6.435   1.000 68.884  ? 65  VAL AAA HG23 1 
HETATM 841 O O    . HOH B 2 .  ? -9.905  9.734   8.462   1.000 55.763  ? 101 HOH AAA O    1 
HETATM 842 O O    . HOH B 2 .  ? -0.983  20.034  4.369   1.000 88.448  ? 102 HOH AAA O    1 
HETATM 843 O O    . HOH B 2 .  ? 4.078   -12.738 1.797   1.000 82.065  ? 103 HOH AAA O    1 
HETATM 844 O O    . HOH B 2 .  ? -7.856  -1.712  5.126   1.000 137.301 ? 104 HOH AAA O    1 
HETATM 845 O O    . HOH B 2 .  ? -6.841  -19.304 8.821   1.000 71.852  ? 105 HOH AAA O    1 
HETATM 846 O O    . HOH B 2 .  ? -1.060  17.880  5.369   1.000 83.816  ? 106 HOH AAA O    1 
HETATM 847 O O    . HOH B 2 .  ? 6.135   12.429  -0.744  1.000 76.782  ? 107 HOH AAA O    1 
HETATM 848 O O    . HOH B 2 .  ? -6.772  -1.304  -8.331  1.000 53.561  ? 108 HOH AAA O    1 
HETATM 849 O O    . HOH B 2 .  ? -9.435  0.813   6.591   0.333 41.243  ? 109 HOH AAA O    1 
HETATM 850 O O    . HOH B 2 .  ? 8.974   -3.248  -1.430  1.000 62.232  ? 110 HOH AAA O    1 
HETATM 851 O O    . HOH B 2 .  ? -2.827  -1.837  12.476  1.000 44.795  ? 111 HOH AAA O    1 
HETATM 852 O O    . HOH B 2 .  ? -10.673 -16.261 3.922   1.000 52.482  ? 112 HOH AAA O    1 
HETATM 853 O O    . HOH B 2 .  ? -3.719  -14.188 4.511   1.000 64.431  ? 113 HOH AAA O    1 
HETATM 854 O O    . HOH B 2 .  ? -5.178  -5.271  -2.101  1.000 49.480  ? 114 HOH AAA O    1 
HETATM 855 O O    . HOH B 2 .  ? 1.613   -7.662  5.911   1.000 44.940  ? 115 HOH AAA O    1 
HETATM 856 O O    . HOH B 2 .  ? -5.921  13.352  3.039   1.000 65.827  ? 116 HOH AAA O    1 
HETATM 857 O O    . HOH B 2 .  ? 3.303   -4.982  11.423  1.000 56.824  ? 117 HOH AAA O    1 
HETATM 858 O O    . HOH B 2 .  ? 10.518  8.241   -3.828  1.000 68.327  ? 118 HOH AAA O    1 
HETATM 859 O O    . HOH B 2 .  ? -8.724  3.415   3.639   1.000 50.561  ? 119 HOH AAA O    1 
HETATM 860 O O    . HOH B 2 .  ? -6.667  3.598   7.332   1.000 40.551  ? 120 HOH AAA O    1 
HETATM 861 O O    . HOH B 2 .  ? 8.573   -3.538  1.220   1.000 87.519  ? 121 HOH AAA O    1 
HETATM 862 O O    . HOH B 2 .  ? -1.218  -3.936  12.025  1.000 50.253  ? 122 HOH AAA O    1 
HETATM 863 O O    . HOH B 2 .  ? 2.451   -10.323 5.698   1.000 69.240  ? 123 HOH AAA O    1 
HETATM 864 O O    . HOH B 2 .  ? 2.513   -9.912  9.540   1.000 63.116  ? 124 HOH AAA O    1 
HETATM 865 O O    . HOH B 2 .  ? 10.808  6.208   0.187   1.000 48.291  ? 125 HOH AAA O    1 
HETATM 866 O O    . HOH B 2 .  ? 11.020  3.812   -5.323  1.000 82.039  ? 126 HOH AAA O    1 
HETATM 867 O O    . HOH B 2 .  ? -8.756  4.917   5.555   1.000 59.027  ? 127 HOH AAA O    1 
HETATM 868 O O    . HOH B 2 .  ? -12.675 -21.612 7.668   1.000 71.036  ? 128 HOH AAA O    1 
HETATM 869 O O    . HOH B 2 .  ? -5.465  -3.489  10.988  0.333 104.541 ? 129 HOH AAA O    1 
HETATM 870 O O    . HOH B 2 .  ? 12.757  7.250   -1.446  1.000 75.165  ? 130 HOH AAA O    1 
HETATM 871 O O    . HOH B 2 .  ? 4.270   -14.964 2.147   1.000 89.941  ? 131 HOH AAA O    1 
HETATM 872 O O    . HOH B 2 .  ? -11.180 0.096   -0.211  1.000 69.344  ? 132 HOH AAA O    1 
HETATM 873 O O    . HOH B 2 .  ? 1.059   -4.223  13.298  1.000 60.281  ? 133 HOH AAA O    1 
HETATM 874 O O    . HOH B 2 .  ? -9.146  0.238   3.077   1.000 79.745  ? 134 HOH AAA O    1 
HETATM 875 O O    . HOH B 2 .  ? -6.061  -6.909  -3.878  1.000 62.224  ? 135 HOH AAA O    1 
HETATM 876 O O    . HOH B 2 .  ? -9.529  3.642   1.592   1.000 79.925  ? 136 HOH AAA O    1 
HETATM 877 O O    . HOH B 2 .  ? -8.431  -16.329 2.415   1.000 65.294  ? 137 HOH AAA O    1 
HETATM 878 O O    . HOH B 2 .  ? -2.845  -14.937 0.169   1.000 75.701  ? 138 HOH AAA O    1 
HETATM 879 O O    . HOH B 2 .  ? 11.099  -3.946  2.599   1.000 83.859  ? 139 HOH AAA O    1 
HETATM 880 O O    . HOH B 2 .  ? -10.055 6.748   8.223   1.000 49.514  ? 140 HOH AAA O    1 
HETATM 881 O O    . HOH B 2 .  ? 11.977  6.623   -4.116  0.500 82.916  ? 141 HOH AAA O    1 
HETATM 882 O O    . HOH B 2 .  ? 9.555   -4.169  -10.170 1.000 78.608  ? 142 HOH AAA O    1 
HETATM 883 O O    . HOH B 2 .  ? -10.972 2.477   4.889   0.333 102.729 ? 143 HOH AAA O    1 
HETATM 884 O O    . HOH B 2 .  ? 2.630   -12.411 7.491   1.000 76.763  ? 144 HOH AAA O    1 
HETATM 885 O O    . HOH B 2 .  ? 16.843  -1.411  -1.808  1.000 78.673  ? 145 HOH AAA O    1 
HETATM 886 O O    . HOH B 2 .  ? 15.529  -3.099  -9.233  1.000 74.529  ? 146 HOH AAA O    1 
HETATM 887 O O    . HOH B 2 .  ? -1.998  -7.244  14.826  0.333 56.593  ? 147 HOH AAA O    1 
HETATM 888 O O    . HOH B 2 .  ? -5.626  -15.244 -0.263  1.000 78.634  ? 148 HOH AAA O    1 
HETATM 889 O O    . HOH B 2 .  ? 12.756  -2.629  3.870   1.000 80.540  ? 149 HOH AAA O    1 
HETATM 890 O O    . HOH B 2 .  ? -7.782  -14.019 -1.436  1.000 69.209  ? 150 HOH AAA O    1 
HETATM 891 O O    . HOH B 2 .  ? 15.578  -0.667  -9.519  1.000 63.865  ? 151 HOH AAA O    1 
HETATM 892 O O    . HOH B 2 .  ? -6.896  -18.092 1.211   1.000 73.191  ? 152 HOH AAA O    1 
HETATM 893 O O    . HOH B 2 .  ? 7.736   17.038  -4.910  1.000 111.460 ? 153 HOH AAA O    1 
HETATM 894 O O    . HOH B 2 .  ? -12.228 3.838   3.498   0.333 91.254  ? 154 HOH AAA O    1 
HETATM 895 O O    . HOH B 2 .  ? 1.704   -7.633  18.131  1.000 84.593  ? 155 HOH AAA O    1 
HETATM 896 O O    . HOH B 2 .  ? 17.733  -3.457  -12.273 1.000 75.489  ? 156 HOH AAA O    1 
HETATM 897 O O    . HOH B 2 .  ? -5.552  -20.611 -4.289  1.000 81.212  ? 157 HOH AAA O    1 
# 
loop_
_atom_site_anisotrop.id 
_atom_site_anisotrop.type_symbol 
_atom_site_anisotrop.pdbx_label_atom_id 
_atom_site_anisotrop.pdbx_label_alt_id 
_atom_site_anisotrop.pdbx_label_comp_id 
_atom_site_anisotrop.pdbx_label_asym_id 
_atom_site_anisotrop.pdbx_label_seq_id 
_atom_site_anisotrop.pdbx_PDB_ins_code 
_atom_site_anisotrop.U[1][1] 
_atom_site_anisotrop.U[2][2] 
_atom_site_anisotrop.U[3][3] 
_atom_site_anisotrop.U[1][2] 
_atom_site_anisotrop.U[1][3] 
_atom_site_anisotrop.U[2][3] 
_atom_site_anisotrop.pdbx_auth_seq_id 
_atom_site_anisotrop.pdbx_auth_comp_id 
_atom_site_anisotrop.pdbx_auth_asym_id 
_atom_site_anisotrop.pdbx_auth_atom_id 
1   N N    . THR A 10 ? 1.0740 0.5406 0.9183 0.0618  0.1966  -0.2663 10  THR AAA N    
2   C CA   . THR A 10 ? 0.6039 0.6816 0.9735 0.2879  0.0672  -0.3136 10  THR AAA CA   
3   C C    . THR A 10 ? 0.9588 0.7489 0.7493 0.1945  0.0485  -0.1208 10  THR AAA C    
4   O O    . THR A 10 ? 0.7708 0.8925 0.8477 0.2203  0.1454  -0.0276 10  THR AAA O    
5   C CB   . THR A 10 ? 0.6300 0.4593 1.0627 0.1454  -0.1785 -0.2453 10  THR AAA CB   
6   H H    . THR A 10 ? 0.9428 0.6047 0.9375 0.1312  0.1399  -0.2550 10  THR AAA H    
7   H HA   . THR A 10 ? 0.7600 0.6328 0.9362 0.1939  0.0350  -0.2467 10  THR AAA HA   
8   H HB   . THR A 10 ? 0.7330 0.7330 0.7330 0.0000  0.0000  0.0000  10  THR AAA HB   
9   N N    . HIS A 11 ? 0.6136 0.9191 0.6294 0.0565  0.1772  -0.2029 11  HIS AAA N    
10  C CA   . HIS A 11 ? 0.4052 0.8151 0.8417 0.0022  0.0667  -0.2227 11  HIS AAA CA   
11  C C    . HIS A 11 ? 0.5852 0.4682 0.7636 -0.0414 0.1111  -0.2104 11  HIS AAA C    
12  O O    . HIS A 11 ? 0.4402 0.5966 0.6921 -0.1335 0.1580  -0.1908 11  HIS AAA O    
13  C CB   . HIS A 11 ? 0.4769 0.8285 1.0387 0.0386  0.0429  -0.3973 11  HIS AAA CB   
14  C CG   . HIS A 11 ? 0.5697 0.9147 1.4095 0.0729  0.0570  -0.1297 11  HIS AAA CG   
15  N ND1  . HIS A 11 ? 0.4902 1.0481 1.0236 0.0374  0.0561  -0.2996 11  HIS AAA ND1  
16  C CD2  . HIS A 11 ? 0.7158 0.8473 1.3529 -0.0017 0.3960  -0.0822 11  HIS AAA CD2  
17  C CE1  . HIS A 11 ? 0.6224 1.0123 1.1323 0.0177  0.3428  -0.2514 11  HIS AAA CE1  
18  N NE2  . HIS A 11 ? 0.7251 0.9723 1.3576 -0.0737 0.0751  -0.1264 11  HIS AAA NE2  
19  H H    . HIS A 11 ? 0.6364 0.8369 0.6476 0.0611  0.1430  -0.1565 11  HIS AAA H    
20  H HA   . HIS A 11 ? 0.5178 0.7654 0.8258 0.0146  0.0889  -0.2324 11  HIS AAA HA   
21  H HB2  . HIS A 11 ? 0.4970 0.8480 1.0821 0.0282  0.0493  -0.3246 11  HIS AAA HB2  
22  H HB3  . HIS A 11 ? 0.4923 0.7970 0.9918 0.0267  0.0503  -0.3499 11  HIS AAA HB3  
23  H HD1  . HIS A 11 ? 0.9130 0.9130 0.9130 0.0000  0.0000  0.0000  11  HIS AAA HD1  
24  H HD2  . HIS A 11 ? 0.6288 0.8691 1.3071 -0.0304 0.2417  -0.0894 11  HIS AAA HD2  
25  H HE1  . HIS A 11 ? 0.5811 1.0071 1.1478 -0.0034 0.2011  -0.2271 11  HIS AAA HE1  
26  H HE2  . HIS A 11 ? 0.9330 0.9330 0.9330 0.0000  0.0000  0.0000  11  HIS AAA HE2  
27  N N    . TRP A 12 ? 0.3870 0.6627 0.6333 -0.0582 0.0281  -0.1340 12  TRP AAA N    
28  C CA   . TRP A 12 ? 0.3884 0.5381 0.6245 -0.0961 0.0865  -0.1060 12  TRP AAA CA   
29  C C    . TRP A 12 ? 0.3449 0.5434 0.6337 -0.0771 0.0661  -0.1014 12  TRP AAA C    
30  O O    . TRP A 12 ? 0.3530 0.5605 0.7044 -0.0255 -0.0081 -0.1270 12  TRP AAA O    
31  C CB   . TRP A 12 ? 0.3387 0.4559 0.7065 -0.1486 0.0429  -0.0896 12  TRP AAA CB   
32  C CG   . TRP A 12 ? 0.4471 0.5110 0.5929 -0.1402 0.0380  -0.0904 12  TRP AAA CG   
33  C CD1  . TRP A 12 ? 0.5744 0.5302 0.6335 -0.1835 -0.0189 -0.1337 12  TRP AAA CD1  
34  C CD2  . TRP A 12 ? 0.3938 0.4895 0.6067 -0.1641 0.1638  -0.1451 12  TRP AAA CD2  
35  N NE1  . TRP A 12 ? 0.4693 0.4250 0.6437 -0.0940 0.0578  -0.1788 12  TRP AAA NE1  
36  C CE2  . TRP A 12 ? 0.4725 0.5029 0.6386 -0.1130 0.0705  -0.1207 12  TRP AAA CE2  
37  C CE3  . TRP A 12 ? 0.4356 0.3988 0.6395 -0.1354 0.1134  -0.1663 12  TRP AAA CE3  
38  C CZ2  . TRP A 12 ? 0.5094 0.4162 0.5414 -0.1784 0.0740  -0.1668 12  TRP AAA CZ2  
39  C CZ3  . TRP A 12 ? 0.4246 0.3585 0.5289 -0.2139 0.0880  -0.0968 12  TRP AAA CZ3  
40  C CH2  . TRP A 12 ? 0.5084 0.3729 0.4727 -0.1712 0.1371  -0.1259 12  TRP AAA CH2  
41  H H    . TRP A 12 ? 0.4298 0.5906 0.6186 -0.0561 0.0435  -0.1287 12  TRP AAA H    
42  H HA   . TRP A 12 ? 0.3822 0.5450 0.6328 -0.0918 0.0660  -0.1064 12  TRP AAA HA   
43  H HB2  . TRP A 12 ? 0.3831 0.4895 0.6684 -0.1275 0.0585  -0.0929 12  TRP AAA HB2  
44  H HB3  . TRP A 12 ? 0.3740 0.4803 0.6566 -0.1210 0.0540  -0.0926 12  TRP AAA HB3  
45  H HD1  . TRP A 12 ? 0.5649 0.4959 0.6221 -0.1568 0.0334  -0.1317 12  TRP AAA HD1  
46  H HE1  . TRP A 12 ? 0.4871 0.4108 0.6241 -0.1088 0.0515  -0.1609 12  TRP AAA HE1  
47  H HE3  . TRP A 12 ? 0.4309 0.3963 0.5939 -0.1529 0.1055  -0.1432 12  TRP AAA HE3  
48  H HZ2  . TRP A 12 ? 0.4953 0.3987 0.5450 -0.1561 0.0818  -0.1470 12  TRP AAA HZ2  
49  H HZ3  . TRP A 12 ? 0.4523 0.3822 0.5415 -0.1803 0.0987  -0.1160 12  TRP AAA HZ3  
50  H HH2  . TRP A 12 ? 0.5093 0.3918 0.5129 -0.1634 0.1113  -0.1190 12  TRP AAA HH2  
51  N N    . TYR A 13 ? 0.3215 0.6113 0.5762 -0.0243 0.0635  -0.1522 13  TYR AAA N    
52  C CA   . TYR A 13 ? 0.3279 0.5344 0.5977 -0.0620 0.0621  -0.1222 13  TYR AAA CA   
53  C C    . TYR A 13 ? 0.2863 0.5413 0.4924 -0.0701 0.0655  -0.0661 13  TYR AAA C    
54  O O    . TYR A 13 ? 0.3769 0.5042 0.3939 -0.0644 0.0598  -0.0973 13  TYR AAA O    
55  C CB   . TYR A 13 ? 0.3072 0.5902 0.5376 -0.1373 0.0660  -0.2293 13  TYR AAA CB   
56  C CG   . TYR A 13 ? 0.3614 0.5513 0.7192 -0.1316 0.0459  -0.2005 13  TYR AAA CG   
57  C CD1  . TYR A 13 ? 0.4050 0.7931 0.4749 0.0591  0.1280  -0.1820 13  TYR AAA CD1  
58  C CD2  . TYR A 13 ? 0.3172 0.5627 0.7051 -0.0411 -0.0081 -0.1751 13  TYR AAA CD2  
59  C CE1  . TYR A 13 ? 0.2937 0.6613 0.7780 -0.0275 0.1956  -0.2420 13  TYR AAA CE1  
60  C CE2  . TYR A 13 ? 0.3813 0.6753 0.6964 -0.0220 0.1447  -0.2432 13  TYR AAA CE2  
61  C CZ   . TYR A 13 ? 0.5192 0.7534 0.7964 -0.0582 0.0759  -0.2339 13  TYR AAA CZ   
62  O OH   . TYR A 13 ? 0.3176 0.8139 0.9474 -0.0813 0.0230  -0.2250 13  TYR AAA OH   
63  H H    . TYR A 13 ? 0.3289 0.5749 0.5843 -0.0462 0.0553  -0.1256 13  TYR AAA H    
64  H HA   . TYR A 13 ? 0.3332 0.5575 0.5762 -0.0701 0.0651  -0.1317 13  TYR AAA HA   
65  H HB2  . TYR A 13 ? 0.3278 0.5630 0.5703 -0.1082 0.0469  -0.1829 13  TYR AAA HB2  
66  H HB3  . TYR A 13 ? 0.3301 0.5446 0.5743 -0.1165 0.0521  -0.1907 13  TYR AAA HB3  
67  H HD1  . TYR A 13 ? 0.3768 0.6878 0.5994 -0.0093 0.1154  -0.2075 13  TYR AAA HD1  
68  H HD2  . TYR A 13 ? 0.3139 0.5895 0.6795 -0.0642 0.0159  -0.1948 13  TYR AAA HD2  
69  H HE1  . TYR A 13 ? 0.3831 0.7055 0.7043 -0.0178 0.1451  -0.2185 13  TYR AAA HE1  
70  H HE2  . TYR A 13 ? 0.3975 0.6470 0.6975 -0.0408 0.0884  -0.2257 13  TYR AAA HE2  
71  H HH   . TYR A 13 ? 0.6430 0.6430 0.6430 0.0000  0.0000  0.0000  13  TYR AAA HH   
72  N N    . TYR A 14 ? 0.4406 0.3931 0.5223 -0.0731 0.0140  -0.0453 14  TYR AAA N    
73  C CA   . TYR A 14 ? 0.4362 0.4105 0.4912 -0.1057 0.0767  -0.1306 14  TYR AAA CA   
74  C C    . TYR A 14 ? 0.3993 0.4411 0.4975 -0.0519 0.0944  -0.1421 14  TYR AAA C    
75  O O    . TYR A 14 ? 0.2613 0.6539 0.5628 -0.1471 -0.0076 -0.0826 14  TYR AAA O    
76  C CB   . TYR A 14 ? 0.4954 0.4637 0.5019 -0.0960 0.1177  -0.1743 14  TYR AAA CB   
77  C CG   . TYR A 14 ? 0.4134 0.4928 0.5417 -0.1566 0.1096  -0.1942 14  TYR AAA CG   
78  C CD1  . TYR A 14 ? 0.3875 0.5925 0.5530 -0.1223 0.1679  -0.1234 14  TYR AAA CD1  
79  C CD2  . TYR A 14 ? 0.4584 0.6117 0.4949 -0.1811 0.1076  -0.1431 14  TYR AAA CD2  
80  C CE1  . TYR A 14 ? 0.3203 0.6599 0.5798 -0.1140 0.1339  -0.1205 14  TYR AAA CE1  
81  C CE2  . TYR A 14 ? 0.4870 0.5434 0.6095 -0.1560 0.1700  -0.0725 14  TYR AAA CE2  
82  C CZ   . TYR A 14 ? 0.5621 0.6136 0.4683 -0.0221 0.1832  -0.1963 14  TYR AAA CZ   
83  O OH   . TYR A 14 ? 0.4850 0.5707 0.5893 -0.0630 0.1500  -0.1374 14  TYR AAA OH   
84  H H    . TYR A 14 ? 0.4014 0.4428 0.4889 -0.0759 0.0336  -0.0683 14  TYR AAA H    
85  H HA   . TYR A 14 ? 0.4364 0.4349 0.4947 -0.0832 0.0721  -0.1177 14  TYR AAA HA   
86  H HB2  . TYR A 14 ? 0.4922 0.4625 0.5133 -0.1089 0.1078  -0.1598 14  TYR AAA HB2  
87  H HB3  . TYR A 14 ? 0.4675 0.4566 0.5089 -0.1073 0.1014  -0.1614 14  TYR AAA HB3  
88  H HD1  . TYR A 14 ? 0.3904 0.5777 0.5519 -0.1207 0.1388  -0.1323 14  TYR AAA HD1  
89  H HD2  . TYR A 14 ? 0.4715 0.5655 0.5320 -0.1615 0.1164  -0.1338 14  TYR AAA HD2  
90  H HE1  . TYR A 14 ? 0.3496 0.6213 0.5481 -0.0815 0.1518  -0.1330 14  TYR AAA HE1  
91  H HE2  . TYR A 14 ? 0.4904 0.5683 0.5443 -0.1231 0.1461  -0.1115 14  TYR AAA HE2  
92  H HH   . TYR A 14 ? 0.5210 0.5210 0.5210 0.0000  0.0000  0.0000  14  TYR AAA HH   
93  N N    . PHE A 15 ? 0.4257 0.5905 0.3468 -0.0933 0.0673  -0.0533 15  PHE AAA N    
94  C CA   . PHE A 15 ? 0.4543 0.6107 0.4440 -0.1200 0.1172  -0.0580 15  PHE AAA CA   
95  C C    . PHE A 15 ? 0.4412 0.5830 0.5648 -0.1109 0.2025  -0.1205 15  PHE AAA C    
96  O O    . PHE A 15 ? 0.4952 0.4247 0.5021 -0.0839 0.2294  -0.1102 15  PHE AAA O    
97  C CB   . PHE A 15 ? 0.3615 0.6379 0.4256 -0.1166 0.0640  -0.0685 15  PHE AAA CB   
98  C CG   . PHE A 15 ? 0.3421 0.6081 0.3918 -0.0123 0.0840  -0.0637 15  PHE AAA CG   
99  C CD1  . PHE A 15 ? 0.3598 0.6320 0.4122 -0.0184 0.1267  -0.1981 15  PHE AAA CD1  
100 C CD2  . PHE A 15 ? 0.3794 0.6784 0.5162 -0.1224 0.0679  0.0400  15  PHE AAA CD2  
101 C CE1  . PHE A 15 ? 0.4303 0.5715 0.4822 -0.0413 0.0719  -0.1650 15  PHE AAA CE1  
102 C CE2  . PHE A 15 ? 0.4980 0.5727 0.4473 -0.0081 0.0063  0.0058  15  PHE AAA CE2  
103 C CZ   . PHE A 15 ? 0.3995 0.6485 0.4059 -0.0101 0.0538  -0.1691 15  PHE AAA CZ   
104 H H    . PHE A 15 ? 0.4329 0.5516 0.4135 -0.0873 0.0816  -0.0742 15  PHE AAA H    
105 H HA   . PHE A 15 ? 0.4521 0.6010 0.4590 -0.1089 0.1139  -0.0687 15  PHE AAA HA   
106 H HB2  . PHE A 15 ? 0.3821 0.6161 0.4238 -0.0910 0.0748  -0.0606 15  PHE AAA HB2  
107 H HB3  . PHE A 15 ? 0.3844 0.6348 0.4238 -0.0958 0.0756  -0.0638 15  PHE AAA HB3  
108 H HD1  . PHE A 15 ? 0.3809 0.6272 0.4439 -0.0341 0.1044  -0.1657 15  PHE AAA HD1  
109 H HD2  . PHE A 15 ? 0.3814 0.6013 0.4613 -0.0852 0.0633  0.0043  15  PHE AAA HD2  
110 H HE1  . PHE A 15 ? 0.4061 0.5983 0.4487 -0.0362 0.0798  -0.1513 15  PHE AAA HE1  
111 H HE2  . PHE A 15 ? 0.4398 0.5739 0.4243 -0.0241 0.0217  0.0009  15  PHE AAA HE2  
112 H HZ   . PHE A 15 ? 0.4065 0.6117 0.4347 -0.0216 0.0402  -0.1193 15  PHE AAA HZ   
113 N N    . LYS A 16 ? 0.6329 0.5369 0.6362 -0.1400 0.2598  -0.0330 16  LYS AAA N    
114 C CA   . LYS A 16 ? 0.5781 0.5905 0.7924 -0.1839 0.3075  -0.0659 16  LYS AAA CA   
115 C C    . LYS A 16 ? 0.7359 0.8287 0.7364 -0.0710 0.2266  0.0462  16  LYS AAA C    
116 O O    . LYS A 16 ? 0.6491 0.7564 0.8995 -0.2649 0.3113  -0.0760 16  LYS AAA O    
117 C CB   . LYS A 16 ? 0.5916 0.6399 0.5615 -0.2466 0.2997  0.0087  16  LYS AAA CB   
118 C CG   . LYS A 16 ? 0.7133 0.6730 0.5137 -0.1723 0.2200  -0.0645 16  LYS AAA CG   
119 C CD   . LYS A 16 ? 0.6507 0.5438 0.7234 -0.2051 0.2935  -0.1031 16  LYS AAA CD   
120 C CE   . LYS A 16 ? 0.5121 0.5691 0.7737 -0.1557 0.1839  -0.1339 16  LYS AAA CE   
121 N NZ   . LYS A 16 ? 0.7022 0.6186 0.9022 -0.1047 -0.0403 -0.0034 16  LYS AAA NZ   
122 H H    . LYS A 16 ? 0.6185 0.5695 0.6390 -0.1440 0.2309  -0.0574 16  LYS AAA H    
123 H HA   . LYS A 16 ? 0.5790 0.6214 0.6916 -0.1560 0.2697  -0.0292 16  LYS AAA HA   
124 H HB2  . LYS A 16 ? 0.6129 0.6310 0.6051 -0.2068 0.2701  -0.0221 16  LYS AAA HB2  
125 H HB3  . LYS A 16 ? 0.6226 0.6144 0.6050 -0.2025 0.2666  -0.0159 16  LYS AAA HB3  
126 H HG2  . LYS A 16 ? 0.6934 0.6345 0.5871 -0.1950 0.2474  -0.0559 16  LYS AAA HG2  
127 H HG3  . LYS A 16 ? 0.6713 0.6419 0.5888 -0.1908 0.2412  -0.0613 16  LYS AAA HG3  
128 H HD2  . LYS A 16 ? 0.6663 0.5806 0.6881 -0.1899 0.2460  -0.0951 16  LYS AAA HD2  
129 H HD3  . LYS A 16 ? 0.6428 0.5653 0.6839 -0.1810 0.2386  -0.0912 16  LYS AAA HD3  
130 H HE2  . LYS A 16 ? 0.5416 0.5749 0.7694 -0.1406 0.1463  -0.0941 16  LYS AAA HE2  
131 H HE3  . LYS A 16 ? 0.5649 0.5926 0.7735 -0.1423 0.1509  -0.1025 16  LYS AAA HE3  
132 H HZ1  . LYS A 16 ? 0.6637 0.6044 0.8709 -0.1214 0.0241  -0.0444 16  LYS AAA HZ1  
133 H HZ2  . LYS A 16 ? 0.6789 0.6058 0.9274 -0.1170 -0.0159 -0.0451 16  LYS AAA HZ2  
134 H HZ3  . LYS A 16 ? 0.6554 0.5902 0.8675 -0.1175 0.0214  -0.0380 16  LYS AAA HZ3  
135 N N    . LEU A 17 ? 0.9664 0.6172 0.8654 -0.1866 0.2407  0.0172  17  LEU AAA N    
136 C CA   . LEU A 17 ? 0.7520 1.2553 0.8057 -0.1152 0.3094  -0.1694 17  LEU AAA CA   
137 C C    . LEU A 17 ? 1.3593 0.9513 0.7085 -0.3093 0.5003  0.1016  17  LEU AAA C    
138 O O    . LEU A 17 ? 1.3943 0.8631 1.1146 -0.2378 0.3082  0.1205  17  LEU AAA O    
139 C CB   . LEU A 17 ? 1.0270 1.2600 0.7050 -0.1774 0.2402  0.0266  17  LEU AAA CB   
140 C CG   . LEU A 17 ? 1.0508 1.1912 0.7020 -0.2080 0.2543  0.0949  17  LEU AAA CG   
141 C CD1  . LEU A 17 ? 0.8629 1.4242 0.7849 -0.2015 -0.1269 -0.0081 17  LEU AAA CD1  
142 C CD2  . LEU A 17 ? 0.8122 0.8375 0.8773 -0.2548 -0.0316 -0.0427 17  LEU AAA CD2  
143 H H    . LEU A 17 ? 0.9003 0.8394 0.8243 -0.1599 0.2256  -0.0037 17  LEU AAA H    
144 H HA   . LEU A 17 ? 0.9681 1.0826 0.8243 -0.1802 0.2937  -0.0441 17  LEU AAA HA   
145 H HB2  . LEU A 17 ? 0.9627 1.2647 0.7416 -0.1779 0.2290  0.0133  17  LEU AAA HB2  
146 H HB3  . LEU A 17 ? 0.9642 1.2195 0.7122 -0.1735 0.2426  0.0039  17  LEU AAA HB3  
147 H HG   . LEU A 17 ? 0.9532 1.1432 0.7336 -0.1982 0.1089  0.0474  17  LEU AAA HG   
148 H HD11 . LEU A 17 ? 0.9249 1.3498 0.7724 -0.1935 -0.0068 0.0177  17  LEU AAA HD11 
149 H HD12 . LEU A 17 ? 0.9238 1.3545 0.7727 -0.1931 -0.0148 0.0166  17  LEU AAA HD12 
150 H HD13 . LEU A 17 ? 0.9222 1.3623 0.7865 -0.1996 -0.0118 0.0034  17  LEU AAA HD13 
151 H HD21 . LEU A 17 ? 0.8583 0.9404 0.8323 -0.2384 0.0441  -0.0166 17  LEU AAA HD21 
152 H HD22 . LEU A 17 ? 0.8163 0.9000 0.8267 -0.2738 0.0416  -0.0101 17  LEU AAA HD22 
153 H HD23 . LEU A 17 ? 0.8293 0.9208 0.8259 -0.2256 0.0443  -0.0138 17  LEU AAA HD23 
154 N N    . PRO A 18 ? 1.4537 1.4052 0.9231 -0.2390 0.3375  -0.4292 18  PRO AAA N    
155 C CA   . PRO A 18 ? 1.3730 1.0963 1.2097 -0.0835 0.4089  -0.1694 18  PRO AAA CA   
156 C C    . PRO A 18 ? 1.2332 1.2440 1.1147 -0.0533 0.4407  0.3021  18  PRO AAA C    
157 O O    . PRO A 18 ? 0.9554 1.3838 1.1918 -0.0454 0.6044  0.3782  18  PRO AAA O    
158 C CB   . PRO A 18 ? 1.2044 1.3850 0.8806 -0.2271 0.3278  -0.1622 18  PRO AAA CB   
159 C CG   . PRO A 18 ? 1.5492 1.4057 0.7331 -0.1691 0.3182  -0.2168 18  PRO AAA CG   
160 C CD   . PRO A 18 ? 1.6655 0.9199 1.0226 -0.1548 0.5945  -0.3011 18  PRO AAA CD   
161 H HA   . PRO A 18 ? 1.3108 1.2109 1.2023 -0.1370 0.3924  -0.1529 18  PRO AAA HA   
162 H HB2  . PRO A 18 ? 1.3038 1.3039 0.9263 -0.1878 0.3325  -0.1560 18  PRO AAA HB2  
163 H HB3  . PRO A 18 ? 1.3068 1.3196 0.9356 -0.1755 0.3210  -0.1734 18  PRO AAA HB3  
164 H HG2  . PRO A 18 ? 1.4741 1.2798 0.8381 -0.1685 0.3531  -0.1978 18  PRO AAA HG2  
165 H HG3  . PRO A 18 ? 1.4799 1.3360 0.8701 -0.1950 0.3525  -0.1868 18  PRO AAA HG3  
166 H HD2  . PRO A 18 ? 1.6862 1.1342 0.9586 -0.1586 0.5001  -0.2800 18  PRO AAA HD2  
167 H HD3  . PRO A 18 ? 1.5906 1.0519 0.9246 -0.1518 0.4348  -0.2588 18  PRO AAA HD3  
168 N N    . GLY A 19 ? 1.4423 1.1450 0.8896 0.1049  0.1625  0.1621  19  GLY AAA N    
169 C CA   . GLY A 19 ? 1.5810 1.3568 0.6851 0.1497  0.2433  0.2748  19  GLY AAA CA   
170 C C    . GLY A 19 ? 1.8058 1.4540 0.5492 0.3904  -0.1304 0.1385  19  GLY AAA C    
171 O O    . GLY A 19 ? 1.4965 1.4159 1.1946 0.2199  -0.8377 -0.0109 19  GLY AAA O    
172 H H    . GLY A 19 ? 1.4237 1.2226 0.9397 0.0574  0.2348  0.1693  19  GLY AAA H    
173 H HA2  . GLY A 19 ? 1.5833 1.3251 0.8066 0.2125  0.0519  0.1333  19  GLY AAA HA2  
174 H HA3  . GLY A 19 ? 1.6004 1.3282 0.7674 0.2161  0.0390  0.1298  19  GLY AAA HA3  
175 N N    . LEU A 20 ? 2.2709 0.5974 0.6727 0.1501  0.3438  0.0067  20  LEU AAA N    
176 C CA   . LEU A 20 ? 1.6821 1.1551 0.9619 0.0823  0.2317  0.4145  20  LEU AAA CA   
177 C C    . LEU A 20 ? 1.5449 0.8601 1.0570 -0.1091 0.3207  0.1951  20  LEU AAA C    
178 O O    . LEU A 20 ? 1.7626 0.6397 0.8916 -0.4261 0.1488  -0.0076 20  LEU AAA O    
179 C CB   . LEU A 20 ? 1.2674 1.4898 1.4728 0.0606  0.0651  0.5338  20  LEU AAA CB   
180 H H    . LEU A 20 ? 2.0273 1.0372 0.7934 0.1743  0.2017  0.0314  20  LEU AAA H    
181 H HA   . LEU A 20 ? 1.7077 1.1669 1.0314 0.1892  0.0960  0.2339  20  LEU AAA HA   
182 H HB2  . LEU A 20 ? 1.3949 1.4772 1.4199 0.0705  0.1327  0.5241  20  LEU AAA HB2  
183 H HB3  . LEU A 20 ? 1.2580 1.2580 1.2580 0.0000  0.0000  0.0000  20  LEU AAA HB3  
184 N N    . SER A 22 ? 1.0864 1.2337 1.0729 -0.3525 0.4135  0.0624  22  SER AAA N    
185 C CA   . SER A 22 ? 1.0138 1.1340 0.9153 -0.1549 0.4619  0.0996  22  SER AAA CA   
186 C C    . SER A 22 ? 0.8748 0.8417 0.8845 -0.0684 0.3690  0.0489  22  SER AAA C    
187 O O    . SER A 22 ? 0.8325 0.7897 0.9688 -0.3093 0.1531  -0.0406 22  SER AAA O    
188 C CB   . SER A 22 ? 0.7900 1.1111 1.2499 0.0111  0.4702  0.1440  22  SER AAA CB   
189 O OG   . SER A 22 ? 1.1840 0.9641 1.2389 -0.2286 0.5165  0.2669  22  SER AAA OG   
190 H H    . SER A 22 ? 1.1207 1.1620 1.0893 -0.2664 0.3600  0.0698  22  SER AAA H    
191 H HA   . SER A 22 ? 0.9978 1.0709 1.0053 -0.1490 0.4250  0.0645  22  SER AAA HA   
192 H HB2  . SER A 22 ? 0.9478 1.0840 1.1752 -0.0653 0.4391  0.1467  22  SER AAA HB2  
193 H HB3  . SER A 22 ? 0.9234 1.0634 1.1441 -0.0660 0.4328  0.1582  22  SER AAA HB3  
194 H HG   . SER A 22 ? 0.9350 0.9350 0.9350 0.0000  0.0000  0.0000  22  SER AAA HG   
195 N N    . ARG A 23 ? 0.8554 0.3841 0.6535 -0.2738 0.3905  -0.1553 23  ARG AAA N    
196 C CA   . ARG A 23 ? 0.9081 0.5820 0.6339 -0.2437 0.1388  -0.0666 23  ARG AAA CA   
197 C C    . ARG A 23 ? 0.8124 0.6151 0.5135 -0.3230 0.1064  -0.1503 23  ARG AAA C    
198 O O    . ARG A 23 ? 0.7834 0.8512 0.4934 -0.2721 0.0580  -0.2474 23  ARG AAA O    
199 C CB   . ARG A 23 ? 1.2436 0.5389 0.5214 -0.1870 0.2134  0.0331  23  ARG AAA CB   
200 C CG   . ARG A 23 ? 1.3257 0.5447 0.5355 -0.2284 0.1157  -0.0500 23  ARG AAA CG   
201 C CD   . ARG A 23 ? 1.3709 0.6919 0.5912 -0.1026 0.2840  0.0080  23  ARG AAA CD   
202 N NE   . ARG A 23 ? 1.5206 0.7162 0.7672 -0.1220 0.3346  -0.2972 23  ARG AAA NE   
203 C CZ   . ARG A 23 ? 1.7378 0.9478 0.3024 -0.0918 0.2361  -0.0695 23  ARG AAA CZ   
204 N NH1  . ARG A 23 ? 1.7252 0.7918 0.2240 -0.2915 -0.0236 -0.2707 23  ARG AAA NH1  
205 N NH2  . ARG A 23 ? 1.6092 1.2413 0.5975 -0.3276 0.2084  -0.2789 23  ARG AAA NH2  
206 H H    . ARG A 23 ? 0.8979 0.5384 0.7047 -0.2212 0.3278  -0.0903 23  ARG AAA H    
207 H HA   . ARG A 23 ? 0.8949 0.5605 0.6026 -0.2526 0.1699  -0.0817 23  ARG AAA HA   
208 H HB2  . ARG A 23 ? 1.1893 0.5709 0.5808 -0.2005 0.1962  -0.0072 23  ARG AAA HB2  
209 H HB3  . ARG A 23 ? 1.1439 0.5773 0.5079 -0.2032 0.1810  -0.0114 23  ARG AAA HB3  
210 H HG2  . ARG A 23 ? 1.2830 0.5735 0.5166 -0.1868 0.1468  -0.0397 23  ARG AAA HG2  
211 H HG3  . ARG A 23 ? 1.3158 0.5939 0.5783 -0.1949 0.1362  -0.0168 23  ARG AAA HG3  
212 H HD2  . ARG A 23 ? 1.3348 0.6827 0.6805 -0.1286 0.2371  -0.0357 23  ARG AAA HD2  
213 H HD3  . ARG A 23 ? 1.3473 0.6898 0.6329 -0.1230 0.2497  -0.0703 23  ARG AAA HD3  
214 H HE   . ARG A 23 ? 1.4684 0.8141 0.6645 -0.1171 0.2404  -0.1254 23  ARG AAA HE   
215 H HH11 . ARG A 23 ? 1.5959 0.8985 0.3936 -0.2148 0.0390  -0.1816 23  ARG AAA HH11 
216 H HH12 . ARG A 23 ? 1.6085 0.9020 0.3566 -0.1989 0.0346  -0.1719 23  ARG AAA HH12 
217 H HH21 . ARG A 23 ? 1.5331 1.1241 0.6908 -0.2286 0.1653  -0.1878 23  ARG AAA HH21 
218 H HH22 . ARG A 23 ? 1.5701 1.2290 0.6779 -0.2948 0.1854  -0.2246 23  ARG AAA HH22 
219 N N    . GLN A 24 ? 0.8048 0.4436 0.5426 -0.1570 0.0626  -0.1387 24  GLN AAA N    
220 C CA   . GLN A 24 ? 0.6138 0.4776 0.5386 -0.1323 0.1190  -0.0621 24  GLN AAA CA   
221 C C    . GLN A 24 ? 0.5635 0.4592 0.3592 -0.1630 0.1160  -0.0237 24  GLN AAA C    
222 O O    . GLN A 24 ? 0.6396 0.4429 0.3765 -0.1103 0.1613  -0.0626 24  GLN AAA O    
223 C CB   . GLN A 24 ? 0.6027 0.5715 0.5458 -0.0657 0.0358  -0.0606 24  GLN AAA CB   
224 C CG   . GLN A 24 ? 0.6564 0.6052 0.5095 -0.0153 -0.0033 -0.0582 24  GLN AAA CG   
225 C CD   . GLN A 24 ? 0.7202 0.4649 0.6579 -0.0923 0.0128  -0.1212 24  GLN AAA CD   
226 O OE1  . GLN A 24 ? 0.9955 0.8659 0.8177 0.0934  -0.3288 -0.2610 24  GLN AAA OE1  
227 N NE2  . GLN A 24 ? 0.4554 0.4810 0.7425 -0.0273 0.0642  -0.2191 24  GLN AAA NE2  
228 H H    . GLN A 24 ? 0.7534 0.4981 0.5404 -0.1778 0.0932  -0.1164 24  GLN AAA H    
229 H HA   . GLN A 24 ? 0.6315 0.4944 0.5400 -0.1286 0.0970  -0.0656 24  GLN AAA HA   
230 H HB2  . GLN A 24 ? 0.6188 0.5572 0.5411 -0.0702 0.0466  -0.0583 24  GLN AAA HB2  
231 H HB3  . GLN A 24 ? 0.6204 0.5671 0.5405 -0.0644 0.0426  -0.0642 24  GLN AAA HB3  
232 H HG2  . GLN A 24 ? 0.6561 0.5720 0.5139 -0.0406 0.0140  -0.0745 24  GLN AAA HG2  
233 H HG3  . GLN A 24 ? 0.6687 0.5947 0.5466 -0.0310 0.0063  -0.0827 24  GLN AAA HG3  
234 H HE21 . GLN A 24 ? 0.5850 0.5850 0.5850 0.0000  0.0000  0.0000  24  GLN AAA HE21 
235 H HE22 . GLN A 24 ? 0.5850 0.5850 0.5850 0.0000  0.0000  0.0000  24  GLN AAA HE22 
236 N N    . TRP A 25 ? 0.4894 0.4708 0.4608 -0.1167 0.0501  -0.0397 25  TRP AAA N    
237 C CA   . TRP A 25 ? 0.4260 0.4557 0.4512 -0.0896 0.0962  -0.0291 25  TRP AAA CA   
238 C C    . TRP A 25 ? 0.4621 0.5271 0.4288 -0.0738 0.0817  -0.0489 25  TRP AAA C    
239 O O    . TRP A 25 ? 0.4471 0.5005 0.4404 -0.0934 0.0372  -0.1037 25  TRP AAA O    
240 C CB   . TRP A 25 ? 0.4161 0.4065 0.4773 -0.0476 0.0481  0.0036  25  TRP AAA CB   
241 C CG   . TRP A 25 ? 0.3819 0.4080 0.6011 -0.0812 0.1199  -0.0451 25  TRP AAA CG   
242 C CD1  . TRP A 25 ? 0.3140 0.4638 0.6432 -0.0196 0.1283  -0.0432 25  TRP AAA CD1  
243 C CD2  . TRP A 25 ? 0.3588 0.5937 0.6125 -0.1154 0.1277  -0.0514 25  TRP AAA CD2  
244 N NE1  . TRP A 25 ? 0.3724 0.4490 0.5876 -0.0997 0.0772  -0.1172 25  TRP AAA NE1  
245 C CE2  . TRP A 25 ? 0.4300 0.6125 0.5265 -0.0289 0.1088  -0.0689 25  TRP AAA CE2  
246 C CE3  . TRP A 25 ? 0.2879 0.6040 0.6592 -0.1335 0.0244  -0.0687 25  TRP AAA CE3  
247 C CZ2  . TRP A 25 ? 0.4236 0.6420 0.5805 -0.1365 0.1117  -0.1332 25  TRP AAA CZ2  
248 C CZ3  . TRP A 25 ? 0.3058 0.6879 0.5932 -0.1280 0.0636  -0.1596 25  TRP AAA CZ3  
249 C CH2  . TRP A 25 ? 0.3002 0.6460 0.6558 -0.1636 0.0901  -0.1793 25  TRP AAA CH2  
250 H H    . TRP A 25 ? 0.4927 0.4656 0.4648 -0.1138 0.0723  -0.0313 25  TRP AAA H    
251 H HA   . TRP A 25 ? 0.4322 0.4585 0.4383 -0.0837 0.0912  -0.0266 25  TRP AAA HA   
252 H HB2  . TRP A 25 ? 0.4203 0.4185 0.5042 -0.0624 0.0672  -0.0153 25  TRP AAA HB2  
253 H HB3  . TRP A 25 ? 0.4144 0.4169 0.4977 -0.0616 0.0730  -0.0164 25  TRP AAA HB3  
254 H HD1  . TRP A 25 ? 0.3374 0.4594 0.5992 -0.0508 0.1210  -0.0711 25  TRP AAA HD1  
255 H HE1  . TRP A 25 ? 0.3632 0.4806 0.5552 -0.0800 0.0754  -0.1094 25  TRP AAA HE1  
256 H HE3  . TRP A 25 ? 0.3093 0.6022 0.6104 -0.1264 0.0500  -0.0933 25  TRP AAA HE3  
257 H HZ2  . TRP A 25 ? 0.3934 0.6191 0.5855 -0.1070 0.1026  -0.1176 25  TRP AAA HZ2  
258 H HZ3  . TRP A 25 ? 0.3192 0.6325 0.5973 -0.1239 0.0707  -0.1403 25  TRP AAA HZ3  
259 H HH2  . TRP A 25 ? 0.3093 0.6283 0.6144 -0.1313 0.0911  -0.1467 25  TRP AAA HH2  
260 N N    . LYS A 26 ? 0.4127 0.4405 0.4508 -0.0630 0.1041  -0.0860 26  LYS AAA N    
261 C CA   . LYS A 26 ? 0.3859 0.6235 0.4346 -0.0377 0.1053  -0.1501 26  LYS AAA CA   
262 C C    . LYS A 26 ? 0.3998 0.5701 0.4311 -0.0807 0.0772  -0.1692 26  LYS AAA C    
263 O O    . LYS A 26 ? 0.3249 0.6968 0.3953 -0.0747 0.1072  -0.1213 26  LYS AAA O    
264 C CB   . LYS A 26 ? 0.4000 0.7153 0.3298 -0.1066 0.0772  -0.2201 26  LYS AAA CB   
265 H H    . LYS A 26 ? 0.4112 0.4966 0.4432 -0.0578 0.0965  -0.0865 26  LYS AAA H    
266 H HA   . LYS A 26 ? 0.3792 0.5818 0.4170 -0.0594 0.0988  -0.1460 26  LYS AAA HA   
267 H HB2  . LYS A 26 ? 0.4048 0.7068 0.3694 -0.0890 0.0834  -0.1913 26  LYS AAA HB2  
268 H HB3  . LYS A 26 ? 0.4500 0.4500 0.4500 0.0000  0.0000  0.0000  26  LYS AAA HB3  
269 N N    . GLY A 27 ? 0.3902 0.4556 0.5412 -0.1052 0.1189  -0.1653 27  GLY AAA N    
270 C CA   . GLY A 27 ? 0.4077 0.5243 0.5330 -0.1057 0.1373  -0.1565 27  GLY AAA CA   
271 C C    . GLY A 27 ? 0.3853 0.5391 0.5506 -0.1054 0.1130  -0.1467 27  GLY AAA C    
272 O O    . GLY A 27 ? 0.4907 0.5736 0.4577 -0.1108 0.1651  -0.1556 27  GLY AAA O    
273 H H    . GLY A 27 ? 0.3963 0.5027 0.5120 -0.0950 0.1076  -0.1572 27  GLY AAA H    
274 H HA2  . GLY A 27 ? 0.4045 0.5143 0.5392 -0.0987 0.1263  -0.1472 27  GLY AAA HA2  
275 H HA3  . GLY A 27 ? 0.4020 0.5159 0.5301 -0.1008 0.1227  -0.1497 27  GLY AAA HA3  
276 N N    . PRO A 28 ? 0.4199 0.5507 0.4913 -0.0925 0.1577  -0.1948 28  PRO AAA N    
277 C CA   . PRO A 28 ? 0.3948 0.5538 0.4704 -0.0972 0.1466  -0.1861 28  PRO AAA CA   
278 C C    . PRO A 28 ? 0.4268 0.4790 0.4082 -0.1566 0.2037  -0.1721 28  PRO AAA C    
279 O O    . PRO A 28 ? 0.4659 0.4867 0.6224 -0.1386 0.2115  -0.0993 28  PRO AAA O    
280 C CB   . PRO A 28 ? 0.4717 0.5644 0.4059 -0.0974 0.1810  -0.1304 28  PRO AAA CB   
281 C CG   . PRO A 28 ? 0.4025 0.6009 0.4196 -0.1175 0.1878  -0.1435 28  PRO AAA CG   
282 C CD   . PRO A 28 ? 0.4508 0.4810 0.4762 -0.1224 0.1631  -0.1059 28  PRO AAA CD   
283 H HA   . PRO A 28 ? 0.4239 0.5410 0.4491 -0.0973 0.1538  -0.1639 28  PRO AAA HA   
284 H HB2  . PRO A 28 ? 0.4459 0.5722 0.4239 -0.0959 0.1681  -0.1386 28  PRO AAA HB2  
285 H HB3  . PRO A 28 ? 0.4677 0.5683 0.4270 -0.1009 0.1636  -0.1384 28  PRO AAA HB3  
286 H HG2  . PRO A 28 ? 0.4326 0.5732 0.4401 -0.1098 0.1712  -0.1379 28  PRO AAA HG2  
287 H HG3  . PRO A 28 ? 0.4311 0.5602 0.4317 -0.1137 0.1707  -0.1306 28  PRO AAA HG3  
288 H HD2  . PRO A 28 ? 0.4344 0.5229 0.4747 -0.1277 0.1588  -0.1233 28  PRO AAA HD2  
289 H HD3  . PRO A 28 ? 0.4285 0.5274 0.4711 -0.1137 0.1584  -0.1257 28  PRO AAA HD3  
290 N N    . GLN A 29 ? 0.3498 0.5345 0.4457 -0.0949 0.1953  -0.1344 29  GLN AAA N    
291 C CA   . GLN A 29 ? 0.3548 0.4484 0.4788 -0.1102 0.1547  -0.1367 29  GLN AAA CA   
292 C C    . GLN A 29 ? 0.4854 0.4083 0.5103 -0.0907 0.1935  -0.1545 29  GLN AAA C    
293 O O    . GLN A 29 ? 0.5328 0.4331 0.4991 -0.1776 0.1468  -0.1492 29  GLN AAA O    
294 C CB   . GLN A 29 ? 0.3618 0.4361 0.6061 -0.0594 0.1568  -0.0658 29  GLN AAA CB   
295 C CG   . GLN A 29 ? 0.4320 0.6389 0.5500 -0.1089 0.1236  0.0343  29  GLN AAA CG   
296 C CD   . GLN A 29 ? 0.3628 0.8048 0.6054 -0.1501 0.0878  0.0332  29  GLN AAA CD   
297 O OE1  . GLN A 29 ? 0.4159 0.8930 0.5201 -0.0676 0.1239  -0.0109 29  GLN AAA OE1  
298 N NE2  . GLN A 29 ? 0.2909 0.6912 0.6188 -0.1551 0.0665  0.1595  29  GLN AAA NE2  
299 H H    . GLN A 29 ? 0.3703 0.5003 0.4454 -0.1084 0.1765  -0.1384 29  GLN AAA H    
300 H HA   . GLN A 29 ? 0.3548 0.4587 0.4994 -0.1072 0.1632  -0.1184 29  GLN AAA HA   
301 H HB2  . GLN A 29 ? 0.3753 0.4802 0.5525 -0.0820 0.1427  -0.0614 29  GLN AAA HB2  
302 H HB3  . GLN A 29 ? 0.3776 0.4808 0.5586 -0.0815 0.1436  -0.0619 29  GLN AAA HB3  
303 H HG2  . GLN A 29 ? 0.4047 0.6260 0.5803 -0.1039 0.1158  0.0176  29  GLN AAA HG2  
304 H HG3  . GLN A 29 ? 0.4062 0.6119 0.5509 -0.1036 0.1223  0.0237  29  GLN AAA HG3  
305 H HE21 . GLN A 29 ? 0.5220 0.5220 0.5220 0.0000  0.0000  0.0000  29  GLN AAA HE21 
306 H HE22 . GLN A 29 ? 0.5220 0.5220 0.5220 0.0000  0.0000  0.0000  29  GLN AAA HE22 
307 N N    . GLU A 30 ? 0.4432 0.4436 0.5541 -0.0951 0.1692  -0.1711 30  GLU AAA N    
308 C CA   . GLU A 30 ? 0.3698 0.4824 0.5638 -0.1137 0.2058  -0.2383 30  GLU AAA CA   
309 C C    . GLU A 30 ? 0.4402 0.6566 0.4162 -0.1464 0.1042  -0.2563 30  GLU AAA C    
310 O O    . GLU A 30 ? 0.3336 0.7792 0.4992 -0.1262 0.0331  -0.2345 30  GLU AAA O    
311 C CB   . GLU A 30 ? 0.4401 0.4917 0.6423 -0.1362 0.1928  -0.2138 30  GLU AAA CB   
312 C CG   . GLU A 30 ? 0.5516 0.5235 0.6399 -0.1061 0.1361  -0.2999 30  GLU AAA CG   
313 C CD   . GLU A 30 ? 0.5953 0.5061 0.8356 -0.0733 0.1272  -0.2885 30  GLU AAA CD   
314 O OE1  . GLU A 30 ? 0.5318 0.6291 0.7631 -0.1830 0.2267  -0.3933 30  GLU AAA OE1  
315 O OE2  . GLU A 30 ? 0.7806 0.4545 0.7749 -0.1020 0.1380  -0.2633 30  GLU AAA OE2  
316 H H    . GLU A 30 ? 0.4373 0.4503 0.5435 -0.0934 0.1766  -0.1725 30  GLU AAA H    
317 H HA   . GLU A 30 ? 0.4203 0.5115 0.5532 -0.1196 0.1785  -0.2146 30  GLU AAA HA   
318 H HB2  . GLU A 30 ? 0.4482 0.4951 0.6117 -0.1239 0.1806  -0.2254 30  GLU AAA HB2  
319 H HB3  . GLU A 30 ? 0.4542 0.5031 0.6287 -0.1219 0.1786  -0.2304 30  GLU AAA HB3  
320 H HG2  . GLU A 30 ? 0.5332 0.5145 0.6754 -0.1035 0.1384  -0.2630 30  GLU AAA HG2  
321 H HG3  . GLU A 30 ? 0.5273 0.5154 0.6663 -0.1000 0.1344  -0.2604 30  GLU AAA HG3  
322 N N    . ALA A 31 ? 0.4615 0.6738 0.5537 -0.1661 0.1588  -0.1903 31  ALA AAA N    
323 C CA   . ALA A 31 ? 0.3565 0.6535 0.6670 -0.1926 0.1836  -0.2480 31  ALA AAA CA   
324 C C    . ALA A 31 ? 0.4723 0.6295 0.7153 -0.1427 0.1429  -0.2713 31  ALA AAA C    
325 O O    . ALA A 31 ? 0.4622 0.5607 0.8591 -0.1839 0.1597  -0.4007 31  ALA AAA O    
326 C CB   . ALA A 31 ? 0.3511 0.5319 0.8180 -0.1581 0.0877  -0.2180 31  ALA AAA CB   
327 H H    . ALA A 31 ? 0.4346 0.6544 0.5500 -0.1570 0.1465  -0.2127 31  ALA AAA H    
328 H HA   . ALA A 31 ? 0.4084 0.6525 0.6761 -0.1717 0.1463  -0.2367 31  ALA AAA HA   
329 H HB1  . ALA A 31 ? 0.3784 0.5632 0.7934 -0.1522 0.0902  -0.2230 31  ALA AAA HB1  
330 H HB2  . ALA A 31 ? 0.3660 0.5691 0.7739 -0.1549 0.1069  -0.2145 31  ALA AAA HB2  
331 H HB3  . ALA A 31 ? 0.3641 0.5424 0.7685 -0.1498 0.1029  -0.2083 31  ALA AAA HB3  
332 N N    . LEU A 32 ? 0.4353 0.7144 0.7383 -0.1806 0.1965  -0.2862 32  LEU AAA N    
333 C CA   . LEU A 32 ? 0.3725 0.7734 0.5991 -0.2476 0.1153  -0.2137 32  LEU AAA CA   
334 C C    . LEU A 32 ? 0.5633 0.7378 0.8408 -0.1446 0.2248  -0.3766 32  LEU AAA C    
335 O O    . LEU A 32 ? 0.5168 0.7601 0.8161 -0.2372 0.2010  -0.4027 32  LEU AAA O    
336 C CB   . LEU A 32 ? 0.6124 0.7915 0.5111 -0.2278 0.1501  -0.1885 32  LEU AAA CB   
337 C CG   . LEU A 32 ? 0.5555 1.0505 0.3801 -0.2215 0.0442  -0.0250 32  LEU AAA CG   
338 C CD1  . LEU A 32 ? 0.5561 1.1540 0.2668 -0.0825 0.1145  0.0005  32  LEU AAA CD1  
339 C CD2  . LEU A 32 ? 0.5978 0.9408 0.8873 -0.2016 0.0268  -0.0379 32  LEU AAA CD2  
340 H H    . LEU A 32 ? 0.4447 0.7209 0.6894 -0.1805 0.1548  -0.2544 32  LEU AAA H    
341 H HA   . LEU A 32 ? 0.4570 0.7189 0.6571 -0.2279 0.1558  -0.2296 32  LEU AAA HA   
342 H HB2  . LEU A 32 ? 0.5396 0.8231 0.5084 -0.2236 0.1194  -0.1586 32  LEU AAA HB2  
343 H HB3  . LEU A 32 ? 0.5390 0.8157 0.4874 -0.2191 0.1197  -0.1774 32  LEU AAA HB3  
344 H HG   . LEU A 32 ? 0.5812 0.9893 0.4825 -0.1870 0.0771  -0.0516 32  LEU AAA HG   
345 H HD11 . LEU A 32 ? 0.5676 1.1313 0.3181 -0.1000 0.0894  -0.0154 32  LEU AAA HD11 
346 H HD12 . LEU A 32 ? 0.5392 1.1050 0.3198 -0.1062 0.0967  -0.0112 32  LEU AAA HD12 
347 H HD13 . LEU A 32 ? 0.5573 1.1118 0.3178 -0.1128 0.0948  -0.0081 32  LEU AAA HD13 
348 H HD21 . LEU A 32 ? 0.5903 0.9959 0.7549 -0.2087 0.0388  -0.0157 32  LEU AAA HD21 
349 H HD22 . LEU A 32 ? 0.5957 0.9729 0.7294 -0.2070 0.0399  -0.0377 32  LEU AAA HD22 
350 H HD23 . LEU A 32 ? 0.5932 0.9734 0.8054 -0.2194 0.0689  -0.0733 32  LEU AAA HD23 
351 N N    . GLN A 33 ? 0.5611 0.8850 0.6949 -0.1366 0.1422  -0.3734 33  GLN AAA N    
352 C CA   . GLN A 33 ? 0.5438 0.8150 0.6132 -0.1223 0.1750  -0.4010 33  GLN AAA CA   
353 C C    . GLN A 33 ? 0.5792 0.9616 0.4832 -0.1105 0.1747  -0.4060 33  GLN AAA C    
354 O O    . GLN A 33 ? 0.4687 0.7456 0.7507 -0.1720 0.1552  -0.3934 33  GLN AAA O    
355 C CB   . GLN A 33 ? 0.4757 1.1412 0.7591 -0.1502 0.2819  -0.2140 33  GLN AAA CB   
356 C CG   . GLN A 33 ? 0.8001 1.1486 0.6473 -0.0963 0.3513  -0.3106 33  GLN AAA CG   
357 C CD   . GLN A 33 ? 0.9220 1.1645 0.6475 0.0276  0.2813  -0.5049 33  GLN AAA CD   
358 O OE1  . GLN A 33 ? 0.8106 1.2702 0.9742 0.0234  0.1962  -0.0829 33  GLN AAA OE1  
359 N NE2  . GLN A 33 ? 0.9921 1.0684 0.6835 0.1697  -0.3202 -0.1949 33  GLN AAA NE2  
360 H H    . GLN A 33 ? 0.5531 0.8592 0.7017 -0.1458 0.1543  -0.3395 33  GLN AAA H    
361 H HA   . GLN A 33 ? 0.5625 0.8491 0.6434 -0.1157 0.1800  -0.3335 33  GLN AAA HA   
362 H HB2  . GLN A 33 ? 0.5816 1.0391 0.6983 -0.1180 0.2433  -0.2830 33  GLN AAA HB2  
363 H HB3  . GLN A 33 ? 0.5756 1.0622 0.6951 -0.1172 0.2500  -0.2845 33  GLN AAA HB3  
364 H HG2  . GLN A 33 ? 0.7907 1.1368 0.6885 -0.0611 0.3167  -0.3128 33  GLN AAA HG2  
365 H HG3  . GLN A 33 ? 0.7553 1.1062 0.6785 -0.0806 0.3047  -0.3110 33  GLN AAA HG3  
366 H HE21 . GLN A 33 ? 0.9390 0.9390 0.9390 0.0000  0.0000  0.0000  33  GLN AAA HE21 
367 H HE22 . GLN A 33 ? 0.9390 0.9390 0.9390 0.0000  0.0000  0.0000  33  GLN AAA HE22 
368 N N    . GLU A 34 ? 0.4463 0.9056 0.9981 -0.0757 0.1843  -0.4230 34  GLU AAA N    
369 C CA   . GLU A 34 ? 0.6138 1.0525 1.0057 -0.1252 0.0334  -0.3597 34  GLU AAA CA   
370 C C    . GLU A 34 ? 0.6189 0.9424 0.8648 -0.0714 0.0044  -0.4568 34  GLU AAA C    
371 O O    . GLU A 34 ? 0.5433 0.9395 0.9423 -0.1967 0.0377  -0.5362 34  GLU AAA O    
372 C CB   . GLU A 34 ? 0.5124 0.9837 1.0429 -0.0940 0.0420  -0.3363 34  GLU AAA CB   
373 C CG   . GLU A 34 ? 0.6607 0.9686 0.9787 -0.1792 0.0952  -0.2770 34  GLU AAA CG   
374 C CD   . GLU A 34 ? 0.9293 1.0514 1.0003 -0.1026 0.0583  -0.4373 34  GLU AAA CD   
375 O OE1  . GLU A 34 ? 1.0640 0.9830 1.3730 -0.3003 0.3117  -0.3998 34  GLU AAA OE1  
376 O OE2  . GLU A 34 ? 0.7761 1.2319 0.9439 -0.0959 0.2062  -0.5128 34  GLU AAA OE2  
377 H H    . GLU A 34 ? 0.5406 0.8882 0.8422 -0.0838 0.1485  -0.3988 34  GLU AAA H    
378 H HA   . GLU A 34 ? 0.5865 1.0466 0.9659 -0.1258 0.0546  -0.3511 34  GLU AAA HA   
379 H HB2  . GLU A 34 ? 0.5744 0.9607 1.0069 -0.0968 0.0525  -0.3292 34  GLU AAA HB2  
380 H HB3  . GLU A 34 ? 0.5885 0.9873 1.0051 -0.1158 0.0486  -0.3293 34  GLU AAA HB3  
381 H HG2  . GLU A 34 ? 0.6850 0.9865 0.9915 -0.1316 0.0746  -0.3159 34  GLU AAA HG2  
382 H HG3  . GLU A 34 ? 0.6924 0.9663 0.9952 -0.1306 0.0670  -0.3083 34  GLU AAA HG3  
383 N N    . ALA A 35 ? 0.5373 1.0275 0.8273 -0.1720 0.2540  -0.3710 35  ALA AAA N    
384 C CA   . ALA A 35 ? 0.5147 0.9480 0.7573 -0.2566 0.2421  -0.4803 35  ALA AAA CA   
385 C C    . ALA A 35 ? 0.4429 0.9584 0.8877 -0.1451 0.0768  -0.3937 35  ALA AAA C    
386 O O    . ALA A 35 ? 0.4625 0.9219 0.8976 -0.2638 0.1659  -0.1943 35  ALA AAA O    
387 C CB   . ALA A 35 ? 0.5838 1.0775 0.9737 -0.3137 0.3082  -0.3025 35  ALA AAA CB   
388 H H    . ALA A 35 ? 0.5586 1.0065 0.8339 -0.1686 0.1735  -0.3883 35  ALA AAA H    
389 H HA   . ALA A 35 ? 0.5306 0.9457 0.8367 -0.2061 0.2162  -0.4059 35  ALA AAA HA   
390 H HB1  . ALA A 35 ? 0.5651 1.0086 0.8983 -0.2772 0.2812  -0.3314 35  ALA AAA HB1  
391 H HB2  . ALA A 35 ? 0.6071 1.0557 0.9222 -0.2598 0.3032  -0.3180 35  ALA AAA HB2  
392 H HB3  . ALA A 35 ? 0.5900 1.0806 0.9063 -0.3040 0.2736  -0.3244 35  ALA AAA HB3  
393 N N    . ALA A 36 ? 0.5244 0.8375 0.7941 -0.1555 0.1570  -0.4141 36  ALA AAA N    
394 C CA   . ALA A 36 ? 0.2856 0.7444 1.1480 -0.0956 0.1880  -0.3819 36  ALA AAA CA   
395 C C    . ALA A 36 ? 0.3831 0.8692 0.6987 -0.1652 0.2724  -0.3886 36  ALA AAA C    
396 O O    . ALA A 36 ? 0.4826 1.0753 0.7401 -0.2360 0.1959  -0.1973 36  ALA AAA O    
397 C CB   . ALA A 36 ? 0.4169 0.6173 1.1829 -0.2129 0.3054  -0.4006 36  ALA AAA CB   
398 H H    . ALA A 36 ? 0.4533 0.8324 0.8334 -0.1342 0.1792  -0.4046 36  ALA AAA H    
399 H HA   . ALA A 36 ? 0.3930 0.7837 1.0293 -0.1413 0.2222  -0.4059 36  ALA AAA HA   
400 H HB1  . ALA A 36 ? 0.3929 0.6301 1.1290 -0.1803 0.2527  -0.3923 36  ALA AAA HB1  
401 H HB2  . ALA A 36 ? 0.3974 0.6589 1.1577 -0.1761 0.2574  -0.3866 36  ALA AAA HB2  
402 H HB3  . ALA A 36 ? 0.3998 0.6668 1.1604 -0.1652 0.2593  -0.3862 36  ALA AAA HB3  
403 N N    . GLY A 37 ? 0.4237 0.8661 0.5782 -0.2896 0.1849  -0.3328 37  GLY AAA N    
404 C CA   . GLY A 37 ? 0.5819 0.9184 0.7858 -0.1834 0.0817  -0.2725 37  GLY AAA CA   
405 C C    . GLY A 37 ? 0.5411 0.8123 0.8576 -0.1631 0.1505  -0.3781 37  GLY AAA C    
406 O O    . GLY A 37 ? 0.5120 0.7706 0.9254 -0.1877 0.1488  -0.4124 37  GLY AAA O    
407 H H    . GLY A 37 ? 0.4598 0.8612 0.6470 -0.2195 0.1680  -0.3006 37  GLY AAA H    
408 H HA2  . GLY A 37 ? 0.5432 0.8815 0.7802 -0.1955 0.1222  -0.2975 37  GLY AAA HA2  
409 H HA3  . GLY A 37 ? 0.5519 0.8975 0.7646 -0.1812 0.1097  -0.3162 37  GLY AAA HA3  
410 N N    . ALA A 38 ? 0.3767 0.8412 0.6711 -0.1006 0.1254  -0.3504 38  ALA AAA N    
411 C CA   . ALA A 38 ? 0.4333 0.8025 0.6312 -0.1718 0.0590  -0.2744 38  ALA AAA CA   
412 C C    . ALA A 38 ? 0.3396 0.7582 0.5732 -0.1686 0.0954  -0.2584 38  ALA AAA C    
413 O O    . ALA A 38 ? 0.4118 0.7139 0.6374 -0.1224 0.1721  -0.2524 38  ALA AAA O    
414 C CB   . ALA A 38 ? 0.4864 0.6384 0.6271 -0.1156 0.1360  -0.3175 38  ALA AAA CB   
415 H H    . ALA A 38 ? 0.4327 0.8046 0.6938 -0.1303 0.1134  -0.3263 38  ALA AAA H    
416 H HA   . ALA A 38 ? 0.4309 0.7816 0.6586 -0.1548 0.0840  -0.2610 38  ALA AAA HA   
417 H HB1  . ALA A 38 ? 0.4876 0.6783 0.6251 -0.1317 0.1176  -0.2977 38  ALA AAA HB1  
418 H HB2  . ALA A 38 ? 0.4766 0.6667 0.6207 -0.1357 0.1182  -0.2971 38  ALA AAA HB2  
419 H HB3  . ALA A 38 ? 0.4698 0.6657 0.6015 -0.1205 0.1252  -0.3123 38  ALA AAA HB3  
420 N N    . ALA A 39 ? 0.3291 0.7402 0.6526 -0.2008 0.1217  -0.2585 39  ALA AAA N    
421 C CA   . ALA A 39 ? 0.2650 0.6205 0.6695 -0.1183 0.1535  -0.2296 39  ALA AAA CA   
422 C C    . ALA A 39 ? 0.4409 0.7724 0.5587 -0.2451 0.1395  -0.2245 39  ALA AAA C    
423 O O    . ALA A 39 ? 0.3794 0.7559 0.6267 -0.1517 0.1663  -0.2312 39  ALA AAA O    
424 C CB   . ALA A 39 ? 0.3303 0.6394 0.6803 -0.1812 0.0359  -0.3144 39  ALA AAA CB   
425 H H    . ALA A 39 ? 0.3383 0.7334 0.6403 -0.1779 0.1136  -0.2348 39  ALA AAA H    
426 H HA   . ALA A 39 ? 0.3209 0.6249 0.6292 -0.1361 0.1319  -0.2664 39  ALA AAA HA   
427 H HB1  . ALA A 39 ? 0.3104 0.6136 0.6549 -0.1696 0.0727  -0.2676 39  ALA AAA HB1  
428 H HB2  . ALA A 39 ? 0.3199 0.6287 0.6704 -0.1583 0.0734  -0.2721 39  ALA AAA HB2  
429 H HB3  . ALA A 39 ? 0.3235 0.6343 0.6712 -0.1647 0.0722  -0.2676 39  ALA AAA HB3  
430 N N    . LEU A 40 ? 0.3663 0.8000 0.5757 -0.1965 0.1186  -0.2447 40  LEU AAA N    
431 C CA   . LEU A 40 ? 0.3908 0.8346 0.5926 -0.2039 0.1226  -0.2570 40  LEU AAA CA   
432 C C    . LEU A 40 ? 0.4353 0.7914 0.4403 -0.1776 0.1621  -0.2742 40  LEU AAA C    
433 O O    . LEU A 40 ? 0.4756 0.7812 0.5062 -0.2118 0.2056  -0.2532 40  LEU AAA O    
434 C CB   . LEU A 40 ? 0.4387 0.7691 0.5392 -0.2587 0.0683  -0.2002 40  LEU AAA CB   
435 C CG   . LEU A 40 ? 0.4086 0.9021 0.4723 -0.2430 0.1352  -0.2231 40  LEU AAA CG   
436 C CD1  . LEU A 40 ? 0.5459 0.9189 0.5562 -0.1164 0.0213  -0.2445 40  LEU AAA CD1  
437 C CD2  . LEU A 40 ? 0.4989 0.9203 0.4988 -0.3276 0.0429  -0.1979 40  LEU AAA CD2  
438 H H    . LEU A 40 ? 0.3979 0.7807 0.5804 -0.1971 0.1184  -0.2358 40  LEU AAA H    
439 H HA   . LEU A 40 ? 0.4182 0.8219 0.5590 -0.1956 0.1161  -0.2443 40  LEU AAA HA   
440 H HB2  . LEU A 40 ? 0.4488 0.7867 0.5435 -0.2282 0.0832  -0.2075 40  LEU AAA HB2  
441 H HB3  . LEU A 40 ? 0.4366 0.7630 0.5374 -0.2375 0.0952  -0.1994 40  LEU AAA HB3  
442 H HG   . LEU A 40 ? 0.3884 0.8522 0.4974 -0.2301 0.1120  -0.2049 40  LEU AAA HG   
443 H HD11 . LEU A 40 ? 0.5195 0.9053 0.5482 -0.1547 0.0605  -0.2286 40  LEU AAA HD11 
444 H HD12 . LEU A 40 ? 0.5151 0.9067 0.5332 -0.1466 0.0484  -0.2256 40  LEU AAA HD12 
445 H HD13 . LEU A 40 ? 0.5668 0.8996 0.5467 -0.1437 0.0347  -0.2301 40  LEU AAA HD13 
446 H HD21 . LEU A 40 ? 0.5078 0.8890 0.5082 -0.2824 0.0557  -0.1973 40  LEU AAA HD21 
447 H HD22 . LEU A 40 ? 0.4799 0.9009 0.4982 -0.2857 0.0666  -0.1942 40  LEU AAA HD22 
448 H HD23 . LEU A 40 ? 0.4831 0.8967 0.5012 -0.2884 0.0687  -0.1966 40  LEU AAA HD23 
449 N N    . ILE A 41 ? 0.3958 0.6832 0.6240 -0.2166 0.1331  -0.1959 41  ILE AAA N    
450 C CA   . ILE A 41 ? 0.4843 0.8538 0.4159 -0.1427 0.1553  -0.2145 41  ILE AAA CA   
451 C C    . ILE A 41 ? 0.4376 0.7710 0.5264 -0.1780 0.1282  -0.2372 41  ILE AAA C    
452 O O    . ILE A 41 ? 0.3297 0.9356 0.5067 -0.1670 0.1424  -0.1900 41  ILE AAA O    
453 C CB   . ILE A 41 ? 0.3875 0.7435 0.7080 -0.0954 0.1673  -0.2918 41  ILE AAA CB   
454 C CG1  . ILE A 41 ? 0.3940 0.7358 0.6882 -0.0692 0.1836  -0.2705 41  ILE AAA CG1  
455 C CG2  . ILE A 41 ? 0.4145 0.7290 0.5284 -0.0378 0.1469  -0.2844 41  ILE AAA CG2  
456 C CD1  . ILE A 41 ? 0.5944 0.8353 0.7603 -0.0137 0.1091  -0.2514 41  ILE AAA CD1  
457 H H    . ILE A 41 ? 0.4274 0.6979 0.5267 -0.1996 0.1479  -0.1906 41  ILE AAA H    
458 H HA   . ILE A 41 ? 0.4528 0.7882 0.5420 -0.1472 0.1409  -0.2286 41  ILE AAA HA   
459 H HB   . ILE A 41 ? 0.4225 0.7668 0.6148 -0.0877 0.1578  -0.2654 41  ILE AAA HB   
460 H HG12 . ILE A 41 ? 0.4117 0.7359 0.6864 -0.0774 0.1826  -0.2517 41  ILE AAA HG12 
461 H HG13 . ILE A 41 ? 0.4361 0.7415 0.6914 -0.0680 0.1640  -0.2719 41  ILE AAA HG13 
462 H HG21 . ILE A 41 ? 0.4007 0.7242 0.5651 -0.0558 0.1363  -0.2702 41  ILE AAA HG21 
463 H HG22 . ILE A 41 ? 0.4070 0.7130 0.5581 -0.0572 0.1434  -0.2858 41  ILE AAA HG22 
464 H HG23 . ILE A 41 ? 0.4108 0.7218 0.5704 -0.0579 0.1464  -0.2744 41  ILE AAA HG23 
465 H HD11 . ILE A 41 ? 0.5859 0.7958 0.7624 -0.0244 0.0984  -0.2518 41  ILE AAA HD11 
466 H HD12 . ILE A 41 ? 0.5617 0.8008 0.7504 -0.0339 0.1356  -0.2466 41  ILE AAA HD12 
467 H HD13 . ILE A 41 ? 0.5427 0.8125 0.7448 -0.0413 0.1253  -0.2323 41  ILE AAA HD13 
468 N N    . PRO A 42 ? 0.4765 0.7123 0.5813 -0.1686 0.1360  -0.2564 42  PRO AAA N    
469 C CA   . PRO A 42 ? 0.4895 0.7055 0.4770 -0.2133 0.1592  -0.2647 42  PRO AAA CA   
470 C C    . PRO A 42 ? 0.5945 0.8447 0.4498 -0.1129 0.1738  -0.2198 42  PRO AAA C    
471 O O    . PRO A 42 ? 0.5464 0.8424 0.4362 -0.1327 0.1689  -0.2006 42  PRO AAA O    
472 C CB   . PRO A 42 ? 0.3070 0.8556 0.6345 -0.1779 0.0776  -0.2049 42  PRO AAA CB   
473 C CG   . PRO A 42 ? 0.5245 0.6127 0.6318 -0.1763 0.1048  -0.2580 42  PRO AAA CG   
474 C CD   . PRO A 42 ? 0.5062 0.7728 0.5431 -0.2024 0.0953  -0.1994 42  PRO AAA CD   
475 H HA   . PRO A 42 ? 0.4783 0.7584 0.4813 -0.1711 0.1434  -0.2270 42  PRO AAA HA   
476 H HB2  . PRO A 42 ? 0.4270 0.7574 0.6026 -0.1782 0.0872  -0.2185 42  PRO AAA HB2  
477 H HB3  . PRO A 42 ? 0.4076 0.7575 0.5849 -0.1800 0.0892  -0.2260 42  PRO AAA HB3  
478 H HG2  . PRO A 42 ? 0.4776 0.6978 0.6116 -0.1709 0.0879  -0.2289 42  PRO AAA HG2  
479 H HG3  . PRO A 42 ? 0.4700 0.6891 0.5818 -0.1683 0.0978  -0.2438 42  PRO AAA HG3  
480 H HD2  . PRO A 42 ? 0.5148 0.7217 0.5485 -0.1815 0.1044  -0.2167 42  PRO AAA HD2  
481 H HD3  . PRO A 42 ? 0.5311 0.7378 0.5661 -0.1959 0.0982  -0.2112 42  PRO AAA HD3  
482 N N    . VAL A 43 ? 0.5982 0.8614 0.5115 -0.1688 0.1434  -0.1600 43  VAL AAA N    
483 C CA   . VAL A 43 ? 0.4652 0.9276 0.6132 -0.1487 0.3069  -0.1952 43  VAL AAA CA   
484 C C    . VAL A 43 ? 0.7077 0.7946 0.7526 0.0016  0.1845  -0.1756 43  VAL AAA C    
485 O O    . VAL A 43 ? 0.4817 0.8638 1.1535 -0.0162 0.3421  -0.1926 43  VAL AAA O    
486 C CB   . VAL A 43 ? 0.7130 0.7512 0.7598 -0.0931 0.3549  -0.1140 43  VAL AAA CB   
487 C CG1  . VAL A 43 ? 0.7108 0.6961 0.7541 -0.1277 0.3297  -0.2118 43  VAL AAA CG1  
488 C CG2  . VAL A 43 ? 0.6351 0.8141 0.7048 -0.0997 0.3568  -0.1465 43  VAL AAA CG2  
489 H H    . VAL A 43 ? 0.5744 0.8511 0.5285 -0.1362 0.1835  -0.1714 43  VAL AAA H    
490 H HA   . VAL A 43 ? 0.5861 0.8530 0.6079 -0.1120 0.2481  -0.1633 43  VAL AAA HA   
491 H HB   . VAL A 43 ? 0.6503 0.7870 0.7218 -0.1095 0.3252  -0.1466 43  VAL AAA HB   
492 H HG11 . VAL A 43 ? 0.7103 0.7076 0.7601 -0.1127 0.3202  -0.1799 43  VAL AAA HG11 
493 H HG12 . VAL A 43 ? 0.7072 0.7022 0.7487 -0.1170 0.3235  -0.1761 43  VAL AAA HG12 
494 H HG13 . VAL A 43 ? 0.6958 0.6942 0.7390 -0.1086 0.3157  -0.1870 43  VAL AAA HG13 
495 H HG21 . VAL A 43 ? 0.6579 0.7884 0.7177 -0.0966 0.3338  -0.1330 43  VAL AAA HG21 
496 H HG22 . VAL A 43 ? 0.6581 0.7889 0.7200 -0.0972 0.3397  -0.1315 43  VAL AAA HG22 
497 H HG23 . VAL A 43 ? 0.6540 0.7907 0.7232 -0.0932 0.3342  -0.1304 43  VAL AAA HG23 
498 N N    . SER A 44 ? 0.6614 0.7133 0.8503 -0.0308 0.0777  -0.1048 44  SER AAA N    
499 C CA   . SER A 44 ? 0.4759 0.9054 0.8317 -0.0033 0.3344  0.0634  44  SER AAA CA   
500 C C    . SER A 44 ? 0.3585 0.9641 0.9024 0.0493  0.2510  0.0371  44  SER AAA C    
501 O O    . SER A 44 ? 0.6010 0.8483 0.7677 0.0730  0.1995  0.0448  44  SER AAA O    
502 C CB   . SER A 44 ? 0.5744 0.8584 0.8463 0.0182  0.3151  0.1216  44  SER AAA CB   
503 O OG   . SER A 44 ? 0.6276 0.8887 0.8637 0.0242  0.2091  -0.0468 44  SER AAA OG   
504 H H    . SER A 44 ? 0.6301 0.7774 0.8015 -0.0193 0.1563  -0.0832 44  SER AAA H    
505 H HA   . SER A 44 ? 0.4904 0.8606 0.8080 0.0188  0.2896  0.0176  44  SER AAA HA   
506 H HB2  . SER A 44 ? 0.5847 0.8800 0.8443 0.0139  0.2844  0.0647  44  SER AAA HB2  
507 H HB3  . SER A 44 ? 0.5788 0.8967 0.8505 0.0232  0.2887  0.0744  44  SER AAA HB3  
508 H HG   . SER A 44 ? 0.7490 0.7490 0.7490 0.0000  0.0000  0.0000  44  SER AAA HG   
509 N N    . ALA A 45 ? 0.4958 0.9563 0.7819 0.0664  0.1149  0.0036  45  ALA AAA N    
510 C CA   . ALA A 45 ? 0.5288 0.9008 0.8085 -0.0039 0.2048  -0.0265 45  ALA AAA CA   
511 C C    . ALA A 45 ? 0.4995 1.0836 0.8510 0.0614  0.1644  -0.0994 45  ALA AAA C    
512 O O    . ALA A 45 ? 0.9902 1.0988 0.8250 0.1960  -0.0504 -0.1081 45  ALA AAA O    
513 C CB   . ALA A 45 ? 0.5437 1.1191 0.9823 0.1548  0.1242  -0.0873 45  ALA AAA CB   
514 H H    . ALA A 45 ? 0.4931 0.9320 0.8270 0.0492  0.1652  0.0066  45  ALA AAA H    
515 H HA   . ALA A 45 ? 0.5361 0.9425 0.8244 0.0552  0.1533  -0.0198 45  ALA AAA HA   
516 H HB1  . ALA A 45 ? 0.5643 1.0832 0.9425 0.1137  0.1516  -0.0461 45  ALA AAA HB1  
517 H HB2  . ALA A 45 ? 0.5681 1.0476 0.9663 0.0963  0.1292  -0.0576 45  ALA AAA HB2  
518 H HB3  . ALA A 45 ? 0.5592 1.0721 0.9507 0.0901  0.1508  -0.0827 45  ALA AAA HB3  
519 N N    . SER A 46 ? 0.4309 1.2172 0.7349 0.0967  0.1359  -0.0162 46  SER AAA N    
520 C CA   . SER A 46 ? 0.7583 1.1726 0.6291 0.1646  0.0432  0.0622  46  SER AAA CA   
521 C C    . SER A 46 ? 0.7710 1.1421 0.4479 0.0865  0.0354  -0.0054 46  SER AAA C    
522 O O    . SER A 46 ? 0.4304 1.2870 0.5946 0.0723  0.0375  0.0487  46  SER AAA O    
523 C CB   . SER A 46 ? 0.9177 1.1886 0.5787 0.0667  0.1494  0.2693  46  SER AAA CB   
524 O OG   . SER A 46 ? 0.4694 1.2044 0.9692 0.1735  0.0706  0.0016  46  SER AAA OG   
525 H H    . SER A 46 ? 0.5688 1.1606 0.7436 0.0895  0.1120  -0.0042 46  SER AAA H    
526 H HA   . SER A 46 ? 0.7500 1.1619 0.6251 0.1125  0.0724  0.0619  46  SER AAA HA   
527 H HB2  . SER A 46 ? 0.8088 1.1791 0.7062 0.1086  0.0950  0.1609  46  SER AAA HB2  
528 H HB3  . SER A 46 ? 0.8878 1.1746 0.7026 0.0999  0.0703  0.1527  46  SER AAA HB3  
529 H HG   . SER A 46 ? 0.8020 0.8020 0.8020 0.0000  0.0000  0.0000  46  SER AAA HG   
530 N N    . SER A 47 ? 0.5484 1.0034 0.5212 -0.0870 0.0703  0.0622  47  SER AAA N    
531 C CA   . SER A 47 ? 0.4367 0.9925 0.6429 0.0520  0.0927  -0.0348 47  SER AAA CA   
532 C C    . SER A 47 ? 0.5488 0.9163 0.5149 -0.0075 0.1750  0.0428  47  SER AAA C    
533 O O    . SER A 47 ? 0.4950 0.8466 0.4214 0.0294  0.0772  -0.0213 47  SER AAA O    
534 C CB   . SER A 47 ? 0.4105 1.0568 0.9467 0.0789  -0.0037 -0.0025 47  SER AAA CB   
535 O OG   . SER A 47 ? 0.5238 1.0892 1.0690 -0.0477 0.0401  0.0683  47  SER AAA OG   
536 H H    . SER A 47 ? 0.5709 1.0137 0.5205 -0.0111 0.0806  0.0256  47  SER AAA H    
537 H HA   . SER A 47 ? 0.4869 0.9777 0.6064 0.0227  0.1004  -0.0104 47  SER AAA HA   
538 H HB2  . SER A 47 ? 0.4525 1.0377 0.9319 0.0447  0.0356  -0.0065 47  SER AAA HB2  
539 H HB3  . SER A 47 ? 0.4543 1.0321 0.8886 0.0441  0.0377  -0.0002 47  SER AAA HB3  
540 H HG   . SER A 47 ? 0.8640 0.8640 0.8640 0.0000  0.0000  0.0000  47  SER AAA HG   
541 N N    . ALA A 48 ? 0.5238 1.0032 0.3901 -0.1011 0.1290  -0.0144 48  ALA AAA N    
542 C CA   . ALA A 48 ? 0.3488 0.8579 0.4723 -0.0202 0.1553  -0.0310 48  ALA AAA CA   
543 C C    . ALA A 48 ? 0.5261 0.7924 0.4925 -0.0946 0.2291  -0.1430 48  ALA AAA C    
544 O O    . ALA A 48 ? 0.4881 0.8582 0.4416 -0.1335 0.1520  -0.1164 48  ALA AAA O    
545 C CB   . ALA A 48 ? 0.4840 0.8188 0.4052 -0.0864 0.1881  -0.0528 48  ALA AAA CB   
546 H H    . ALA A 48 ? 0.4900 0.9193 0.4216 -0.0499 0.1518  -0.0077 48  ALA AAA H    
547 H HA   . ALA A 48 ? 0.4509 0.8511 0.4620 -0.0580 0.1627  -0.0529 48  ALA AAA HA   
548 H HB1  . ALA A 48 ? 0.4546 0.8195 0.4399 -0.0608 0.1810  -0.0493 48  ALA AAA HB1  
549 H HB2  . ALA A 48 ? 0.4528 0.8178 0.4334 -0.0566 0.1725  -0.0487 48  ALA AAA HB2  
550 H HB3  . ALA A 48 ? 0.4482 0.8124 0.4184 -0.0546 0.1776  -0.0519 48  ALA AAA HB3  
551 N N    . GLN A 49 ? 0.4970 0.8962 0.6768 -0.2275 0.1845  -0.0971 49  GLN AAA N    
552 C CA   . GLN A 49 ? 0.4958 0.9227 0.6346 -0.2391 0.3335  -0.0824 49  GLN AAA CA   
553 C C    . GLN A 49 ? 0.5913 0.9223 0.5774 -0.3029 0.1097  -0.3212 49  GLN AAA C    
554 O O    . GLN A 49 ? 0.4999 0.8650 0.6411 -0.2253 0.2411  -0.3078 49  GLN AAA O    
555 C CB   . GLN A 49 ? 0.5932 0.9978 0.7251 -0.2467 0.2567  -0.2217 49  GLN AAA CB   
556 C CG   . GLN A 49 ? 1.0785 0.8532 0.9103 -0.1612 0.3976  -0.0815 49  GLN AAA CG   
557 C CD   . GLN A 49 ? 1.1120 0.8541 1.0479 -0.1259 0.4214  0.0349  49  GLN AAA CD   
558 O OE1  . GLN A 49 ? 1.0139 1.0708 0.8003 -0.0447 0.2928  0.0955  49  GLN AAA OE1  
559 N NE2  . GLN A 49 ? 1.3712 0.7931 1.3376 -0.2956 0.2509  0.1502  49  GLN AAA NE2  
560 H H    . GLN A 49 ? 0.5081 0.8728 0.6531 -0.1740 0.2034  -0.1213 49  GLN AAA H    
561 H HA   . GLN A 49 ? 0.5494 0.9130 0.5636 -0.2317 0.2513  -0.1379 49  GLN AAA HA   
562 H HB2  . GLN A 49 ? 0.6372 0.9316 0.7462 -0.1977 0.2634  -0.1312 49  GLN AAA HB2  
563 H HB3  . GLN A 49 ? 0.6771 0.9327 0.7582 -0.2100 0.2795  -0.1447 49  GLN AAA HB3  
564 H HG2  . GLN A 49 ? 1.0148 0.8815 0.9306 -0.1758 0.3916  -0.1003 49  GLN AAA HG2  
565 H HG3  . GLN A 49 ? 0.9517 0.8826 0.8918 -0.1693 0.3409  -0.0933 49  GLN AAA HG3  
566 H HE21 . GLN A 49 ? 0.9910 0.9910 0.9910 0.0000  0.0000  0.0000  49  GLN AAA HE21 
567 H HE22 . GLN A 49 ? 0.9910 0.9910 0.9910 0.0000  0.0000  0.0000  49  GLN AAA HE22 
568 N N    . TRP A 50 ? 0.6665 0.9192 0.4583 -0.1566 0.2116  -0.1923 50  TRP AAA N    
569 C CA   . TRP A 50 ? 0.4588 0.9160 0.5802 -0.2627 0.2057  -0.2028 50  TRP AAA CA   
570 C C    . TRP A 50 ? 0.6537 0.7827 0.6726 -0.3322 0.2710  -0.1829 50  TRP AAA C    
571 O O    . TRP A 50 ? 0.6558 0.7398 0.5214 -0.4244 0.2030  -0.1718 50  TRP AAA O    
572 C CB   . TRP A 50 ? 0.6197 0.9213 0.6050 -0.2906 0.2710  -0.3067 50  TRP AAA CB   
573 C CG   . TRP A 50 ? 0.5337 0.9791 0.5482 -0.1895 0.2380  -0.3786 50  TRP AAA CG   
574 C CD1  . TRP A 50 ? 0.6688 1.0324 0.6658 -0.3407 0.1873  -0.4571 50  TRP AAA CD1  
575 C CD2  . TRP A 50 ? 0.6277 0.9543 0.4830 -0.3017 0.1757  -0.2504 50  TRP AAA CD2  
576 N NE1  . TRP A 50 ? 0.6178 0.9961 0.7991 -0.2661 0.1222  -0.4393 50  TRP AAA NE1  
577 C CE2  . TRP A 50 ? 0.6505 1.1645 0.5400 -0.2609 0.0964  -0.3929 50  TRP AAA CE2  
578 C CE3  . TRP A 50 ? 0.4990 1.0290 0.4750 -0.2145 0.2599  -0.2179 50  TRP AAA CE3  
579 C CZ2  . TRP A 50 ? 0.5955 1.0782 0.6354 -0.2558 0.0737  -0.2780 50  TRP AAA CZ2  
580 C CZ3  . TRP A 50 ? 0.4791 1.0624 0.5495 -0.0671 0.0947  -0.2306 50  TRP AAA CZ3  
581 C CH2  . TRP A 50 ? 0.5632 1.0569 0.5438 -0.2998 0.1134  -0.2141 50  TRP AAA CH2  
582 H H    . TRP A 50 ? 0.5995 0.8992 0.4763 -0.2150 0.1963  -0.1874 50  TRP AAA H    
583 H HA   . TRP A 50 ? 0.5672 0.8837 0.5842 -0.2476 0.2166  -0.2166 50  TRP AAA HA   
584 H HB2  . TRP A 50 ? 0.5921 0.9243 0.6006 -0.2477 0.2288  -0.2876 50  TRP AAA HB2  
585 H HB3  . TRP A 50 ? 0.6270 0.9163 0.6157 -0.2488 0.2519  -0.2791 50  TRP AAA HB3  
586 H HD1  . TRP A 50 ? 0.6784 0.9954 0.6952 -0.2606 0.1376  -0.4101 50  TRP AAA HD1  
587 H HE1  . TRP A 50 ? 0.6827 1.0183 0.7480 -0.2421 0.0992  -0.3713 50  TRP AAA HE1  
588 H HE3  . TRP A 50 ? 0.5721 0.9948 0.5311 -0.2008 0.1684  -0.2103 50  TRP AAA HE3  
589 H HZ2  . TRP A 50 ? 0.6771 1.0511 0.6188 -0.2468 0.0717  -0.2700 50  TRP AAA HZ2  
590 H HZ3  . TRP A 50 ? 0.5478 1.0045 0.5257 -0.1480 0.0952  -0.2015 50  TRP AAA HZ3  
591 H HH2  . TRP A 50 ? 0.6315 1.0336 0.5999 -0.2189 0.0584  -0.2265 50  TRP AAA HH2  
592 N N    . ILE A 51 ? 0.5100 0.8626 0.5435 -0.2717 0.2589  -0.2575 51  ILE AAA N    
593 C CA   . ILE A 51 ? 0.6162 0.8019 0.5729 -0.2694 0.1785  -0.2112 51  ILE AAA CA   
594 C C    . ILE A 51 ? 0.4838 0.7951 0.6121 -0.2475 0.2079  -0.2479 51  ILE AAA C    
595 O O    . ILE A 51 ? 0.5140 0.8626 0.4705 -0.1804 0.1859  -0.2404 51  ILE AAA O    
596 C CB   . ILE A 51 ? 0.6161 0.7667 0.5632 -0.2050 0.2412  -0.2105 51  ILE AAA CB   
597 C CG1  . ILE A 51 ? 0.9721 0.6113 0.5756 -0.2942 -0.1112 -0.1371 51  ILE AAA CG1  
598 C CG2  . ILE A 51 ? 0.5852 0.6675 0.5893 -0.0994 0.2640  -0.2271 51  ILE AAA CG2  
599 C CD1  . ILE A 51 ? 0.9823 0.6060 0.5868 -0.4056 0.0141  -0.1412 51  ILE AAA CD1  
600 H H    . ILE A 51 ? 0.5806 0.8533 0.5842 -0.2611 0.2227  -0.2284 51  ILE AAA H    
601 H HA   . ILE A 51 ? 0.5880 0.7869 0.5791 -0.2493 0.1947  -0.2157 51  ILE AAA HA   
602 H HB   . ILE A 51 ? 0.6636 0.7473 0.5871 -0.2053 0.1694  -0.2106 51  ILE AAA HB   
603 H HG12 . ILE A 51 ? 0.8696 0.6537 0.5837 -0.2816 -0.0037 -0.1597 51  ILE AAA HG12 
604 H HG13 . ILE A 51 ? 0.9272 0.6584 0.6414 -0.2677 -0.0584 -0.1744 51  ILE AAA HG13 
605 H HG21 . ILE A 51 ? 0.5907 0.6904 0.5869 -0.1302 0.2424  -0.2060 51  ILE AAA HG21 
606 H HG22 . ILE A 51 ? 0.5915 0.6758 0.5787 -0.1254 0.2478  -0.2050 51  ILE AAA HG22 
607 H HG23 . ILE A 51 ? 0.6058 0.6768 0.5825 -0.1344 0.2338  -0.2038 51  ILE AAA HG23 
608 H HD11 . ILE A 51 ? 0.9395 0.6169 0.5905 -0.3379 -0.0044 -0.1411 51  ILE AAA HD11 
609 H HD12 . ILE A 51 ? 0.9756 0.6174 0.5960 -0.3490 -0.0081 -0.1344 51  ILE AAA HD12 
610 H HD13 . ILE A 51 ? 0.9391 0.6186 0.5763 -0.3538 0.0017  -0.1376 51  ILE AAA HD13 
611 N N    . PRO A 52 ? 0.5409 0.7756 0.5474 -0.2289 0.1501  -0.2513 52  PRO AAA N    
612 C CA   . PRO A 52 ? 0.5131 0.7132 0.5717 -0.1936 0.1058  -0.2803 52  PRO AAA CA   
613 C C    . PRO A 52 ? 0.4119 0.7250 0.6272 -0.3558 0.1111  -0.1927 52  PRO AAA C    
614 O O    . PRO A 52 ? 0.4435 0.6883 0.6192 -0.2089 0.1229  -0.1073 52  PRO AAA O    
615 C CB   . PRO A 52 ? 0.3656 0.8278 0.6086 -0.2054 0.1670  -0.1344 52  PRO AAA CB   
616 C CG   . PRO A 52 ? 0.5555 0.6915 0.5920 -0.2763 0.2025  -0.2674 52  PRO AAA CG   
617 C CD   . PRO A 52 ? 0.6227 0.8811 0.5702 -0.3666 0.1490  -0.2272 52  PRO AAA CD   
618 H HA   . PRO A 52 ? 0.4598 0.7179 0.5763 -0.2049 0.1373  -0.2443 52  PRO AAA HA   
619 H HB2  . PRO A 52 ? 0.4559 0.7599 0.6032 -0.2107 0.1600  -0.1878 52  PRO AAA HB2  
620 H HB3  . PRO A 52 ? 0.4486 0.7532 0.5752 -0.2086 0.1671  -0.1877 52  PRO AAA HB3  
621 H HG2  . PRO A 52 ? 0.5309 0.7555 0.5606 -0.2635 0.1878  -0.2205 52  PRO AAA HG2  
622 H HG3  . PRO A 52 ? 0.5313 0.7485 0.5842 -0.2715 0.1802  -0.2129 52  PRO AAA HG3  
623 H HD2  . PRO A 52 ? 0.6519 0.7951 0.5831 -0.3022 0.1361  -0.2261 52  PRO AAA HD2  
624 H HD3  . PRO A 52 ? 0.6027 0.8017 0.5696 -0.2954 0.1545  -0.2309 52  PRO AAA HD3  
625 N N    . TRP A 53 ? 0.3840 0.8491 0.5779 -0.2756 0.0799  -0.1732 53  TRP AAA N    
626 C CA   . TRP A 53 ? 0.5415 0.7964 0.5811 -0.3688 0.1193  -0.1197 53  TRP AAA CA   
627 C C    . TRP A 53 ? 0.6502 0.8656 0.6442 -0.2688 0.1033  -0.1393 53  TRP AAA C    
628 O O    . TRP A 53 ? 0.4570 0.9761 0.6399 -0.2282 0.1295  -0.2802 53  TRP AAA O    
629 C CB   . TRP A 53 ? 0.4801 0.9799 0.5790 -0.2438 0.1987  -0.2229 53  TRP AAA CB   
630 C CG   . TRP A 53 ? 0.7119 0.9594 0.4776 -0.1441 0.1084  -0.2282 53  TRP AAA CG   
631 C CD1  . TRP A 53 ? 0.7061 1.0007 0.5612 -0.0028 -0.0927 -0.1791 53  TRP AAA CD1  
632 C CD2  . TRP A 53 ? 0.5273 1.0041 0.8916 -0.2570 0.0440  -0.2550 53  TRP AAA CD2  
633 N NE1  . TRP A 53 ? 0.4591 0.8932 0.8857 -0.1449 0.0938  -0.2008 53  TRP AAA NE1  
634 C CE2  . TRP A 53 ? 0.5502 1.1642 0.8306 -0.0641 -0.0212 -0.3382 53  TRP AAA CE2  
635 C CE3  . TRP A 53 ? 0.6382 1.1092 0.9487 -0.0380 0.0029  -0.3361 53  TRP AAA CE3  
636 C CZ2  . TRP A 53 ? 0.5361 1.3977 0.7971 -0.1130 0.1900  -0.2922 53  TRP AAA CZ2  
637 C CZ3  . TRP A 53 ? 0.5315 1.2919 0.9186 0.0435  -0.2039 -0.2592 53  TRP AAA CZ3  
638 C CH2  . TRP A 53 ? 0.6529 1.3272 0.8719 -0.0815 -0.0193 -0.3259 53  TRP AAA CH2  
639 H H    . TRP A 53 ? 0.4229 0.7932 0.5829 -0.2849 0.1106  -0.1714 53  TRP AAA H    
640 H HA   . TRP A 53 ? 0.4829 0.7988 0.5933 -0.3350 0.1198  -0.1442 53  TRP AAA HA   
641 H HB2  . TRP A 53 ? 0.5488 0.9028 0.5624 -0.2530 0.1589  -0.1824 53  TRP AAA HB2  
642 H HB3  . TRP A 53 ? 0.5606 0.9157 0.5907 -0.2432 0.1579  -0.1887 53  TRP AAA HB3  
643 H HD1  . TRP A 53 ? 0.6374 0.9609 0.6448 -0.0855 0.0132  -0.1968 53  TRP AAA HD1  
644 H HE1  . TRP A 53 ? 0.5529 0.9651 0.7870 -0.1026 0.0072  -0.2266 53  TRP AAA HE1  
645 H HE3  . TRP A 53 ? 0.5993 1.0976 0.9051 -0.0766 -0.0183 -0.2836 53  TRP AAA HE3  
646 H HZ2  . TRP A 53 ? 0.5863 1.3400 0.8408 -0.0741 0.0923  -0.2570 53  TRP AAA HZ2  
647 H HZ3  . TRP A 53 ? 0.5098 1.2231 0.8931 -0.0302 -0.1127 -0.2851 53  TRP AAA HZ3  
648 H HH2  . TRP A 53 ? 0.6289 1.3097 0.8534 -0.0850 -0.0113 -0.2810 53  TRP AAA HH2  
649 N N    . ARG A 54 ? 0.5250 0.8299 0.7191 -0.2844 0.1870  -0.1927 54  ARG AAA N    
650 C CA   . ARG A 54 ? 0.5558 0.8611 0.6371 -0.3989 0.1550  -0.1449 54  ARG AAA CA   
651 C C    . ARG A 54 ? 0.6599 0.8082 0.6519 -0.3220 0.1910  -0.3167 54  ARG AAA C    
652 O O    . ARG A 54 ? 0.7025 0.8385 0.5369 -0.2662 0.1011  -0.2628 54  ARG AAA O    
653 C CB   . ARG A 54 ? 0.8342 0.8289 0.7959 -0.4006 0.1585  -0.0122 54  ARG AAA CB   
654 C CG   . ARG A 54 ? 0.7204 0.7716 0.9110 -0.2170 0.0877  -0.1059 54  ARG AAA CG   
655 C CD   . ARG A 54 ? 0.9800 0.8392 0.9048 -0.2460 0.3362  0.0767  54  ARG AAA CD   
656 N NE   . ARG A 54 ? 1.0308 1.0245 0.7487 -0.5397 0.0734  -0.0624 54  ARG AAA NE   
657 C CZ   . ARG A 54 ? 1.0066 1.2262 0.8692 -0.2935 0.2375  -0.0729 54  ARG AAA CZ   
658 N NH1  . ARG A 54 ? 0.9584 0.9837 1.2189 -0.3766 0.0776  -0.1002 54  ARG AAA NH1  
659 N NH2  . ARG A 54 ? 1.1063 1.2349 1.1648 -0.2783 0.1285  0.1429  54  ARG AAA NH2  
660 H H    . ARG A 54 ? 0.5800 0.8293 0.6826 -0.2918 0.1509  -0.1558 54  ARG AAA H    
661 H HA   . ARG A 54 ? 0.6204 0.8350 0.6466 -0.3363 0.1520  -0.1475 54  ARG AAA HA   
662 H HB2  . ARG A 54 ? 0.7568 0.8454 0.8207 -0.3453 0.1380  -0.0348 54  ARG AAA HB2  
663 H HB3  . ARG A 54 ? 0.8259 0.8305 0.7907 -0.3675 0.1197  -0.0558 54  ARG AAA HB3  
664 H HG2  . ARG A 54 ? 0.8059 0.8208 0.8443 -0.2117 0.1539  -0.0609 54  ARG AAA HG2  
665 H HG3  . ARG A 54 ? 0.7357 0.8013 0.8640 -0.2319 0.1687  -0.0539 54  ARG AAA HG3  
666 H HD2  . ARG A 54 ? 0.9350 0.9142 0.9407 -0.2478 0.2084  0.0475  54  ARG AAA HD2  
667 H HD3  . ARG A 54 ? 0.9241 0.9245 0.8624 -0.1959 0.2167  -0.0042 54  ARG AAA HD3  
668 H HE   . ARG A 54 ? 1.1171 1.1655 0.8594 -0.3538 0.1284  -0.0086 54  ARG AAA HE   
669 H HH11 . ARG A 54 ? 1.0898 1.1811 1.0121 -0.0549 0.1072  -0.0967 54  ARG AAA HH11 
670 H HH12 . ARG A 54 ? 1.1427 1.2580 1.0413 -0.0771 0.1610  -0.1079 54  ARG AAA HH12 
671 H HH21 . ARG A 54 ? 1.1670 1.3636 1.1205 -0.2075 0.1425  0.0521  54  ARG AAA HH21 
672 H HH22 . ARG A 54 ? 1.1626 1.3352 1.1803 -0.1648 0.1638  0.0419  54  ARG AAA HH22 
673 N N    . LEU A 55 ? 0.5983 0.7621 0.5716 -0.2590 0.1789  -0.1727 55  LEU AAA N    
674 C CA   . LEU A 55 ? 0.7128 0.6895 0.4447 -0.1727 0.2316  -0.2645 55  LEU AAA CA   
675 C C    . LEU A 55 ? 0.5790 0.6956 0.6704 -0.1996 0.1096  -0.1580 55  LEU AAA C    
676 O O    . LEU A 55 ? 0.6035 0.6518 0.5837 -0.2092 0.1345  -0.1545 55  LEU AAA O    
677 C CB   . LEU A 55 ? 0.4341 0.7342 0.6517 -0.2567 0.2570  -0.1297 55  LEU AAA CB   
678 C CG   . LEU A 55 ? 0.6448 0.6729 0.6303 -0.2232 0.4088  -0.1703 55  LEU AAA CG   
679 C CD1  . LEU A 55 ? 0.6831 0.7087 0.7962 -0.3545 0.2840  -0.0222 55  LEU AAA CD1  
680 C CD2  . LEU A 55 ? 0.7102 0.6637 0.6491 -0.1196 0.3090  -0.1654 55  LEU AAA CD2  
681 H H    . LEU A 55 ? 0.6288 0.7575 0.5977 -0.2436 0.1788  -0.1978 55  LEU AAA H    
682 H HA   . LEU A 55 ? 0.5992 0.6545 0.4723 -0.1830 0.2138  -0.2658 55  LEU AAA HA   
683 H HB2  . LEU A 55 ? 0.5337 0.7332 0.6491 -0.2243 0.2589  -0.1269 55  LEU AAA HB2  
684 H HB3  . LEU A 55 ? 0.4518 0.7086 0.6116 -0.2085 0.2724  -0.1553 55  LEU AAA HB3  
685 H HG   . LEU A 55 ? 0.6551 0.6963 0.6675 -0.2295 0.3184  -0.1316 55  LEU AAA HG   
686 H HD11 . LEU A 55 ? 0.6849 0.7427 0.7894 -0.3269 0.2773  -0.0314 55  LEU AAA HD11 
687 H HD12 . LEU A 55 ? 0.6834 0.6830 0.7557 -0.3150 0.3086  -0.0599 55  LEU AAA HD12 
688 H HD13 . LEU A 55 ? 0.6758 0.7159 0.7603 -0.3031 0.3053  -0.0640 55  LEU AAA HD13 
689 H HD21 . LEU A 55 ? 0.7002 0.6771 0.6448 -0.1451 0.3240  -0.1639 55  LEU AAA HD21 
690 H HD22 . LEU A 55 ? 0.6992 0.6903 0.6435 -0.1365 0.3230  -0.1694 55  LEU AAA HD22 
691 H HD23 . LEU A 55 ? 0.6931 0.6756 0.6293 -0.1438 0.3197  -0.1692 55  LEU AAA HD23 
692 N N    . LEU A 56 ? 0.5605 0.7162 0.4563 -0.2181 0.0435  -0.1393 56  LEU AAA N    
693 C CA   . LEU A 56 ? 0.4477 0.7533 0.5091 -0.1654 0.1772  -0.2303 56  LEU AAA CA   
694 C C    . LEU A 56 ? 0.3486 0.7414 0.5751 -0.1944 0.0598  -0.2045 56  LEU AAA C    
695 O O    . LEU A 56 ? 0.3108 0.7290 0.7132 -0.2427 0.0341  -0.1716 56  LEU AAA O    
696 C CB   . LEU A 56 ? 0.3558 0.7079 0.6403 -0.2006 0.2013  -0.2698 56  LEU AAA CB   
697 C CG   . LEU A 56 ? 0.3034 0.6758 0.5978 -0.1984 0.2139  -0.2386 56  LEU AAA CG   
698 C CD1  . LEU A 56 ? 0.4244 0.5912 0.5814 -0.1783 0.2407  -0.1813 56  LEU AAA CD1  
699 C CD2  . LEU A 56 ? 0.3183 0.5656 0.7321 -0.2021 0.1599  -0.2184 56  LEU AAA CD2  
700 H H    . LEU A 56 ? 0.5330 0.7204 0.5216 -0.1959 0.0894  -0.1630 56  LEU AAA H    
701 H HA   . LEU A 56 ? 0.4577 0.7157 0.5485 -0.1807 0.1318  -0.2014 56  LEU AAA HA   
702 H HB2  . LEU A 56 ? 0.3628 0.7086 0.5996 -0.1841 0.1891  -0.2422 56  LEU AAA HB2  
703 H HB3  . LEU A 56 ? 0.3690 0.7119 0.5961 -0.1829 0.1888  -0.2431 56  LEU AAA HB3  
704 H HG   . LEU A 56 ? 0.3496 0.6531 0.6233 -0.1849 0.1957  -0.2233 56  LEU AAA HG   
705 H HD11 . LEU A 56 ? 0.4285 0.6177 0.5859 -0.1763 0.2239  -0.1869 56  LEU AAA HD11 
706 H HD12 . LEU A 56 ? 0.3995 0.6148 0.5837 -0.1776 0.2210  -0.1888 56  LEU AAA HD12 
707 H HD13 . LEU A 56 ? 0.3968 0.5991 0.5811 -0.1853 0.2273  -0.1820 56  LEU AAA HD13 
708 H HD21 . LEU A 56 ? 0.3238 0.5889 0.6873 -0.1976 0.1759  -0.2122 56  LEU AAA HD21 
709 H HD22 . LEU A 56 ? 0.3294 0.5983 0.7133 -0.1920 0.1784  -0.2141 56  LEU AAA HD22 
710 H HD23 . LEU A 56 ? 0.3312 0.5919 0.6829 -0.1901 0.1726  -0.2187 56  LEU AAA HD23 
711 N N    . LYS A 57 ? 0.5027 0.5576 0.5227 -0.1445 0.1783  -0.2067 57  LYS AAA N    
712 C CA   . LYS A 57 ? 0.4835 0.6746 0.5900 -0.1072 0.1261  -0.1157 57  LYS AAA CA   
713 C C    . LYS A 57 ? 0.4355 0.6525 0.6090 -0.1819 0.0560  -0.2508 57  LYS AAA C    
714 O O    . LYS A 57 ? 0.3786 0.6393 0.7451 -0.2034 0.1021  -0.2146 57  LYS AAA O    
715 C CB   . LYS A 57 ? 0.3950 0.5868 0.6722 -0.0830 0.0982  -0.1501 57  LYS AAA CB   
716 C CG   . LYS A 57 ? 0.5201 0.7271 0.6458 -0.2200 0.0443  -0.1848 57  LYS AAA CG   
717 C CD   . LYS A 57 ? 0.5540 0.7115 0.6356 -0.2812 -0.0022 -0.3015 57  LYS AAA CD   
718 C CE   . LYS A 57 ? 0.5954 0.8032 0.8404 -0.3556 0.0015  -0.3258 57  LYS AAA CE   
719 N NZ   . LYS A 57 ? 0.8368 0.8987 0.8334 -0.1874 -0.1086 -0.4468 57  LYS AAA NZ   
720 H H    . LYS A 57 ? 0.5043 0.6319 0.5589 -0.1351 0.1522  -0.1763 57  LYS AAA H    
721 H HA   . LYS A 57 ? 0.4869 0.6375 0.6026 -0.1231 0.1159  -0.1592 57  LYS AAA HA   
722 H HB2  . LYS A 57 ? 0.4064 0.6341 0.6395 -0.1120 0.0788  -0.1430 57  LYS AAA HB2  
723 H HB3  . LYS A 57 ? 0.4412 0.6382 0.6436 -0.1119 0.0867  -0.1431 57  LYS AAA HB3  
724 H HG2  . LYS A 57 ? 0.4955 0.6839 0.6425 -0.1895 0.0456  -0.1888 57  LYS AAA HG2  
725 H HG3  . LYS A 57 ? 0.5181 0.6920 0.6598 -0.2029 0.0293  -0.1828 57  LYS AAA HG3  
726 H HD2  . LYS A 57 ? 0.5608 0.7305 0.6647 -0.2709 0.0131  -0.2616 57  LYS AAA HD2  
727 H HD3  . LYS A 57 ? 0.5506 0.7283 0.6731 -0.2644 0.0172  -0.2722 57  LYS AAA HD3  
728 H HE2  . LYS A 57 ? 0.6409 0.7979 0.7892 -0.2909 -0.0234 -0.3390 57  LYS AAA HE2  
729 H HE3  . LYS A 57 ? 0.6481 0.7946 0.7883 -0.2956 -0.0311 -0.3310 57  LYS AAA HE3  
730 H HZ1  . LYS A 57 ? 0.7670 0.8802 0.8638 -0.2347 -0.0734 -0.4066 57  LYS AAA HZ1  
731 H HZ2  . LYS A 57 ? 0.7681 0.8877 0.8402 -0.2294 -0.0724 -0.3848 57  LYS AAA HZ2  
732 H HZ3  . LYS A 57 ? 0.7795 0.8723 0.8512 -0.2391 -0.0850 -0.3890 57  LYS AAA HZ3  
733 N N    . ARG A 58 ? 0.4265 0.7337 0.7098 -0.1492 0.1421  -0.1866 58  ARG AAA N    
734 C CA   . ARG A 58 ? 0.4900 0.6293 0.6547 -0.1489 0.0738  -0.1968 58  ARG AAA CA   
735 C C    . ARG A 58 ? 0.4185 0.6994 0.7211 -0.0459 0.0521  -0.2077 58  ARG AAA C    
736 O O    . ARG A 58 ? 0.4579 0.7509 0.7692 -0.1251 0.0995  -0.1967 58  ARG AAA O    
737 C CB   . ARG A 58 ? 0.5249 0.6985 0.7606 -0.0673 0.0375  -0.1306 58  ARG AAA CB   
738 C CG   . ARG A 58 ? 0.7131 0.7010 0.7509 -0.2048 0.0745  -0.1503 58  ARG AAA CG   
739 C CD   . ARG A 58 ? 0.8141 0.8286 0.7874 -0.0409 -0.0139 -0.1693 58  ARG AAA CD   
740 N NE   . ARG A 58 ? 0.6104 0.9804 1.1452 0.1091  -0.0054 -0.0330 58  ARG AAA NE   
741 C CZ   . ARG A 58 ? 0.6187 0.8418 1.2975 0.0968  0.0670  0.0696  58  ARG AAA CZ   
742 N NH1  . ARG A 58 ? 0.6407 0.9120 1.2604 -0.1151 0.1009  0.0046  58  ARG AAA NH1  
743 N NH2  . ARG A 58 ? 0.9222 0.9369 1.3659 0.4127  0.2816  0.2268  58  ARG AAA NH2  
744 H H    . ARG A 58 ? 0.4678 0.6870 0.6713 -0.1425 0.1046  -0.1884 58  ARG AAA H    
745 H HA   . ARG A 58 ? 0.4745 0.6673 0.6563 -0.1091 0.0591  -0.1852 58  ARG AAA HA   
746 H HB2  . ARG A 58 ? 0.5757 0.6843 0.7480 -0.1081 0.0430  -0.1471 58  ARG AAA HB2  
747 H HB3  . ARG A 58 ? 0.5682 0.6863 0.7476 -0.1094 0.0629  -0.1393 58  ARG AAA HB3  
748 H HG2  . ARG A 58 ? 0.7419 0.7437 0.7754 -0.1505 0.0666  -0.1433 58  ARG AAA HG2  
749 H HG3  . ARG A 58 ? 0.6762 0.7258 0.7399 -0.1357 0.0669  -0.1392 58  ARG AAA HG3  
750 H HD2  . ARG A 58 ? 0.8055 0.8281 0.8544 -0.0582 0.0138  -0.1298 58  ARG AAA HD2  
751 H HD3  . ARG A 58 ? 0.7486 0.8272 0.8753 -0.0507 0.0103  -0.1293 58  ARG AAA HD3  
752 H HE   . ARG A 58 ? 0.6983 0.9279 1.0928 0.0886  0.0122  -0.0401 58  ARG AAA HE   
753 H HH11 . ARG A 58 ? 0.6703 0.9317 1.2290 -0.0467 0.0859  0.0134  58  ARG AAA HH11 
754 H HH12 . ARG A 58 ? 0.6866 0.9113 1.2531 -0.0504 0.0847  0.0266  58  ARG AAA HH12 
755 H HH21 . ARG A 58 ? 0.8804 0.9590 1.3276 0.3393  0.1701  0.1366  58  ARG AAA HH21 
756 H HH22 . ARG A 58 ? 0.8048 0.9244 1.3199 0.2925  0.1942  0.1553  58  ARG AAA HH22 
757 N N    . ALA A 59 ? 0.4543 0.5207 0.5839 -0.0488 0.0778  -0.1737 59  ALA AAA N    
758 C CA   . ALA A 59 ? 0.4936 0.5602 0.5713 0.0512  0.1174  -0.1538 59  ALA AAA CA   
759 C C    . ALA A 59 ? 0.5585 0.5699 0.6327 0.0038  0.0674  -0.1053 59  ALA AAA C    
760 O O    . ALA A 59 ? 0.5333 0.6671 0.6476 0.0131  0.0336  -0.1536 59  ALA AAA O    
761 C CB   . ALA A 59 ? 0.5824 0.5385 0.6151 -0.1014 0.0266  -0.0553 59  ALA AAA CB   
762 H H    . ALA A 59 ? 0.4619 0.5676 0.5845 -0.0281 0.0723  -0.1640 59  ALA AAA H    
763 H HA   . ALA A 59 ? 0.5111 0.5519 0.5749 -0.0091 0.0797  -0.1380 59  ALA AAA HA   
764 H HB1  . ALA A 59 ? 0.5560 0.5482 0.6038 -0.0508 0.0539  -0.0803 59  ALA AAA HB1  
765 H HB2  . ALA A 59 ? 0.5562 0.5487 0.6041 -0.0505 0.0537  -0.0807 59  ALA AAA HB2  
766 H HB3  . ALA A 59 ? 0.5524 0.5533 0.6183 -0.0505 0.0559  -0.0750 59  ALA AAA HB3  
767 N N    . ALA A 60 ? 0.5191 0.6928 0.7161 0.0218  0.0217  -0.0099 60  ALA AAA N    
768 C CA   . ALA A 60 ? 0.6167 0.7099 0.6494 0.0673  0.0153  -0.1052 60  ALA AAA CA   
769 C C    . ALA A 60 ? 0.5400 0.5863 0.7827 0.0171  0.0358  -0.0629 60  ALA AAA C    
770 O O    . ALA A 60 ? 0.5718 0.6206 0.8747 0.0415  0.0567  -0.1095 60  ALA AAA O    
771 C CB   . ALA A 60 ? 0.5617 0.8389 0.7954 0.1486  0.0037  0.1030  60  ALA AAA CB   
772 H H    . ALA A 60 ? 0.5684 0.6822 0.7095 0.0146  0.0118  -0.0309 60  ALA AAA H    
773 H HA   . ALA A 60 ? 0.6011 0.7026 0.7153 0.0458  0.0174  -0.0400 60  ALA AAA HA   
774 H HB1  . ALA A 60 ? 0.5829 0.8193 0.7568 0.1235  0.0149  0.0395  60  ALA AAA HB1  
775 H HB2  . ALA A 60 ? 0.5979 0.8132 0.7818 0.1368  0.0347  0.0572  60  ALA AAA HB2  
776 H HB3  . ALA A 60 ? 0.5622 0.8014 0.7554 0.1304  0.0155  0.0404  60  ALA AAA HB3  
777 N N    . CYS A 61 ? 0.5125 0.5868 0.7857 -0.0098 0.0648  -0.0631 61  CYS AAA N    
778 C CA   . CYS A 61 ? 0.6253 0.5855 0.9573 -0.0714 0.0815  -0.1268 61  CYS AAA CA   
779 C C    . CYS A 61 ? 0.5791 0.5498 0.9261 0.0672  0.1225  -0.0801 61  CYS AAA C    
780 O O    . CYS A 61 ? 0.6953 0.4950 0.9197 0.0044  0.1165  0.0096  61  CYS AAA O    
781 C CB   . CYS A 61 ? 0.6213 0.6505 0.9852 0.0015  0.1258  -0.1021 61  CYS AAA CB   
782 S SG   . CYS A 61 ? 0.9163 0.6566 0.9961 0.0993  0.2159  -0.1448 61  CYS AAA SG   
783 H H    . CYS A 61 ? 0.5317 0.5925 0.8158 -0.0009 0.0498  -0.0678 61  CYS AAA H    
784 H HA   . CYS A 61 ? 0.5951 0.6156 0.9323 -0.0251 0.0951  -0.1198 61  CYS AAA HA   
785 H HB2  . CYS A 61 ? 0.6449 0.6407 0.9644 -0.0106 0.1328  -0.0992 61  CYS AAA HB2  
786 H HB3  . CYS A 61 ? 0.6792 0.6415 0.9683 0.0023  0.1298  -0.1069 61  CYS AAA HB3  
787 H HG   . CYS A 61 ? 0.8430 0.8430 0.8430 0.0000  0.0000  0.0000  61  CYS AAA HG   
788 N N    . PRO A 62 ? 0.6275 0.4641 0.8904 0.0578  0.0982  -0.1288 62  PRO AAA N    
789 C CA   . PRO A 62 ? 0.5529 0.6325 0.8396 0.0443  0.0032  -0.1672 62  PRO AAA CA   
790 C C    . PRO A 62 ? 0.4796 0.6386 0.9139 0.1323  0.1579  -0.1564 62  PRO AAA C    
791 O O    . PRO A 62 ? 0.7004 0.6512 0.8594 0.0912  0.2733  -0.1393 62  PRO AAA O    
792 C CB   . PRO A 62 ? 0.7385 0.3896 0.8089 -0.0089 -0.0341 -0.1238 62  PRO AAA CB   
793 C CG   . PRO A 62 ? 0.5817 0.5179 0.9034 0.0196  0.0913  -0.1015 62  PRO AAA CG   
794 C CD   . PRO A 62 ? 0.5870 0.6008 0.8742 -0.0777 0.0706  -0.0725 62  PRO AAA CD   
795 H HA   . PRO A 62 ? 0.5933 0.5592 0.8375 0.0540  0.0449  -0.1430 62  PRO AAA HA   
796 H HB2  . PRO A 62 ? 0.6479 0.4763 0.8258 0.0061  0.0036  -0.1275 62  PRO AAA HB2  
797 H HB3  . PRO A 62 ? 0.6576 0.4657 0.8217 0.0133  0.0066  -0.1359 62  PRO AAA HB3  
798 H HG2  . PRO A 62 ? 0.6223 0.5223 0.8714 -0.0107 0.0525  -0.0869 62  PRO AAA HG2  
799 H HG3  . PRO A 62 ? 0.6219 0.5107 0.8643 -0.0083 0.0523  -0.0917 62  PRO AAA HG3  
800 H HD2  . PRO A 62 ? 0.6031 0.5620 0.8769 -0.0299 0.0676  -0.0887 62  PRO AAA HD2  
801 H HD3  . PRO A 62 ? 0.6010 0.5979 0.8781 -0.0187 0.0785  -0.0766 62  PRO AAA HD3  
802 N N    . ARG A 63 ? 0.5387 0.5359 0.9614 0.1092  0.1480  -0.0486 63  ARG AAA N    
803 C CA   . ARG A 63 ? 0.6589 0.5261 1.0750 0.0187  0.2286  -0.2151 63  ARG AAA CA   
804 C C    . ARG A 63 ? 0.6041 0.4916 0.9993 0.0074  0.2191  -0.1444 63  ARG AAA C    
805 O O    . ARG A 63 ? 0.7338 0.4811 0.9672 0.1232  0.1434  -0.1942 63  ARG AAA O    
806 C CB   . ARG A 63 ? 0.9030 0.2284 1.0466 0.0093  0.2438  -0.1330 63  ARG AAA CB   
807 H H    . ARG A 63 ? 0.5655 0.5740 0.9666 0.0826  0.1576  -0.1052 63  ARG AAA H    
808 H HA   . ARG A 63 ? 0.6532 0.4923 1.0175 0.0329  0.2122  -0.1483 63  ARG AAA HA   
809 H HB2  . ARG A 63 ? 0.8632 0.2294 1.0744 0.0429  0.2224  -0.1156 63  ARG AAA HB2  
810 H HB3  . ARG A 63 ? 0.6900 0.6900 0.6900 0.0000  0.0000  0.0000  63  ARG AAA HB3  
811 N N    . PRO A 64 ? 0.5886 0.4635 1.1559 -0.0509 0.2141  -0.1541 64  PRO AAA N    
812 C CA   . PRO A 64 ? 0.6123 0.6545 1.1033 0.1406  0.0481  -0.1006 64  PRO AAA CA   
813 C C    . PRO A 64 ? 0.5515 0.4464 1.0470 0.0195  0.0171  -0.1545 64  PRO AAA C    
814 O O    . PRO A 64 ? 0.6461 0.4704 0.9496 0.0198  0.1001  -0.1065 64  PRO AAA O    
815 C CB   . PRO A 64 ? 0.7198 0.7623 1.0570 0.0682  0.1598  -0.1279 64  PRO AAA CB   
816 C CG   . PRO A 64 ? 0.7225 0.9159 1.1615 0.2205  0.1475  -0.2571 64  PRO AAA CG   
817 C CD   . PRO A 64 ? 0.5917 0.7784 1.1659 0.0459  0.0757  -0.1190 64  PRO AAA CD   
818 H HA   . PRO A 64 ? 0.6180 0.5843 1.0646 0.0716  0.0819  -0.1046 64  PRO AAA HA   
819 H HB2  . PRO A 64 ? 0.6898 0.7330 1.0681 0.1004  0.1307  -0.1303 64  PRO AAA HB2  
820 H HB3  . PRO A 64 ? 0.6950 0.7717 1.0623 0.1100  0.1237  -0.1444 64  PRO AAA HB3  
821 H HG2  . PRO A 64 ? 0.7034 0.8509 1.1377 0.1335  0.1220  -0.1898 64  PRO AAA HG2  
822 H HG3  . PRO A 64 ? 0.7107 0.8679 1.1874 0.1496  0.1009  -0.2211 64  PRO AAA HG3  
823 H HD2  . PRO A 64 ? 0.6258 0.7215 1.1347 0.0524  0.1234  -0.1425 64  PRO AAA HD2  
824 H HD3  . PRO A 64 ? 0.6259 0.7174 1.1327 0.0508  0.1276  -0.1478 64  PRO AAA HD3  
825 N N    . VAL A 65 ? 0.5470 0.4649 1.0980 0.0330  -0.0455 -0.0925 65  VAL AAA N    
826 C CA   . VAL A 65 ? 0.6061 0.6221 0.9838 0.0255  0.0125  -0.3187 65  VAL AAA CA   
827 C C    . VAL A 65 ? 0.7273 0.3558 1.3769 0.1497  -0.0605 -0.3355 65  VAL AAA C    
828 O O    . VAL A 65 ? 0.5197 0.5046 1.4228 -0.0785 0.0278  -0.4128 65  VAL AAA O    
829 C CB   . VAL A 65 ? 0.6965 0.6855 1.0581 0.0680  0.2226  -0.2143 65  VAL AAA CB   
830 C CG1  . VAL A 65 ? 0.7143 0.6163 0.9834 -0.1689 0.1595  -0.1128 65  VAL AAA CG1  
831 C CG2  . VAL A 65 ? 0.7162 0.7447 1.1791 0.1196  0.1926  -0.4209 65  VAL AAA CG2  
832 H H    . VAL A 65 ? 0.5679 0.5085 1.0366 0.0316  -0.0209 -0.1487 65  VAL AAA H    
833 H HA   . VAL A 65 ? 0.6345 0.5570 1.0055 0.0580  0.0110  -0.2266 65  VAL AAA HA   
834 H HB   . VAL A 65 ? 0.6924 0.6776 1.0749 0.0215  0.1692  -0.2483 65  VAL AAA HB   
835 H HG11 . VAL A 65 ? 0.7087 0.6006 0.9847 -0.1229 0.1588  -0.1492 65  VAL AAA HG11 
836 H HG12 . VAL A 65 ? 0.7340 0.6643 0.9916 -0.1275 0.1712  -0.1404 65  VAL AAA HG12 
837 H HG13 . VAL A 65 ? 0.7147 0.6409 0.9694 -0.1078 0.1619  -0.1357 65  VAL AAA HG13 
838 H HG21 . VAL A 65 ? 0.7236 0.7258 1.1506 0.0982  0.1991  -0.3379 65  VAL AAA HG21 
839 H HG22 . VAL A 65 ? 0.7138 0.7144 1.1419 0.1050  0.1880  -0.3307 65  VAL AAA HG22 
840 H HG23 . VAL A 65 ? 0.7361 0.7179 1.1631 0.1005  0.1656  -0.3363 65  VAL AAA HG23 
841 O O    . HOH B .  ? 0.7743 0.7708 0.5728 -0.0540 0.0097  -0.1183 101 HOH AAA O    
842 O O    . HOH B .  ? 1.3896 0.9045 1.0659 0.0275  0.0580  -0.0336 102 HOH AAA O    
843 O O    . HOH B .  ? 0.9547 1.3381 0.8252 0.0745  0.1047  0.2547  103 HOH AAA O    
844 O O    . HOH B .  ? 2.3205 1.1008 1.7957 -0.6324 -0.5200 0.2250  104 HOH AAA O    
845 O O    . HOH B .  ? 0.6997 1.1029 0.9273 0.0386  0.0085  -0.2013 105 HOH AAA O    
846 O O    . HOH B .  ? 1.4356 0.8945 0.8549 -0.1744 -0.1376 -0.1561 106 HOH AAA O    
847 O O    . HOH B .  ? 1.5757 0.4894 0.8519 -0.2215 0.1893  0.0394  107 HOH AAA O    
848 O O    . HOH B .  ? 0.6604 0.8590 0.5156 -0.0059 -0.0131 -0.1280 108 HOH AAA O    
849 O O    . HOH B .  ? 0.5060 0.5280 0.5330 -0.1340 0.1375  -0.1493 109 HOH AAA O    
850 O O    . HOH B .  ? 0.7168 0.9141 0.7340 -0.0246 -0.1242 0.1080  110 HOH AAA O    
851 O O    . HOH B .  ? 0.6346 0.5741 0.4934 -0.1062 -0.0397 0.0358  111 HOH AAA O    
852 O O    . HOH B .  ? 0.6909 0.4225 0.8806 -0.0931 0.1715  -0.1941 112 HOH AAA O    
853 O O    . HOH B .  ? 0.7615 0.8908 0.7958 -0.0030 -0.0207 -0.3331 113 HOH AAA O    
854 O O    . HOH B .  ? 0.5731 0.5754 0.7315 -0.1333 -0.0537 -0.0467 114 HOH AAA O    
855 O O    . HOH B .  ? 0.6043 0.6258 0.4769 0.0416  0.0565  0.0166  115 HOH AAA O    
856 O O    . HOH B .  ? 0.8383 1.1028 0.5599 0.0136  0.0655  -0.1083 116 HOH AAA O    
857 O O    . HOH B .  ? 0.5928 0.7834 0.7838 0.0986  -0.0880 0.0047  117 HOH AAA O    
858 O O    . HOH B .  ? 0.7295 0.7565 1.1100 -0.2240 0.0160  0.0349  118 HOH AAA O    
859 O O    . HOH B .  ? 0.3941 0.6696 0.8573 -0.0562 0.0396  -0.0724 119 HOH AAA O    
860 O O    . HOH B .  ? 0.5329 0.5642 0.4438 0.0283  0.0035  -0.0952 120 HOH AAA O    
861 O O    . HOH B .  ? 0.9002 1.4106 1.0153 -0.3941 0.2627  -0.1000 121 HOH AAA O    
862 O O    . HOH B .  ? 0.5503 0.7576 0.6012 0.0613  0.1000  -0.1003 122 HOH AAA O    
863 O O    . HOH B .  ? 0.8247 0.7486 1.0567 0.1843  0.0024  0.0966  123 HOH AAA O    
864 O O    . HOH B .  ? 0.6918 0.8175 0.8887 0.1553  -0.1488 0.0486  124 HOH AAA O    
865 O O    . HOH B .  ? 0.4569 0.6888 0.6883 -0.1335 0.0342  -0.1231 125 HOH AAA O    
866 O O    . HOH B .  ? 0.7896 1.4000 0.9275 -0.2808 -0.1690 0.1680  126 HOH AAA O    
867 O O    . HOH B .  ? 0.5958 0.8976 0.7496 0.1227  0.1186  -0.0781 127 HOH AAA O    
868 O O    . HOH B .  ? 0.6222 1.2671 0.8096 0.1956  0.1650  -0.2509 128 HOH AAA O    
869 O O    . HOH B .  ? 1.3394 1.3193 1.3132 0.1252  -0.1280 0.1387  129 HOH AAA O    
870 O O    . HOH B .  ? 1.2141 0.5259 1.1160 -0.2275 0.0717  -0.0177 130 HOH AAA O    
871 O O    . HOH B .  ? 1.0636 0.9580 1.3954 0.1759  -0.1151 0.0757  131 HOH AAA O    
872 O O    . HOH B .  ? 0.9472 0.8327 0.8551 -0.0884 0.3945  -0.1255 132 HOH AAA O    
873 O O    . HOH B .  ? 0.7669 0.7250 0.7982 -0.1366 -0.1175 -0.0517 133 HOH AAA O    
874 O O    . HOH B .  ? 1.0270 1.0159 0.9871 -0.0465 0.0935  -0.0605 134 HOH AAA O    
875 O O    . HOH B .  ? 0.8254 0.9534 0.5852 -0.1353 -0.1017 -0.0894 135 HOH AAA O    
876 O O    . HOH B .  ? 1.0618 1.0089 0.9673 -0.0436 0.2228  0.0571  136 HOH AAA O    
877 O O    . HOH B .  ? 0.7150 1.0227 0.7434 -0.0639 0.1664  -0.0687 137 HOH AAA O    
878 O O    . HOH B .  ? 1.2807 0.7705 0.8248 0.2017  -0.0235 0.0637  138 HOH AAA O    
879 O O    . HOH B .  ? 0.5870 1.6681 0.9308 -0.1220 0.1809  -0.1948 139 HOH AAA O    
880 O O    . HOH B .  ? 0.5877 0.6658 0.6285 -0.1083 0.0888  -0.1253 140 HOH AAA O    
881 O O    . HOH B .  ? 1.0547 1.4019 0.6934 0.3877  0.0553  0.1679  141 HOH AAA O    
882 O O    . HOH B .  ? 0.8433 1.1215 1.0212 -0.1797 0.0964  -0.3616 142 HOH AAA O    
883 O O    . HOH B .  ? 1.2597 1.3116 1.3317 -0.2170 0.2218  -0.2409 143 HOH AAA O    
884 O O    . HOH B .  ? 0.9314 1.1743 0.8114 0.0680  0.0011  -0.0194 144 HOH AAA O    
885 O O    . HOH B .  ? 0.9188 1.0444 1.0258 0.2565  -0.0844 0.1851  145 HOH AAA O    
886 O O    . HOH B .  ? 0.7620 1.1948 0.8742 -0.0562 0.1581  -0.1752 146 HOH AAA O    
887 O O    . HOH B .  ? 0.7191 0.7164 0.7155 0.0172  -0.0176 0.0191  147 HOH AAA O    
888 O O    . HOH B .  ? 0.9651 1.1556 0.8673 -0.0885 0.3091  -0.1663 148 HOH AAA O    
889 O O    . HOH B .  ? 0.8207 1.0765 1.1629 -0.0717 -0.1902 0.1524  149 HOH AAA O    
890 O O    . HOH B .  ? 0.9441 0.7236 0.9623 -0.2122 0.2220  0.0459  150 HOH AAA O    
891 O O    . HOH B .  ? 0.8065 0.7806 0.8390 0.0419  0.1474  -0.0483 151 HOH AAA O    
892 O O    . HOH B .  ? 0.7472 0.9639 1.0709 0.0764  -0.1668 0.0039  152 HOH AAA O    
893 O O    . HOH B .  ? 1.1206 1.2520 1.8614 -0.2054 0.0247  0.5065  153 HOH AAA O    
894 O O    . HOH B .  ? 1.1456 1.1591 1.1632 -0.0841 0.0860  -0.0932 154 HOH AAA O    
895 O O    . HOH B .  ? 0.6640 1.2417 1.3083 -0.1537 0.1297  0.1165  155 HOH AAA O    
896 O O    . HOH B .  ? 0.9603 1.1663 0.7424 0.1487  0.0847  -0.1905 156 HOH AAA O    
897 O O    . HOH B .  ? 0.9883 0.8636 1.2341 -0.0664 0.2410  0.0121  157 HOH AAA O    
# 
